data_9ILD
# 
_entry.id   9ILD 
# 
_audit_conform.dict_name       mmcif_pdbx.dic 
_audit_conform.dict_version    5.395 
_audit_conform.dict_location   http://mmcif.pdb.org/dictionaries/ascii/mmcif_pdbx.dic 
# 
loop_
_database_2.database_id 
_database_2.database_code 
_database_2.pdbx_database_accession 
_database_2.pdbx_DOI 
PDB   9ILD         pdb_00009ild 10.2210/pdb9ild/pdb 
WWPDB D_1300049070 ?            ?                   
# 
_pdbx_audit_revision_history.ordinal             1 
_pdbx_audit_revision_history.data_content_type   'Structure model' 
_pdbx_audit_revision_history.major_revision      1 
_pdbx_audit_revision_history.minor_revision      0 
_pdbx_audit_revision_history.revision_date       2024-07-31 
# 
_pdbx_audit_revision_details.ordinal             1 
_pdbx_audit_revision_details.revision_ordinal    1 
_pdbx_audit_revision_details.data_content_type   'Structure model' 
_pdbx_audit_revision_details.provider            repository 
_pdbx_audit_revision_details.type                'Initial release' 
_pdbx_audit_revision_details.description         ? 
_pdbx_audit_revision_details.details             ? 
# 
_pdbx_database_status.status_code                     REL 
_pdbx_database_status.status_code_sf                  REL 
_pdbx_database_status.status_code_mr                  ? 
_pdbx_database_status.entry_id                        9ILD 
_pdbx_database_status.recvd_initial_deposition_date   2024-06-29 
_pdbx_database_status.SG_entry                        N 
_pdbx_database_status.deposit_site                    PDBJ 
_pdbx_database_status.process_site                    PDBC 
_pdbx_database_status.status_code_cs                  ? 
_pdbx_database_status.status_code_nmr_data            ? 
_pdbx_database_status.methods_development_category    ? 
_pdbx_database_status.pdb_format_compatible           Y 
# 
_pdbx_contact_author.id                 2 
_pdbx_contact_author.email              wenfuma@bucm.edu.cn 
_pdbx_contact_author.name_first         Wenfu 
_pdbx_contact_author.name_last          Ma 
_pdbx_contact_author.name_mi            ? 
_pdbx_contact_author.role               'principal investigator/group leader' 
_pdbx_contact_author.identifier_ORCID   0000-0002-1763-8719 
# 
loop_
_audit_author.name 
_audit_author.pdbx_ordinal 
_audit_author.identifier_ORCID 
'Li, F.Q.' 1 ? 
'Ma, W.F.' 2 ? 
# 
_citation.abstract                  ? 
_citation.abstract_id_CAS           ? 
_citation.book_id_ISBN              ? 
_citation.book_publisher            ? 
_citation.book_publisher_city       ? 
_citation.book_title                ? 
_citation.coordinate_linkage        ? 
_citation.country                   ? 
_citation.database_id_Medline       ? 
_citation.details                   ? 
_citation.id                        primary 
_citation.journal_abbrev            'To Be Published' 
_citation.journal_id_ASTM           ? 
_citation.journal_id_CSD            0353 
_citation.journal_id_ISSN           ? 
_citation.journal_full              ? 
_citation.journal_issue             ? 
_citation.journal_volume            ? 
_citation.language                  ? 
_citation.page_first                ? 
_citation.page_last                 ? 
_citation.title                     
;Structural and functional characterization of the bacterial Cap3 enzyme in deconjugation and regulation of the cyclic dinucleotide transferase CD-NTase
;
_citation.year                      ? 
_citation.database_id_CSD           ? 
_citation.pdbx_database_id_DOI      ? 
_citation.pdbx_database_id_PubMed   ? 
_citation.pdbx_database_id_patent   ? 
_citation.unpublished_flag          ? 
# 
loop_
_citation_author.citation_id 
_citation_author.name 
_citation_author.ordinal 
_citation_author.identifier_ORCID 
primary 'Li, F.Q.' 1 0009-0005-3729-1758 
primary 'Ma, W.F.' 2 0000-0002-1763-8719 
# 
loop_
_entity.id 
_entity.type 
_entity.src_method 
_entity.pdbx_description 
_entity.formula_weight 
_entity.pdbx_number_of_molecules 
_entity.pdbx_ec 
_entity.pdbx_mutation 
_entity.pdbx_fragment 
_entity.details 
1 polymer     man Peptidase                 18123.891 1  ? ? ? ? 
2 polymer     man 'Cyclic GMP-AMP synthase' 2896.346  1  ? ? ? ? 
3 non-polymer syn 'ZINC ION'                65.409    1  ? ? ? ? 
4 water       nat water                     18.015    48 ? ? ? ? 
# 
loop_
_entity_name_com.entity_id 
_entity_name_com.name 
1 Cap3     
2 CD-NTase 
# 
loop_
_entity_poly.entity_id 
_entity_poly.type 
_entity_poly.nstd_linkage 
_entity_poly.nstd_monomer 
_entity_poly.pdbx_seq_one_letter_code 
_entity_poly.pdbx_seq_one_letter_code_can 
_entity_poly.pdbx_strand_id 
_entity_poly.pdbx_target_identifier 
1 'polypeptide(L)' no no 
;MNMNELVFIDDFDNHVVIMSEVVMRLNSYRQTHYTSTESGGTLIGERRGQHLVITHISEPGQDDVRNRTGLERKGIHHQQ
KVNDLFQQSNGFIVYLGEWHTHPEDFPHPSFIDIKSWVMGIVATEPMIMLIVGRKDIWIGKKIKNDIKKLKKKMVS
;
;MNMNELVFIDDFDNHVVIMSEVVMRLNSYRQTHYTSTESGGTLIGERRGQHLVITHISEPGQDDVRNRTGLERKGIHHQQ
KVNDLFQQSNGFIVYLGEWHTHPEDFPHPSFIDIKSWVMGIVATEPMIMLIVGRKDIWIGKKIKNDIKKLKKKMVS
;
A ? 
2 'polypeptide(L)' no no IAAAPAFHVSPSREPEPRKINKTMVSG IAAAPAFHVSPSREPEPRKINKTMVSG B ? 
# 
loop_
_pdbx_entity_nonpoly.entity_id 
_pdbx_entity_nonpoly.name 
_pdbx_entity_nonpoly.comp_id 
3 'ZINC ION' ZN  
4 water      HOH 
# 
loop_
_entity_poly_seq.entity_id 
_entity_poly_seq.num 
_entity_poly_seq.mon_id 
_entity_poly_seq.hetero 
1 1   MET n 
1 2   ASN n 
1 3   MET n 
1 4   ASN n 
1 5   GLU n 
1 6   LEU n 
1 7   VAL n 
1 8   PHE n 
1 9   ILE n 
1 10  ASP n 
1 11  ASP n 
1 12  PHE n 
1 13  ASP n 
1 14  ASN n 
1 15  HIS n 
1 16  VAL n 
1 17  VAL n 
1 18  ILE n 
1 19  MET n 
1 20  SER n 
1 21  GLU n 
1 22  VAL n 
1 23  VAL n 
1 24  MET n 
1 25  ARG n 
1 26  LEU n 
1 27  ASN n 
1 28  SER n 
1 29  TYR n 
1 30  ARG n 
1 31  GLN n 
1 32  THR n 
1 33  HIS n 
1 34  TYR n 
1 35  THR n 
1 36  SER n 
1 37  THR n 
1 38  GLU n 
1 39  SER n 
1 40  GLY n 
1 41  GLY n 
1 42  THR n 
1 43  LEU n 
1 44  ILE n 
1 45  GLY n 
1 46  GLU n 
1 47  ARG n 
1 48  ARG n 
1 49  GLY n 
1 50  GLN n 
1 51  HIS n 
1 52  LEU n 
1 53  VAL n 
1 54  ILE n 
1 55  THR n 
1 56  HIS n 
1 57  ILE n 
1 58  SER n 
1 59  GLU n 
1 60  PRO n 
1 61  GLY n 
1 62  GLN n 
1 63  ASP n 
1 64  ASP n 
1 65  VAL n 
1 66  ARG n 
1 67  ASN n 
1 68  ARG n 
1 69  THR n 
1 70  GLY n 
1 71  LEU n 
1 72  GLU n 
1 73  ARG n 
1 74  LYS n 
1 75  GLY n 
1 76  ILE n 
1 77  HIS n 
1 78  HIS n 
1 79  GLN n 
1 80  GLN n 
1 81  LYS n 
1 82  VAL n 
1 83  ASN n 
1 84  ASP n 
1 85  LEU n 
1 86  PHE n 
1 87  GLN n 
1 88  GLN n 
1 89  SER n 
1 90  ASN n 
1 91  GLY n 
1 92  PHE n 
1 93  ILE n 
1 94  VAL n 
1 95  TYR n 
1 96  LEU n 
1 97  GLY n 
1 98  GLU n 
1 99  TRP n 
1 100 HIS n 
1 101 THR n 
1 102 HIS n 
1 103 PRO n 
1 104 GLU n 
1 105 ASP n 
1 106 PHE n 
1 107 PRO n 
1 108 HIS n 
1 109 PRO n 
1 110 SER n 
1 111 PHE n 
1 112 ILE n 
1 113 ASP n 
1 114 ILE n 
1 115 LYS n 
1 116 SER n 
1 117 TRP n 
1 118 VAL n 
1 119 MET n 
1 120 GLY n 
1 121 ILE n 
1 122 VAL n 
1 123 ALA n 
1 124 THR n 
1 125 GLU n 
1 126 PRO n 
1 127 MET n 
1 128 ILE n 
1 129 MET n 
1 130 LEU n 
1 131 ILE n 
1 132 VAL n 
1 133 GLY n 
1 134 ARG n 
1 135 LYS n 
1 136 ASP n 
1 137 ILE n 
1 138 TRP n 
1 139 ILE n 
1 140 GLY n 
1 141 LYS n 
1 142 LYS n 
1 143 ILE n 
1 144 LYS n 
1 145 ASN n 
1 146 ASP n 
1 147 ILE n 
1 148 LYS n 
1 149 LYS n 
1 150 LEU n 
1 151 LYS n 
1 152 LYS n 
1 153 LYS n 
1 154 MET n 
1 155 VAL n 
1 156 SER n 
2 1   ILE n 
2 2   ALA n 
2 3   ALA n 
2 4   ALA n 
2 5   PRO n 
2 6   ALA n 
2 7   PHE n 
2 8   HIS n 
2 9   VAL n 
2 10  SER n 
2 11  PRO n 
2 12  SER n 
2 13  ARG n 
2 14  GLU n 
2 15  PRO n 
2 16  GLU n 
2 17  PRO n 
2 18  ARG n 
2 19  LYS n 
2 20  ILE n 
2 21  ASN n 
2 22  LYS n 
2 23  THR n 
2 24  MET n 
2 25  VAL n 
2 26  SER n 
2 27  GLY n 
# 
loop_
_entity_src_gen.entity_id 
_entity_src_gen.pdbx_src_id 
_entity_src_gen.pdbx_alt_source_flag 
_entity_src_gen.pdbx_seq_type 
_entity_src_gen.pdbx_beg_seq_num 
_entity_src_gen.pdbx_end_seq_num 
_entity_src_gen.gene_src_common_name 
_entity_src_gen.gene_src_genus 
_entity_src_gen.pdbx_gene_src_gene 
_entity_src_gen.gene_src_species 
_entity_src_gen.gene_src_strain 
_entity_src_gen.gene_src_tissue 
_entity_src_gen.gene_src_tissue_fraction 
_entity_src_gen.gene_src_details 
_entity_src_gen.pdbx_gene_src_fragment 
_entity_src_gen.pdbx_gene_src_scientific_name 
_entity_src_gen.pdbx_gene_src_ncbi_taxonomy_id 
_entity_src_gen.pdbx_gene_src_variant 
_entity_src_gen.pdbx_gene_src_cell_line 
_entity_src_gen.pdbx_gene_src_atcc 
_entity_src_gen.pdbx_gene_src_organ 
_entity_src_gen.pdbx_gene_src_organelle 
_entity_src_gen.pdbx_gene_src_cell 
_entity_src_gen.pdbx_gene_src_cellular_location 
_entity_src_gen.host_org_common_name 
_entity_src_gen.pdbx_host_org_scientific_name 
_entity_src_gen.pdbx_host_org_ncbi_taxonomy_id 
_entity_src_gen.host_org_genus 
_entity_src_gen.pdbx_host_org_gene 
_entity_src_gen.pdbx_host_org_organ 
_entity_src_gen.host_org_species 
_entity_src_gen.pdbx_host_org_tissue 
_entity_src_gen.pdbx_host_org_tissue_fraction 
_entity_src_gen.pdbx_host_org_strain 
_entity_src_gen.pdbx_host_org_variant 
_entity_src_gen.pdbx_host_org_cell_line 
_entity_src_gen.pdbx_host_org_atcc 
_entity_src_gen.pdbx_host_org_culture_collection 
_entity_src_gen.pdbx_host_org_cell 
_entity_src_gen.pdbx_host_org_organelle 
_entity_src_gen.pdbx_host_org_cellular_location 
_entity_src_gen.pdbx_host_org_vector_type 
_entity_src_gen.pdbx_host_org_vector 
_entity_src_gen.host_org_details 
_entity_src_gen.expression_system_id 
_entity_src_gen.plasmid_name 
_entity_src_gen.plasmid_details 
_entity_src_gen.pdbx_description 
1 1 sample 'Biological sequence' 1 156 ? ? GOP25_26465    ? ? ? ? ? ? 'Escherichia coli' 562 ? ? ? ? ? ? ? ? 'Escherichia coli' 
562 ? ? ? ? ? ? ? ? ? ? ? ? ? ? ? ? ? ? ? ? ? 
2 1 sample 'Biological sequence' 1 27  ? ? ETECE562_01214 ? ? ? ? ? ? 'Escherichia coli' 562 ? ? ? ? ? ? ? ? 'Escherichia coli' 
562 ? ? ? ? ? ? ? ? ? ? ? ? ? ? ? ? ? ? ? ? ? 
# 
loop_
_chem_comp.id 
_chem_comp.type 
_chem_comp.mon_nstd_flag 
_chem_comp.name 
_chem_comp.pdbx_synonyms 
_chem_comp.formula 
_chem_comp.formula_weight 
ALA 'L-peptide linking' y ALANINE         ? 'C3 H7 N O2'     89.093  
ARG 'L-peptide linking' y ARGININE        ? 'C6 H15 N4 O2 1' 175.209 
ASN 'L-peptide linking' y ASPARAGINE      ? 'C4 H8 N2 O3'    132.118 
ASP 'L-peptide linking' y 'ASPARTIC ACID' ? 'C4 H7 N O4'     133.103 
GLN 'L-peptide linking' y GLUTAMINE       ? 'C5 H10 N2 O3'   146.144 
GLU 'L-peptide linking' y 'GLUTAMIC ACID' ? 'C5 H9 N O4'     147.129 
GLY 'peptide linking'   y GLYCINE         ? 'C2 H5 N O2'     75.067  
HIS 'L-peptide linking' y HISTIDINE       ? 'C6 H10 N3 O2 1' 156.162 
HOH non-polymer         . WATER           ? 'H2 O'           18.015  
ILE 'L-peptide linking' y ISOLEUCINE      ? 'C6 H13 N O2'    131.173 
LEU 'L-peptide linking' y LEUCINE         ? 'C6 H13 N O2'    131.173 
LYS 'L-peptide linking' y LYSINE          ? 'C6 H15 N2 O2 1' 147.195 
MET 'L-peptide linking' y METHIONINE      ? 'C5 H11 N O2 S'  149.211 
PHE 'L-peptide linking' y PHENYLALANINE   ? 'C9 H11 N O2'    165.189 
PRO 'L-peptide linking' y PROLINE         ? 'C5 H9 N O2'     115.130 
SER 'L-peptide linking' y SERINE          ? 'C3 H7 N O3'     105.093 
THR 'L-peptide linking' y THREONINE       ? 'C4 H9 N O3'     119.119 
TRP 'L-peptide linking' y TRYPTOPHAN      ? 'C11 H12 N2 O2'  204.225 
TYR 'L-peptide linking' y TYROSINE        ? 'C9 H11 N O3'    181.189 
VAL 'L-peptide linking' y VALINE          ? 'C5 H11 N O2'    117.146 
ZN  non-polymer         . 'ZINC ION'      ? 'Zn 2'           65.409  
# 
loop_
_pdbx_poly_seq_scheme.asym_id 
_pdbx_poly_seq_scheme.entity_id 
_pdbx_poly_seq_scheme.seq_id 
_pdbx_poly_seq_scheme.mon_id 
_pdbx_poly_seq_scheme.ndb_seq_num 
_pdbx_poly_seq_scheme.pdb_seq_num 
_pdbx_poly_seq_scheme.auth_seq_num 
_pdbx_poly_seq_scheme.pdb_mon_id 
_pdbx_poly_seq_scheme.auth_mon_id 
_pdbx_poly_seq_scheme.pdb_strand_id 
_pdbx_poly_seq_scheme.pdb_ins_code 
_pdbx_poly_seq_scheme.hetero 
A 1 1   MET 1   1   ?   ?   ?   A . n 
A 1 2   ASN 2   2   ?   ?   ?   A . n 
A 1 3   MET 3   3   3   MET MET A . n 
A 1 4   ASN 4   4   4   ASN ASN A . n 
A 1 5   GLU 5   5   5   GLU GLU A . n 
A 1 6   LEU 6   6   6   LEU LEU A . n 
A 1 7   VAL 7   7   7   VAL VAL A . n 
A 1 8   PHE 8   8   8   PHE PHE A . n 
A 1 9   ILE 9   9   9   ILE ILE A . n 
A 1 10  ASP 10  10  10  ASP ASP A . n 
A 1 11  ASP 11  11  11  ASP ASP A . n 
A 1 12  PHE 12  12  12  PHE PHE A . n 
A 1 13  ASP 13  13  13  ASP ASP A . n 
A 1 14  ASN 14  14  14  ASN ASN A . n 
A 1 15  HIS 15  15  15  HIS HIS A . n 
A 1 16  VAL 16  16  16  VAL VAL A . n 
A 1 17  VAL 17  17  17  VAL VAL A . n 
A 1 18  ILE 18  18  18  ILE ILE A . n 
A 1 19  MET 19  19  19  MET MET A . n 
A 1 20  SER 20  20  20  SER SER A . n 
A 1 21  GLU 21  21  21  GLU GLU A . n 
A 1 22  VAL 22  22  22  VAL VAL A . n 
A 1 23  VAL 23  23  23  VAL VAL A . n 
A 1 24  MET 24  24  24  MET MET A . n 
A 1 25  ARG 25  25  25  ARG ARG A . n 
A 1 26  LEU 26  26  26  LEU LEU A . n 
A 1 27  ASN 27  27  27  ASN ASN A . n 
A 1 28  SER 28  28  28  SER SER A . n 
A 1 29  TYR 29  29  29  TYR TYR A . n 
A 1 30  ARG 30  30  30  ARG ARG A . n 
A 1 31  GLN 31  31  31  GLN GLN A . n 
A 1 32  THR 32  32  32  THR THR A . n 
A 1 33  HIS 33  33  33  HIS HIS A . n 
A 1 34  TYR 34  34  34  TYR TYR A . n 
A 1 35  THR 35  35  35  THR THR A . n 
A 1 36  SER 36  36  36  SER SER A . n 
A 1 37  THR 37  37  37  THR THR A . n 
A 1 38  GLU 38  38  38  GLU GLU A . n 
A 1 39  SER 39  39  39  SER SER A . n 
A 1 40  GLY 40  40  40  GLY GLY A . n 
A 1 41  GLY 41  41  41  GLY GLY A . n 
A 1 42  THR 42  42  42  THR THR A . n 
A 1 43  LEU 43  43  43  LEU LEU A . n 
A 1 44  ILE 44  44  44  ILE ILE A . n 
A 1 45  GLY 45  45  45  GLY GLY A . n 
A 1 46  GLU 46  46  46  GLU GLU A . n 
A 1 47  ARG 47  47  47  ARG ARG A . n 
A 1 48  ARG 48  48  48  ARG ARG A . n 
A 1 49  GLY 49  49  49  GLY GLY A . n 
A 1 50  GLN 50  50  50  GLN GLN A . n 
A 1 51  HIS 51  51  51  HIS HIS A . n 
A 1 52  LEU 52  52  52  LEU LEU A . n 
A 1 53  VAL 53  53  53  VAL VAL A . n 
A 1 54  ILE 54  54  54  ILE ILE A . n 
A 1 55  THR 55  55  55  THR THR A . n 
A 1 56  HIS 56  56  56  HIS HIS A . n 
A 1 57  ILE 57  57  57  ILE ILE A . n 
A 1 58  SER 58  58  58  SER SER A . n 
A 1 59  GLU 59  59  59  GLU GLU A . n 
A 1 60  PRO 60  60  60  PRO PRO A . n 
A 1 61  GLY 61  61  61  GLY GLY A . n 
A 1 62  GLN 62  62  62  GLN GLN A . n 
A 1 63  ASP 63  63  63  ASP ASP A . n 
A 1 64  ASP 64  64  64  ASP ASP A . n 
A 1 65  VAL 65  65  65  VAL VAL A . n 
A 1 66  ARG 66  66  66  ARG ARG A . n 
A 1 67  ASN 67  67  67  ASN ASN A . n 
A 1 68  ARG 68  68  68  ARG ARG A . n 
A 1 69  THR 69  69  69  THR THR A . n 
A 1 70  GLY 70  70  70  GLY GLY A . n 
A 1 71  LEU 71  71  71  LEU LEU A . n 
A 1 72  GLU 72  72  72  GLU GLU A . n 
A 1 73  ARG 73  73  73  ARG ARG A . n 
A 1 74  LYS 74  74  74  LYS LYS A . n 
A 1 75  GLY 75  75  75  GLY GLY A . n 
A 1 76  ILE 76  76  76  ILE ILE A . n 
A 1 77  HIS 77  77  77  HIS HIS A . n 
A 1 78  HIS 78  78  78  HIS HIS A . n 
A 1 79  GLN 79  79  79  GLN GLN A . n 
A 1 80  GLN 80  80  80  GLN GLN A . n 
A 1 81  LYS 81  81  81  LYS LYS A . n 
A 1 82  VAL 82  82  82  VAL VAL A . n 
A 1 83  ASN 83  83  83  ASN ASN A . n 
A 1 84  ASP 84  84  84  ASP ASP A . n 
A 1 85  LEU 85  85  85  LEU LEU A . n 
A 1 86  PHE 86  86  86  PHE PHE A . n 
A 1 87  GLN 87  87  87  GLN GLN A . n 
A 1 88  GLN 88  88  88  GLN GLN A . n 
A 1 89  SER 89  89  89  SER SER A . n 
A 1 90  ASN 90  90  90  ASN ASN A . n 
A 1 91  GLY 91  91  91  GLY GLY A . n 
A 1 92  PHE 92  92  92  PHE PHE A . n 
A 1 93  ILE 93  93  93  ILE ILE A . n 
A 1 94  VAL 94  94  94  VAL VAL A . n 
A 1 95  TYR 95  95  95  TYR TYR A . n 
A 1 96  LEU 96  96  96  LEU LEU A . n 
A 1 97  GLY 97  97  97  GLY GLY A . n 
A 1 98  GLU 98  98  98  GLU GLU A . n 
A 1 99  TRP 99  99  99  TRP TRP A . n 
A 1 100 HIS 100 100 100 HIS HIS A . n 
A 1 101 THR 101 101 101 THR THR A . n 
A 1 102 HIS 102 102 102 HIS HIS A . n 
A 1 103 PRO 103 103 103 PRO PRO A . n 
A 1 104 GLU 104 104 104 GLU GLU A . n 
A 1 105 ASP 105 105 105 ASP ASP A . n 
A 1 106 PHE 106 106 106 PHE PHE A . n 
A 1 107 PRO 107 107 107 PRO PRO A . n 
A 1 108 HIS 108 108 108 HIS HIS A . n 
A 1 109 PRO 109 109 109 PRO PRO A . n 
A 1 110 SER 110 110 110 SER SER A . n 
A 1 111 PHE 111 111 111 PHE PHE A . n 
A 1 112 ILE 112 112 112 ILE ILE A . n 
A 1 113 ASP 113 113 113 ASP ASP A . n 
A 1 114 ILE 114 114 114 ILE ILE A . n 
A 1 115 LYS 115 115 115 LYS LYS A . n 
A 1 116 SER 116 116 116 SER SER A . n 
A 1 117 TRP 117 117 117 TRP TRP A . n 
A 1 118 VAL 118 118 118 VAL VAL A . n 
A 1 119 MET 119 119 119 MET MET A . n 
A 1 120 GLY 120 120 120 GLY GLY A . n 
A 1 121 ILE 121 121 121 ILE ILE A . n 
A 1 122 VAL 122 122 122 VAL VAL A . n 
A 1 123 ALA 123 123 123 ALA ALA A . n 
A 1 124 THR 124 124 124 THR THR A . n 
A 1 125 GLU 125 125 125 GLU GLU A . n 
A 1 126 PRO 126 126 126 PRO PRO A . n 
A 1 127 MET 127 127 127 MET MET A . n 
A 1 128 ILE 128 128 128 ILE ILE A . n 
A 1 129 MET 129 129 129 MET MET A . n 
A 1 130 LEU 130 130 130 LEU LEU A . n 
A 1 131 ILE 131 131 131 ILE ILE A . n 
A 1 132 VAL 132 132 132 VAL VAL A . n 
A 1 133 GLY 133 133 133 GLY GLY A . n 
A 1 134 ARG 134 134 134 ARG ARG A . n 
A 1 135 LYS 135 135 135 LYS LYS A . n 
A 1 136 ASP 136 136 136 ASP ASP A . n 
A 1 137 ILE 137 137 137 ILE ILE A . n 
A 1 138 TRP 138 138 138 TRP TRP A . n 
A 1 139 ILE 139 139 139 ILE ILE A . n 
A 1 140 GLY 140 140 140 GLY GLY A . n 
A 1 141 LYS 141 141 141 LYS LYS A . n 
A 1 142 LYS 142 142 142 LYS LYS A . n 
A 1 143 ILE 143 143 143 ILE ILE A . n 
A 1 144 LYS 144 144 144 LYS LYS A . n 
A 1 145 ASN 145 145 145 ASN ASN A . n 
A 1 146 ASP 146 146 146 ASP ASP A . n 
A 1 147 ILE 147 147 147 ILE ILE A . n 
A 1 148 LYS 148 148 148 LYS LYS A . n 
A 1 149 LYS 149 149 149 LYS LYS A . n 
A 1 150 LEU 150 150 150 LEU LEU A . n 
A 1 151 LYS 151 151 151 LYS LYS A . n 
A 1 152 LYS 152 152 152 LYS LYS A . n 
A 1 153 LYS 153 153 153 LYS LYS A . n 
A 1 154 MET 154 154 154 MET ALA A . n 
A 1 155 VAL 155 155 ?   ?   ?   A . n 
A 1 156 SER 156 156 ?   ?   ?   A . n 
B 2 1   ILE 1   9   9   ILE ALA B . n 
B 2 2   ALA 2   10  10  ALA ALA B . n 
B 2 3   ALA 3   11  11  ALA ALA B . n 
B 2 4   ALA 4   12  12  ALA ALA B . n 
B 2 5   PRO 5   13  13  PRO PRO B . n 
B 2 6   ALA 6   14  14  ALA ALA B . n 
B 2 7   PHE 7   15  15  PHE PHE B . n 
B 2 8   HIS 8   16  16  HIS HIS B . n 
B 2 9   VAL 9   17  17  VAL VAL B . n 
B 2 10  SER 10  18  18  SER SER B . n 
B 2 11  PRO 11  19  19  PRO PRO B . n 
B 2 12  SER 12  20  20  SER SER B . n 
B 2 13  ARG 13  21  21  ARG ARG B . n 
B 2 14  GLU 14  22  22  GLU GLU B . n 
B 2 15  PRO 15  23  23  PRO PRO B . n 
B 2 16  GLU 16  24  24  GLU GLU B . n 
B 2 17  PRO 17  25  25  PRO PRO B . n 
B 2 18  ARG 18  26  26  ARG ARG B . n 
B 2 19  LYS 19  27  27  LYS LYS B . n 
B 2 20  ILE 20  28  28  ILE ILE B . n 
B 2 21  ASN 21  29  29  ASN ASN B . n 
B 2 22  LYS 22  30  30  LYS LYS B . n 
B 2 23  THR 23  31  31  THR ALA B . n 
B 2 24  MET 24  32  32  MET MET B . n 
B 2 25  VAL 25  33  33  VAL VAL B . n 
B 2 26  SER 26  34  34  SER SER B . n 
B 2 27  GLY 27  35  ?   ?   ?   B . n 
# 
loop_
_pdbx_nonpoly_scheme.asym_id 
_pdbx_nonpoly_scheme.entity_id 
_pdbx_nonpoly_scheme.mon_id 
_pdbx_nonpoly_scheme.ndb_seq_num 
_pdbx_nonpoly_scheme.pdb_seq_num 
_pdbx_nonpoly_scheme.auth_seq_num 
_pdbx_nonpoly_scheme.pdb_mon_id 
_pdbx_nonpoly_scheme.auth_mon_id 
_pdbx_nonpoly_scheme.pdb_strand_id 
_pdbx_nonpoly_scheme.pdb_ins_code 
C 3 ZN  1  201 1  ZN  ZN  A . 
D 4 HOH 1  301 12 HOH HOH A . 
D 4 HOH 2  302 23 HOH HOH A . 
D 4 HOH 3  303 6  HOH HOH A . 
D 4 HOH 4  304 18 HOH HOH A . 
D 4 HOH 5  305 5  HOH HOH A . 
D 4 HOH 6  306 2  HOH HOH A . 
D 4 HOH 7  307 33 HOH HOH A . 
D 4 HOH 8  308 36 HOH HOH A . 
D 4 HOH 9  309 13 HOH HOH A . 
D 4 HOH 10 310 29 HOH HOH A . 
D 4 HOH 11 311 14 HOH HOH A . 
D 4 HOH 12 312 9  HOH HOH A . 
D 4 HOH 13 313 31 HOH HOH A . 
D 4 HOH 14 314 25 HOH HOH A . 
D 4 HOH 15 315 7  HOH HOH A . 
D 4 HOH 16 316 22 HOH HOH A . 
D 4 HOH 17 317 21 HOH HOH A . 
D 4 HOH 18 318 35 HOH HOH A . 
D 4 HOH 19 319 4  HOH HOH A . 
D 4 HOH 20 320 20 HOH HOH A . 
D 4 HOH 21 321 19 HOH HOH A . 
D 4 HOH 22 322 42 HOH HOH A . 
D 4 HOH 23 323 32 HOH HOH A . 
D 4 HOH 24 324 37 HOH HOH A . 
D 4 HOH 25 325 30 HOH HOH A . 
D 4 HOH 26 326 51 HOH HOH A . 
D 4 HOH 27 327 11 HOH HOH A . 
D 4 HOH 28 328 44 HOH HOH A . 
D 4 HOH 29 329 39 HOH HOH A . 
D 4 HOH 30 330 3  HOH HOH A . 
D 4 HOH 31 331 48 HOH HOH A . 
D 4 HOH 32 332 38 HOH HOH A . 
D 4 HOH 33 333 26 HOH HOH A . 
D 4 HOH 34 334 40 HOH HOH A . 
D 4 HOH 35 335 43 HOH HOH A . 
E 4 HOH 1  101 16 HOH HOH B . 
E 4 HOH 2  102 24 HOH HOH B . 
E 4 HOH 3  103 28 HOH HOH B . 
E 4 HOH 4  104 8  HOH HOH B . 
E 4 HOH 5  105 45 HOH HOH B . 
E 4 HOH 6  106 34 HOH HOH B . 
E 4 HOH 7  107 50 HOH HOH B . 
E 4 HOH 8  108 1  HOH HOH B . 
E 4 HOH 9  109 49 HOH HOH B . 
E 4 HOH 10 110 17 HOH HOH B . 
E 4 HOH 11 111 10 HOH HOH B . 
E 4 HOH 12 112 15 HOH HOH B . 
E 4 HOH 13 113 46 HOH HOH B . 
# 
loop_
_pdbx_unobs_or_zero_occ_atoms.id 
_pdbx_unobs_or_zero_occ_atoms.PDB_model_num 
_pdbx_unobs_or_zero_occ_atoms.polymer_flag 
_pdbx_unobs_or_zero_occ_atoms.occupancy_flag 
_pdbx_unobs_or_zero_occ_atoms.auth_asym_id 
_pdbx_unobs_or_zero_occ_atoms.auth_comp_id 
_pdbx_unobs_or_zero_occ_atoms.auth_seq_id 
_pdbx_unobs_or_zero_occ_atoms.PDB_ins_code 
_pdbx_unobs_or_zero_occ_atoms.auth_atom_id 
_pdbx_unobs_or_zero_occ_atoms.label_alt_id 
_pdbx_unobs_or_zero_occ_atoms.label_asym_id 
_pdbx_unobs_or_zero_occ_atoms.label_comp_id 
_pdbx_unobs_or_zero_occ_atoms.label_seq_id 
_pdbx_unobs_or_zero_occ_atoms.label_atom_id 
1 1 Y 1 A MET 154 ? CG  ? A MET 154 CG  
2 1 Y 1 A MET 154 ? SD  ? A MET 154 SD  
3 1 Y 1 A MET 154 ? CE  ? A MET 154 CE  
4 1 Y 1 B ILE 9   ? CG1 ? B ILE 1   CG1 
5 1 Y 1 B ILE 9   ? CG2 ? B ILE 1   CG2 
6 1 Y 1 B ILE 9   ? CD1 ? B ILE 1   CD1 
7 1 Y 1 B THR 31  ? OG1 ? B THR 23  OG1 
8 1 Y 1 B THR 31  ? CG2 ? B THR 23  CG2 
# 
loop_
_software.citation_id 
_software.classification 
_software.compiler_name 
_software.compiler_version 
_software.contact_author 
_software.contact_author_email 
_software.date 
_software.description 
_software.dependencies 
_software.hardware 
_software.language 
_software.location 
_software.mods 
_software.name 
_software.os 
_software.os_version 
_software.type 
_software.version 
_software.pdbx_ordinal 
? refinement       ? ? ? ? ? ? ? ? ? ? ? PHENIX ? ? ? '(1.16_3549: ???)' 1 
? 'data reduction' ? ? ? ? ? ? ? ? ? ? ? xia2   ? ? ? .                  2 
? 'data scaling'   ? ? ? ? ? ? ? ? ? ? ? xia2   ? ? ? .                  3 
? phasing          ? ? ? ? ? ? ? ? ? ? ? PHASER ? ? ? .                  4 
# 
_cell.angle_alpha                  90.00 
_cell.angle_alpha_esd              ? 
_cell.angle_beta                   90.00 
_cell.angle_beta_esd               ? 
_cell.angle_gamma                  90.00 
_cell.angle_gamma_esd              ? 
_cell.entry_id                     9ILD 
_cell.details                      ? 
_cell.formula_units_Z              ? 
_cell.length_a                     52.051 
_cell.length_a_esd                 ? 
_cell.length_b                     54.843 
_cell.length_b_esd                 ? 
_cell.length_c                     59.606 
_cell.length_c_esd                 ? 
_cell.volume                       ? 
_cell.volume_esd                   ? 
_cell.Z_PDB                        4 
_cell.reciprocal_angle_alpha       ? 
_cell.reciprocal_angle_beta        ? 
_cell.reciprocal_angle_gamma       ? 
_cell.reciprocal_angle_alpha_esd   ? 
_cell.reciprocal_angle_beta_esd    ? 
_cell.reciprocal_angle_gamma_esd   ? 
_cell.reciprocal_length_a          ? 
_cell.reciprocal_length_b          ? 
_cell.reciprocal_length_c          ? 
_cell.reciprocal_length_a_esd      ? 
_cell.reciprocal_length_b_esd      ? 
_cell.reciprocal_length_c_esd      ? 
_cell.pdbx_unique_axis             ? 
_cell.pdbx_esd_method              ? 
# 
_symmetry.entry_id                         9ILD 
_symmetry.cell_setting                     ? 
_symmetry.Int_Tables_number                19 
_symmetry.space_group_name_Hall            ? 
_symmetry.space_group_name_H-M             'P 21 21 21' 
_symmetry.pdbx_full_space_group_name_H-M   ? 
# 
_exptl.absorpt_coefficient_mu     ? 
_exptl.absorpt_correction_T_max   ? 
_exptl.absorpt_correction_T_min   ? 
_exptl.absorpt_correction_type    ? 
_exptl.absorpt_process_details    ? 
_exptl.entry_id                   9ILD 
_exptl.crystals_number            1 
_exptl.details                    ? 
_exptl.method                     'X-RAY DIFFRACTION' 
_exptl.method_details             ? 
# 
_exptl_crystal.colour                       ? 
_exptl_crystal.density_diffrn               ? 
_exptl_crystal.density_Matthews             2.02 
_exptl_crystal.density_method               ? 
_exptl_crystal.density_percent_sol          39.22 
_exptl_crystal.description                  ? 
_exptl_crystal.F_000                        ? 
_exptl_crystal.id                           1 
_exptl_crystal.preparation                  ? 
_exptl_crystal.size_max                     ? 
_exptl_crystal.size_mid                     ? 
_exptl_crystal.size_min                     ? 
_exptl_crystal.size_rad                     ? 
_exptl_crystal.colour_lustre                ? 
_exptl_crystal.colour_modifier              ? 
_exptl_crystal.colour_primary               ? 
_exptl_crystal.density_meas                 ? 
_exptl_crystal.density_meas_esd             ? 
_exptl_crystal.density_meas_gt              ? 
_exptl_crystal.density_meas_lt              ? 
_exptl_crystal.density_meas_temp            ? 
_exptl_crystal.density_meas_temp_esd        ? 
_exptl_crystal.density_meas_temp_gt         ? 
_exptl_crystal.density_meas_temp_lt         ? 
_exptl_crystal.pdbx_crystal_image_url       ? 
_exptl_crystal.pdbx_crystal_image_format    ? 
_exptl_crystal.pdbx_mosaicity               ? 
_exptl_crystal.pdbx_mosaicity_esd           ? 
_exptl_crystal.pdbx_mosaic_method           ? 
_exptl_crystal.pdbx_mosaic_block_size       ? 
_exptl_crystal.pdbx_mosaic_block_size_esd   ? 
# 
_exptl_crystal_grow.apparatus       ? 
_exptl_crystal_grow.atmosphere      ? 
_exptl_crystal_grow.crystal_id      1 
_exptl_crystal_grow.details         ? 
_exptl_crystal_grow.method          'VAPOR DIFFUSION, SITTING DROP' 
_exptl_crystal_grow.method_ref      ? 
_exptl_crystal_grow.pH              ? 
_exptl_crystal_grow.pressure        ? 
_exptl_crystal_grow.pressure_esd    ? 
_exptl_crystal_grow.seeding         ? 
_exptl_crystal_grow.seeding_ref     ? 
_exptl_crystal_grow.temp_details    ? 
_exptl_crystal_grow.temp_esd        ? 
_exptl_crystal_grow.time            ? 
_exptl_crystal_grow.pdbx_details    '0.2 M NH4Ac, 0.1 M NaAc (pH 4.6) and 30% PEG 4000' 
_exptl_crystal_grow.pdbx_pH_range   ? 
_exptl_crystal_grow.temp            289 
# 
_diffrn.ambient_environment              ? 
_diffrn.ambient_temp                     100 
_diffrn.ambient_temp_details             ? 
_diffrn.ambient_temp_esd                 ? 
_diffrn.crystal_id                       1 
_diffrn.crystal_support                  ? 
_diffrn.crystal_treatment                ? 
_diffrn.details                          ? 
_diffrn.id                               1 
_diffrn.ambient_pressure                 ? 
_diffrn.ambient_pressure_esd             ? 
_diffrn.ambient_pressure_gt              ? 
_diffrn.ambient_pressure_lt              ? 
_diffrn.ambient_temp_gt                  ? 
_diffrn.ambient_temp_lt                  ? 
_diffrn.pdbx_serial_crystal_experiment   N 
# 
_diffrn_detector.details                      ? 
_diffrn_detector.detector                     PIXEL 
_diffrn_detector.diffrn_id                    1 
_diffrn_detector.type                         'DECTRIS PILATUS3 6M' 
_diffrn_detector.area_resol_mean              ? 
_diffrn_detector.dtime                        ? 
_diffrn_detector.pdbx_frames_total            ? 
_diffrn_detector.pdbx_collection_time_total   ? 
_diffrn_detector.pdbx_collection_date         2023-06-07 
_diffrn_detector.pdbx_frequency               ? 
_diffrn_detector.id                           ? 
_diffrn_detector.number_of_axes               ? 
# 
_diffrn_radiation.collimation                      ? 
_diffrn_radiation.diffrn_id                        1 
_diffrn_radiation.filter_edge                      ? 
_diffrn_radiation.inhomogeneity                    ? 
_diffrn_radiation.monochromator                    ? 
_diffrn_radiation.polarisn_norm                    ? 
_diffrn_radiation.polarisn_ratio                   ? 
_diffrn_radiation.probe                            ? 
_diffrn_radiation.type                             ? 
_diffrn_radiation.xray_symbol                      ? 
_diffrn_radiation.wavelength_id                    1 
_diffrn_radiation.pdbx_monochromatic_or_laue_m_l   M 
_diffrn_radiation.pdbx_wavelength_list             ? 
_diffrn_radiation.pdbx_wavelength                  ? 
_diffrn_radiation.pdbx_diffrn_protocol             'SINGLE WAVELENGTH' 
_diffrn_radiation.pdbx_analyzer                    ? 
_diffrn_radiation.pdbx_scattering_type             x-ray 
# 
_diffrn_radiation_wavelength.id           1 
_diffrn_radiation_wavelength.wavelength   0.987 
_diffrn_radiation_wavelength.wt           1.0 
# 
_diffrn_source.current                     ? 
_diffrn_source.details                     ? 
_diffrn_source.diffrn_id                   1 
_diffrn_source.power                       ? 
_diffrn_source.size                        ? 
_diffrn_source.source                      SYNCHROTRON 
_diffrn_source.target                      ? 
_diffrn_source.type                        'SSRF BEAMLINE BL18U1' 
_diffrn_source.voltage                     ? 
_diffrn_source.take-off_angle              ? 
_diffrn_source.pdbx_wavelength_list        0.987 
_diffrn_source.pdbx_wavelength             ? 
_diffrn_source.pdbx_synchrotron_beamline   BL18U1 
_diffrn_source.pdbx_synchrotron_site       SSRF 
# 
_reflns.B_iso_Wilson_estimate                          ? 
_reflns.entry_id                                       9ILD 
_reflns.data_reduction_details                         ? 
_reflns.data_reduction_method                          ? 
_reflns.d_resolution_high                              2.179 
_reflns.d_resolution_low                               39.206 
_reflns.details                                        ? 
_reflns.limit_h_max                                    ? 
_reflns.limit_h_min                                    ? 
_reflns.limit_k_max                                    ? 
_reflns.limit_k_min                                    ? 
_reflns.limit_l_max                                    ? 
_reflns.limit_l_min                                    ? 
_reflns.number_all                                     ? 
_reflns.number_obs                                     9260 
_reflns.observed_criterion                             ? 
_reflns.observed_criterion_F_max                       ? 
_reflns.observed_criterion_F_min                       ? 
_reflns.observed_criterion_I_max                       ? 
_reflns.observed_criterion_I_min                       ? 
_reflns.observed_criterion_sigma_F                     ? 
_reflns.observed_criterion_sigma_I                     ? 
_reflns.percent_possible_obs                           98.5 
_reflns.R_free_details                                 ? 
_reflns.Rmerge_F_all                                   ? 
_reflns.Rmerge_F_obs                                   ? 
_reflns.Friedel_coverage                               ? 
_reflns.number_gt                                      ? 
_reflns.threshold_expression                           ? 
_reflns.pdbx_redundancy                                13.1 
_reflns.pdbx_netI_over_av_sigmaI                       ? 
_reflns.pdbx_netI_over_sigmaI                          13.1 
_reflns.pdbx_res_netI_over_av_sigmaI_2                 ? 
_reflns.pdbx_res_netI_over_sigmaI_2                    ? 
_reflns.pdbx_chi_squared                               ? 
_reflns.pdbx_scaling_rejects                           ? 
_reflns.pdbx_d_res_high_opt                            ? 
_reflns.pdbx_d_res_low_opt                             ? 
_reflns.pdbx_d_res_opt_method                          ? 
_reflns.phase_calculation_details                      ? 
_reflns.pdbx_Rrim_I_all                                ? 
_reflns.pdbx_Rpim_I_all                                ? 
_reflns.pdbx_d_opt                                     ? 
_reflns.pdbx_number_measured_all                       ? 
_reflns.pdbx_diffrn_id                                 1 
_reflns.pdbx_ordinal                                   1 
_reflns.pdbx_CC_half                                   0.997 
_reflns.pdbx_CC_star                                   ? 
_reflns.pdbx_R_split                                   ? 
_reflns.pdbx_Rmerge_I_obs                              0.117 
_reflns.pdbx_Rmerge_I_all                              ? 
_reflns.pdbx_Rsym_value                                ? 
_reflns.pdbx_CC_split_method                           ? 
_reflns.pdbx_aniso_diffraction_limit_axis_1_ortho[1]   ? 
_reflns.pdbx_aniso_diffraction_limit_axis_1_ortho[2]   ? 
_reflns.pdbx_aniso_diffraction_limit_axis_1_ortho[3]   ? 
_reflns.pdbx_aniso_diffraction_limit_axis_2_ortho[1]   ? 
_reflns.pdbx_aniso_diffraction_limit_axis_2_ortho[2]   ? 
_reflns.pdbx_aniso_diffraction_limit_axis_2_ortho[3]   ? 
_reflns.pdbx_aniso_diffraction_limit_axis_3_ortho[1]   ? 
_reflns.pdbx_aniso_diffraction_limit_axis_3_ortho[2]   ? 
_reflns.pdbx_aniso_diffraction_limit_axis_3_ortho[3]   ? 
_reflns.pdbx_aniso_diffraction_limit_1                 ? 
_reflns.pdbx_aniso_diffraction_limit_2                 ? 
_reflns.pdbx_aniso_diffraction_limit_3                 ? 
_reflns.pdbx_aniso_B_tensor_eigenvector_1_ortho[1]     ? 
_reflns.pdbx_aniso_B_tensor_eigenvector_1_ortho[2]     ? 
_reflns.pdbx_aniso_B_tensor_eigenvector_1_ortho[3]     ? 
_reflns.pdbx_aniso_B_tensor_eigenvector_2_ortho[1]     ? 
_reflns.pdbx_aniso_B_tensor_eigenvector_2_ortho[2]     ? 
_reflns.pdbx_aniso_B_tensor_eigenvector_2_ortho[3]     ? 
_reflns.pdbx_aniso_B_tensor_eigenvector_3_ortho[1]     ? 
_reflns.pdbx_aniso_B_tensor_eigenvector_3_ortho[2]     ? 
_reflns.pdbx_aniso_B_tensor_eigenvector_3_ortho[3]     ? 
_reflns.pdbx_aniso_B_tensor_eigenvalue_1               ? 
_reflns.pdbx_aniso_B_tensor_eigenvalue_2               ? 
_reflns.pdbx_aniso_B_tensor_eigenvalue_3               ? 
_reflns.pdbx_orthogonalization_convention              ? 
_reflns.pdbx_percent_possible_ellipsoidal              ? 
_reflns.pdbx_percent_possible_spherical                ? 
_reflns.pdbx_percent_possible_ellipsoidal_anomalous    ? 
_reflns.pdbx_percent_possible_spherical_anomalous      ? 
_reflns.pdbx_redundancy_anomalous                      ? 
_reflns.pdbx_CC_half_anomalous                         ? 
_reflns.pdbx_absDiff_over_sigma_anomalous              ? 
_reflns.pdbx_percent_possible_anomalous                ? 
_reflns.pdbx_observed_signal_threshold                 ? 
_reflns.pdbx_signal_type                               ? 
_reflns.pdbx_signal_details                            ? 
_reflns.pdbx_signal_software_id                        ? 
# 
_reflns_shell.d_res_high                                    2.179 
_reflns_shell.d_res_low                                     2.3 
_reflns_shell.meanI_over_sigI_all                           ? 
_reflns_shell.meanI_over_sigI_obs                           ? 
_reflns_shell.number_measured_all                           ? 
_reflns_shell.number_measured_obs                           ? 
_reflns_shell.number_possible                               ? 
_reflns_shell.number_unique_all                             ? 
_reflns_shell.number_unique_obs                             1210 
_reflns_shell.percent_possible_obs                          ? 
_reflns_shell.Rmerge_F_all                                  ? 
_reflns_shell.Rmerge_F_obs                                  ? 
_reflns_shell.meanI_over_sigI_gt                            ? 
_reflns_shell.meanI_over_uI_all                             ? 
_reflns_shell.meanI_over_uI_gt                              ? 
_reflns_shell.number_measured_gt                            ? 
_reflns_shell.number_unique_gt                              ? 
_reflns_shell.percent_possible_gt                           ? 
_reflns_shell.Rmerge_F_gt                                   ? 
_reflns_shell.Rmerge_I_gt                                   ? 
_reflns_shell.pdbx_redundancy                               ? 
_reflns_shell.pdbx_chi_squared                              ? 
_reflns_shell.pdbx_netI_over_sigmaI_all                     ? 
_reflns_shell.pdbx_netI_over_sigmaI_obs                     ? 
_reflns_shell.pdbx_Rrim_I_all                               ? 
_reflns_shell.pdbx_Rpim_I_all                               ? 
_reflns_shell.pdbx_rejects                                  ? 
_reflns_shell.pdbx_ordinal                                  1 
_reflns_shell.pdbx_diffrn_id                                1 
_reflns_shell.pdbx_CC_half                                  0.69 
_reflns_shell.pdbx_CC_star                                  ? 
_reflns_shell.pdbx_R_split                                  ? 
_reflns_shell.percent_possible_all                          ? 
_reflns_shell.Rmerge_I_all                                  ? 
_reflns_shell.Rmerge_I_obs                                  0.839 
_reflns_shell.pdbx_Rsym_value                               ? 
_reflns_shell.pdbx_percent_possible_ellipsoidal             ? 
_reflns_shell.pdbx_percent_possible_spherical               ? 
_reflns_shell.pdbx_percent_possible_ellipsoidal_anomalous   ? 
_reflns_shell.pdbx_percent_possible_spherical_anomalous     ? 
_reflns_shell.pdbx_redundancy_anomalous                     ? 
_reflns_shell.pdbx_CC_half_anomalous                        ? 
_reflns_shell.pdbx_absDiff_over_sigma_anomalous             ? 
_reflns_shell.pdbx_percent_possible_anomalous               ? 
# 
_refine.aniso_B[1][1]                            ? 
_refine.aniso_B[1][2]                            ? 
_refine.aniso_B[1][3]                            ? 
_refine.aniso_B[2][2]                            ? 
_refine.aniso_B[2][3]                            ? 
_refine.aniso_B[3][3]                            ? 
_refine.B_iso_max                                ? 
_refine.B_iso_mean                               ? 
_refine.B_iso_min                                ? 
_refine.correlation_coeff_Fo_to_Fc               ? 
_refine.correlation_coeff_Fo_to_Fc_free          ? 
_refine.details                                  ? 
_refine.diff_density_max                         ? 
_refine.diff_density_max_esd                     ? 
_refine.diff_density_min                         ? 
_refine.diff_density_min_esd                     ? 
_refine.diff_density_rms                         ? 
_refine.diff_density_rms_esd                     ? 
_refine.entry_id                                 9ILD 
_refine.pdbx_refine_id                           'X-RAY DIFFRACTION' 
_refine.ls_abs_structure_details                 ? 
_refine.ls_abs_structure_Flack                   ? 
_refine.ls_abs_structure_Flack_esd               ? 
_refine.ls_abs_structure_Rogers                  ? 
_refine.ls_abs_structure_Rogers_esd              ? 
_refine.ls_d_res_high                            2.179 
_refine.ls_d_res_low                             39.206 
_refine.ls_extinction_coef                       ? 
_refine.ls_extinction_coef_esd                   ? 
_refine.ls_extinction_expression                 ? 
_refine.ls_extinction_method                     ? 
_refine.ls_goodness_of_fit_all                   ? 
_refine.ls_goodness_of_fit_all_esd               ? 
_refine.ls_goodness_of_fit_obs                   ? 
_refine.ls_goodness_of_fit_obs_esd               ? 
_refine.ls_hydrogen_treatment                    ? 
_refine.ls_matrix_type                           ? 
_refine.ls_number_constraints                    ? 
_refine.ls_number_parameters                     ? 
_refine.ls_number_reflns_all                     ? 
_refine.ls_number_reflns_obs                     9220 
_refine.ls_number_reflns_R_free                  915 
_refine.ls_number_reflns_R_work                  ? 
_refine.ls_number_restraints                     ? 
_refine.ls_percent_reflns_obs                    98.54 
_refine.ls_percent_reflns_R_free                 9.92 
_refine.ls_R_factor_all                          ? 
_refine.ls_R_factor_obs                          0.2333 
_refine.ls_R_factor_R_free                       0.2826 
_refine.ls_R_factor_R_free_error                 ? 
_refine.ls_R_factor_R_free_error_details         ? 
_refine.ls_R_factor_R_work                       0.2282 
_refine.ls_R_Fsqd_factor_obs                     ? 
_refine.ls_R_I_factor_obs                        ? 
_refine.ls_redundancy_reflns_all                 ? 
_refine.ls_redundancy_reflns_obs                 ? 
_refine.ls_restrained_S_all                      ? 
_refine.ls_restrained_S_obs                      ? 
_refine.ls_shift_over_esd_max                    ? 
_refine.ls_shift_over_esd_mean                   ? 
_refine.ls_structure_factor_coef                 ? 
_refine.ls_weighting_details                     ? 
_refine.ls_weighting_scheme                      ? 
_refine.ls_wR_factor_all                         ? 
_refine.ls_wR_factor_obs                         ? 
_refine.ls_wR_factor_R_free                      ? 
_refine.ls_wR_factor_R_work                      ? 
_refine.occupancy_max                            ? 
_refine.occupancy_min                            ? 
_refine.solvent_model_details                    'FLAT BULK SOLVENT MODEL' 
_refine.solvent_model_param_bsol                 ? 
_refine.solvent_model_param_ksol                 ? 
_refine.pdbx_R_complete                          ? 
_refine.ls_R_factor_gt                           ? 
_refine.ls_goodness_of_fit_gt                    ? 
_refine.ls_goodness_of_fit_ref                   ? 
_refine.ls_shift_over_su_max                     ? 
_refine.ls_shift_over_su_max_lt                  ? 
_refine.ls_shift_over_su_mean                    ? 
_refine.ls_shift_over_su_mean_lt                 ? 
_refine.pdbx_ls_sigma_I                          ? 
_refine.pdbx_ls_sigma_F                          1.35 
_refine.pdbx_ls_sigma_Fsqd                       ? 
_refine.pdbx_data_cutoff_high_absF               ? 
_refine.pdbx_data_cutoff_high_rms_absF           ? 
_refine.pdbx_data_cutoff_low_absF                ? 
_refine.pdbx_isotropic_thermal_model             ? 
_refine.pdbx_ls_cross_valid_method               'FREE R-VALUE' 
_refine.pdbx_method_to_determine_struct          'MOLECULAR REPLACEMENT' 
_refine.pdbx_starting_model                      ? 
_refine.pdbx_stereochemistry_target_values       ML 
_refine.pdbx_R_Free_selection_details            ? 
_refine.pdbx_stereochem_target_val_spec_case     ? 
_refine.pdbx_overall_ESU_R                       ? 
_refine.pdbx_overall_ESU_R_Free                  ? 
_refine.pdbx_solvent_vdw_probe_radii             1.11 
_refine.pdbx_solvent_ion_probe_radii             ? 
_refine.pdbx_solvent_shrinkage_radii             0.90 
_refine.pdbx_real_space_R                        ? 
_refine.pdbx_density_correlation                 ? 
_refine.pdbx_pd_number_of_powder_patterns        ? 
_refine.pdbx_pd_number_of_points                 ? 
_refine.pdbx_pd_meas_number_of_points            ? 
_refine.pdbx_pd_proc_ls_prof_R_factor            ? 
_refine.pdbx_pd_proc_ls_prof_wR_factor           ? 
_refine.pdbx_pd_Marquardt_correlation_coeff      ? 
_refine.pdbx_pd_Fsqrd_R_factor                   ? 
_refine.pdbx_pd_ls_matrix_band_width             ? 
_refine.pdbx_overall_phase_error                 28.79 
_refine.pdbx_overall_SU_R_free_Cruickshank_DPI   ? 
_refine.pdbx_overall_SU_R_free_Blow_DPI          ? 
_refine.pdbx_overall_SU_R_Blow_DPI               ? 
_refine.pdbx_TLS_residual_ADP_flag               ? 
_refine.pdbx_diffrn_id                           1 
_refine.overall_SU_B                             ? 
_refine.overall_SU_ML                            0.29 
_refine.overall_SU_R_Cruickshank_DPI             ? 
_refine.overall_SU_R_free                        ? 
_refine.overall_FOM_free_R_set                   ? 
_refine.overall_FOM_work_R_set                   ? 
_refine.pdbx_average_fsc_overall                 ? 
_refine.pdbx_average_fsc_work                    ? 
_refine.pdbx_average_fsc_free                    ? 
# 
_refine_hist.pdbx_refine_id                   'X-RAY DIFFRACTION' 
_refine_hist.cycle_id                         LAST 
_refine_hist.details                          ? 
_refine_hist.d_res_high                       2.179 
_refine_hist.d_res_low                        39.206 
_refine_hist.number_atoms_solvent             48 
_refine_hist.number_atoms_total               1482 
_refine_hist.number_reflns_all                ? 
_refine_hist.number_reflns_obs                ? 
_refine_hist.number_reflns_R_free             ? 
_refine_hist.number_reflns_R_work             ? 
_refine_hist.R_factor_all                     ? 
_refine_hist.R_factor_obs                     ? 
_refine_hist.R_factor_R_free                  ? 
_refine_hist.R_factor_R_work                  ? 
_refine_hist.pdbx_number_residues_total       ? 
_refine_hist.pdbx_B_iso_mean_ligand           ? 
_refine_hist.pdbx_B_iso_mean_solvent          ? 
_refine_hist.pdbx_number_atoms_protein        1433 
_refine_hist.pdbx_number_atoms_nucleic_acid   0 
_refine_hist.pdbx_number_atoms_ligand         1 
_refine_hist.pdbx_number_atoms_lipid          ? 
_refine_hist.pdbx_number_atoms_carb           ? 
_refine_hist.pdbx_pseudo_atom_details         ? 
# 
loop_
_refine_ls_restr.pdbx_refine_id 
_refine_ls_restr.criterion 
_refine_ls_restr.dev_ideal 
_refine_ls_restr.dev_ideal_target 
_refine_ls_restr.number 
_refine_ls_restr.rejects 
_refine_ls_restr.type 
_refine_ls_restr.weight 
_refine_ls_restr.pdbx_restraint_function 
'X-RAY DIFFRACTION' ? 0.003 ? 1474 ? f_bond_d           ? ? 
'X-RAY DIFFRACTION' ? 0.477 ? 1988 ? f_angle_d          ? ? 
'X-RAY DIFFRACTION' ? 2.739 ? 892  ? f_dihedral_angle_d ? ? 
'X-RAY DIFFRACTION' ? 0.047 ? 216  ? f_chiral_restr     ? ? 
'X-RAY DIFFRACTION' ? 0.003 ? 256  ? f_plane_restr      ? ? 
# 
loop_
_refine_ls_shell.pdbx_refine_id 
_refine_ls_shell.d_res_high 
_refine_ls_shell.d_res_low 
_refine_ls_shell.number_reflns_all 
_refine_ls_shell.number_reflns_obs 
_refine_ls_shell.number_reflns_R_free 
_refine_ls_shell.number_reflns_R_work 
_refine_ls_shell.percent_reflns_obs 
_refine_ls_shell.percent_reflns_R_free 
_refine_ls_shell.R_factor_all 
_refine_ls_shell.R_factor_obs 
_refine_ls_shell.R_factor_R_free_error 
_refine_ls_shell.R_factor_R_work 
_refine_ls_shell.redundancy_reflns_all 
_refine_ls_shell.redundancy_reflns_obs 
_refine_ls_shell.wR_factor_all 
_refine_ls_shell.wR_factor_obs 
_refine_ls_shell.wR_factor_R_free 
_refine_ls_shell.wR_factor_R_work 
_refine_ls_shell.pdbx_R_complete 
_refine_ls_shell.pdbx_total_number_of_bins_used 
_refine_ls_shell.pdbx_phase_error 
_refine_ls_shell.pdbx_fsc_work 
_refine_ls_shell.pdbx_fsc_free 
_refine_ls_shell.R_factor_R_free 
'X-RAY DIFFRACTION' 2.179  2.2937 . . 108 1069 90.00  . . . . 0.2837 . . . . . . . . . . . 0.3385 
'X-RAY DIFFRACTION' 2.2937 2.4374 . . 138 1161 100.00 . . . . 0.2653 . . . . . . . . . . . 0.3265 
'X-RAY DIFFRACTION' 2.4374 2.6255 . . 131 1192 100.00 . . . . 0.2809 . . . . . . . . . . . 0.3203 
'X-RAY DIFFRACTION' 2.6255 2.8897 . . 130 1189 100.00 . . . . 0.2617 . . . . . . . . . . . 0.3141 
'X-RAY DIFFRACTION' 2.8897 3.3076 . . 136 1191 100.00 . . . . 0.2421 . . . . . . . . . . . 0.2757 
'X-RAY DIFFRACTION' 3.3076 4.1665 . . 133 1219 100.00 . . . . 0.2036 . . . . . . . . . . . 0.2806 
'X-RAY DIFFRACTION' 4.1665 39.206 . . 139 1284 100.00 . . . . 0.2003 . . . . . . . . . . . 0.2449 
# 
_struct.entry_id                     9ILD 
_struct.title                        'Complex structure of Cap3 and CD-NTase' 
_struct.pdbx_model_details           ? 
_struct.pdbx_formula_weight          ? 
_struct.pdbx_formula_weight_method   ? 
_struct.pdbx_model_type_details      ? 
_struct.pdbx_CASP_flag               N 
# 
_struct_keywords.entry_id        9ILD 
_struct_keywords.text            'CD-NTase, cGAS, CD-NTase conjugation, Cap2, Cap3, CBASS, ANTIFUNGAL PROTEIN' 
_struct_keywords.pdbx_keywords   'ANTIFUNGAL PROTEIN' 
# 
loop_
_struct_asym.id 
_struct_asym.pdbx_blank_PDB_chainid_flag 
_struct_asym.pdbx_modified 
_struct_asym.entity_id 
_struct_asym.details 
A N N 1 ? 
B N N 2 ? 
C N N 3 ? 
D N N 4 ? 
E N N 4 ? 
# 
loop_
_struct_ref.id 
_struct_ref.db_name 
_struct_ref.db_code 
_struct_ref.pdbx_db_accession 
_struct_ref.pdbx_db_isoform 
_struct_ref.entity_id 
_struct_ref.pdbx_seq_one_letter_code 
_struct_ref.pdbx_align_begin 
1 UNP A0A3J1GR98_ECOLX A0A3J1GR98 ? 1 
;MNMNELVFIDDFDNHVVIMSEVVMRLNSYRQTHYTSTESGGTLIGERRGQHLVITHISEPGQDDVRNRTGLERKGIHHQQ
KVNDLFQQSNGFIVYLGEWHTHPEDFPHPSFIDIKSWVMGIVATEPMIMLIVGRKDIWIGKKIKNDIKKLKKKMVS
;
1   
2 UNP A0A7I8YYL1_ECOLX A0A7I8YYL1 ? 2 IAAAPAFHVSPSREPEPRKINKTMVSG 264 
# 
loop_
_struct_ref_seq.align_id 
_struct_ref_seq.ref_id 
_struct_ref_seq.pdbx_PDB_id_code 
_struct_ref_seq.pdbx_strand_id 
_struct_ref_seq.seq_align_beg 
_struct_ref_seq.pdbx_seq_align_beg_ins_code 
_struct_ref_seq.seq_align_end 
_struct_ref_seq.pdbx_seq_align_end_ins_code 
_struct_ref_seq.pdbx_db_accession 
_struct_ref_seq.db_align_beg 
_struct_ref_seq.pdbx_db_align_beg_ins_code 
_struct_ref_seq.db_align_end 
_struct_ref_seq.pdbx_db_align_end_ins_code 
_struct_ref_seq.pdbx_auth_seq_align_beg 
_struct_ref_seq.pdbx_auth_seq_align_end 
1 1 9ILD A 1 ? 156 ? A0A3J1GR98 1   ? 156 ? 1 156 
2 2 9ILD B 1 ? 27  ? A0A7I8YYL1 264 ? 290 ? 9 35  
# 
_pdbx_struct_assembly.id                   1 
_pdbx_struct_assembly.details              author_and_software_defined_assembly 
_pdbx_struct_assembly.method_details       PISA 
_pdbx_struct_assembly.oligomeric_details   dimeric 
_pdbx_struct_assembly.oligomeric_count     2 
# 
loop_
_pdbx_struct_assembly_prop.biol_id 
_pdbx_struct_assembly_prop.type 
_pdbx_struct_assembly_prop.value 
_pdbx_struct_assembly_prop.details 
1 'ABSA (A^2)' 2960 ? 
1 MORE         -51  ? 
1 'SSA (A^2)'  9000 ? 
# 
_pdbx_struct_assembly_gen.assembly_id       1 
_pdbx_struct_assembly_gen.oper_expression   1 
_pdbx_struct_assembly_gen.asym_id_list      A,B,C,D,E 
# 
_pdbx_struct_assembly_auth_evidence.id                     1 
_pdbx_struct_assembly_auth_evidence.assembly_id            1 
_pdbx_struct_assembly_auth_evidence.experimental_support   none 
_pdbx_struct_assembly_auth_evidence.details                ? 
# 
_pdbx_struct_oper_list.id                   1 
_pdbx_struct_oper_list.type                 'identity operation' 
_pdbx_struct_oper_list.name                 1_555 
_pdbx_struct_oper_list.symmetry_operation   x,y,z 
_pdbx_struct_oper_list.matrix[1][1]         1.0000000000 
_pdbx_struct_oper_list.matrix[1][2]         0.0000000000 
_pdbx_struct_oper_list.matrix[1][3]         0.0000000000 
_pdbx_struct_oper_list.vector[1]            0.0000000000 
_pdbx_struct_oper_list.matrix[2][1]         0.0000000000 
_pdbx_struct_oper_list.matrix[2][2]         1.0000000000 
_pdbx_struct_oper_list.matrix[2][3]         0.0000000000 
_pdbx_struct_oper_list.vector[2]            0.0000000000 
_pdbx_struct_oper_list.matrix[3][1]         0.0000000000 
_pdbx_struct_oper_list.matrix[3][2]         0.0000000000 
_pdbx_struct_oper_list.matrix[3][3]         1.0000000000 
_pdbx_struct_oper_list.vector[3]            0.0000000000 
# 
loop_
_struct_conf.conf_type_id 
_struct_conf.id 
_struct_conf.pdbx_PDB_helix_id 
_struct_conf.beg_label_comp_id 
_struct_conf.beg_label_asym_id 
_struct_conf.beg_label_seq_id 
_struct_conf.pdbx_beg_PDB_ins_code 
_struct_conf.end_label_comp_id 
_struct_conf.end_label_asym_id 
_struct_conf.end_label_seq_id 
_struct_conf.pdbx_end_PDB_ins_code 
_struct_conf.beg_auth_comp_id 
_struct_conf.beg_auth_asym_id 
_struct_conf.beg_auth_seq_id 
_struct_conf.end_auth_comp_id 
_struct_conf.end_auth_asym_id 
_struct_conf.end_auth_seq_id 
_struct_conf.pdbx_PDB_helix_class 
_struct_conf.details 
_struct_conf.pdbx_PDB_helix_length 
HELX_P HELX_P1 AA1 MET A 19  ? SER A 28  ? MET A 19  SER A 28  1 ? 10 
HELX_P HELX_P2 AA2 GLY A 75  ? SER A 89  ? GLY A 75  SER A 89  1 ? 15 
HELX_P HELX_P3 AA3 SER A 110 ? ILE A 121 ? SER A 110 ILE A 121 1 ? 12 
HELX_P HELX_P4 AA4 ALA B 3   ? HIS B 8   ? ALA B 11  HIS B 16  1 ? 6  
# 
_struct_conf_type.id          HELX_P 
_struct_conf_type.criteria    ? 
_struct_conf_type.reference   ? 
# 
loop_
_struct_conn.id 
_struct_conn.conn_type_id 
_struct_conn.pdbx_leaving_atom_flag 
_struct_conn.pdbx_PDB_id 
_struct_conn.ptnr1_label_asym_id 
_struct_conn.ptnr1_label_comp_id 
_struct_conn.ptnr1_label_seq_id 
_struct_conn.ptnr1_label_atom_id 
_struct_conn.pdbx_ptnr1_label_alt_id 
_struct_conn.pdbx_ptnr1_PDB_ins_code 
_struct_conn.pdbx_ptnr1_standard_comp_id 
_struct_conn.ptnr1_symmetry 
_struct_conn.ptnr2_label_asym_id 
_struct_conn.ptnr2_label_comp_id 
_struct_conn.ptnr2_label_seq_id 
_struct_conn.ptnr2_label_atom_id 
_struct_conn.pdbx_ptnr2_label_alt_id 
_struct_conn.pdbx_ptnr2_PDB_ins_code 
_struct_conn.ptnr1_auth_asym_id 
_struct_conn.ptnr1_auth_comp_id 
_struct_conn.ptnr1_auth_seq_id 
_struct_conn.ptnr2_auth_asym_id 
_struct_conn.ptnr2_auth_comp_id 
_struct_conn.ptnr2_auth_seq_id 
_struct_conn.ptnr2_symmetry 
_struct_conn.pdbx_ptnr3_label_atom_id 
_struct_conn.pdbx_ptnr3_label_seq_id 
_struct_conn.pdbx_ptnr3_label_comp_id 
_struct_conn.pdbx_ptnr3_label_asym_id 
_struct_conn.pdbx_ptnr3_label_alt_id 
_struct_conn.pdbx_ptnr3_PDB_ins_code 
_struct_conn.details 
_struct_conn.pdbx_dist_value 
_struct_conn.pdbx_value_order 
_struct_conn.pdbx_role 
metalc1 metalc ? ? A HIS 102 NE2 ? ? ? 1_555 C ZN  . ZN ? ? A HIS 102 A ZN  201 1_555 ? ? ? ? ? ? ? 2.523 ? ? 
metalc2 metalc ? ? C ZN  .   ZN  ? ? ? 1_555 E HOH . O  ? ? A ZN  201 B HOH 103 1_555 ? ? ? ? ? ? ? 2.075 ? ? 
# 
_struct_conn_type.id          metalc 
_struct_conn_type.criteria    ? 
_struct_conn_type.reference   ? 
# 
_pdbx_struct_conn_angle.id                    1 
_pdbx_struct_conn_angle.ptnr1_label_atom_id   NE2 
_pdbx_struct_conn_angle.ptnr1_label_alt_id    ? 
_pdbx_struct_conn_angle.ptnr1_label_asym_id   A 
_pdbx_struct_conn_angle.ptnr1_label_comp_id   HIS 
_pdbx_struct_conn_angle.ptnr1_label_seq_id    102 
_pdbx_struct_conn_angle.ptnr1_auth_atom_id    ? 
_pdbx_struct_conn_angle.ptnr1_auth_asym_id    A 
_pdbx_struct_conn_angle.ptnr1_auth_comp_id    HIS 
_pdbx_struct_conn_angle.ptnr1_auth_seq_id     102 
_pdbx_struct_conn_angle.ptnr1_PDB_ins_code    ? 
_pdbx_struct_conn_angle.ptnr1_symmetry        1_555 
_pdbx_struct_conn_angle.ptnr2_label_atom_id   ZN 
_pdbx_struct_conn_angle.ptnr2_label_alt_id    ? 
_pdbx_struct_conn_angle.ptnr2_label_asym_id   C 
_pdbx_struct_conn_angle.ptnr2_label_comp_id   ZN 
_pdbx_struct_conn_angle.ptnr2_label_seq_id    . 
_pdbx_struct_conn_angle.ptnr2_auth_atom_id    ? 
_pdbx_struct_conn_angle.ptnr2_auth_asym_id    A 
_pdbx_struct_conn_angle.ptnr2_auth_comp_id    ZN 
_pdbx_struct_conn_angle.ptnr2_auth_seq_id     201 
_pdbx_struct_conn_angle.ptnr2_PDB_ins_code    ? 
_pdbx_struct_conn_angle.ptnr2_symmetry        1_555 
_pdbx_struct_conn_angle.ptnr3_label_atom_id   O 
_pdbx_struct_conn_angle.ptnr3_label_alt_id    ? 
_pdbx_struct_conn_angle.ptnr3_label_asym_id   E 
_pdbx_struct_conn_angle.ptnr3_label_comp_id   HOH 
_pdbx_struct_conn_angle.ptnr3_label_seq_id    . 
_pdbx_struct_conn_angle.ptnr3_auth_atom_id    ? 
_pdbx_struct_conn_angle.ptnr3_auth_asym_id    B 
_pdbx_struct_conn_angle.ptnr3_auth_comp_id    HOH 
_pdbx_struct_conn_angle.ptnr3_auth_seq_id     103 
_pdbx_struct_conn_angle.ptnr3_PDB_ins_code    ? 
_pdbx_struct_conn_angle.ptnr3_symmetry        1_555 
_pdbx_struct_conn_angle.value                 117.1 
_pdbx_struct_conn_angle.value_esd             ? 
# 
loop_
_struct_sheet.id 
_struct_sheet.type 
_struct_sheet.number_strands 
_struct_sheet.details 
AA1 ? 9 ? 
AA2 ? 3 ? 
# 
loop_
_struct_sheet_order.sheet_id 
_struct_sheet_order.range_id_1 
_struct_sheet_order.range_id_2 
_struct_sheet_order.offset 
_struct_sheet_order.sense 
AA1 1 2 ? anti-parallel 
AA1 2 3 ? anti-parallel 
AA1 3 4 ? parallel      
AA1 4 5 ? anti-parallel 
AA1 5 6 ? anti-parallel 
AA1 6 7 ? parallel      
AA1 7 8 ? anti-parallel 
AA1 8 9 ? anti-parallel 
AA2 1 2 ? anti-parallel 
AA2 2 3 ? anti-parallel 
# 
loop_
_struct_sheet_range.sheet_id 
_struct_sheet_range.id 
_struct_sheet_range.beg_label_comp_id 
_struct_sheet_range.beg_label_asym_id 
_struct_sheet_range.beg_label_seq_id 
_struct_sheet_range.pdbx_beg_PDB_ins_code 
_struct_sheet_range.end_label_comp_id 
_struct_sheet_range.end_label_asym_id 
_struct_sheet_range.end_label_seq_id 
_struct_sheet_range.pdbx_end_PDB_ins_code 
_struct_sheet_range.beg_auth_comp_id 
_struct_sheet_range.beg_auth_asym_id 
_struct_sheet_range.beg_auth_seq_id 
_struct_sheet_range.end_auth_comp_id 
_struct_sheet_range.end_auth_asym_id 
_struct_sheet_range.end_auth_seq_id 
AA1 1 ASP A 146 ? LYS A 149 ? ASP A 146 LYS A 149 
AA1 2 ILE A 137 ? ILE A 143 ? ILE A 137 ILE A 143 
AA1 3 MET A 127 ? VAL A 132 ? MET A 127 VAL A 132 
AA1 4 VAL A 94  ? THR A 101 ? VAL A 94  THR A 101 
AA1 5 GLY A 40  ? ARG A 48  ? GLY A 40  ARG A 48  
AA1 6 HIS A 51  ? ILE A 57  ? HIS A 51  ILE A 57  
AA1 7 HIS A 15  ? ILE A 18  ? HIS A 15  ILE A 18  
AA1 8 LEU A 6   ? ILE A 9   ? LEU A 6   ILE A 9   
AA1 9 LYS A 151 ? LYS A 152 ? LYS A 151 LYS A 152 
AA2 1 VAL A 65  ? ARG A 66  ? VAL A 65  ARG A 66  
AA2 2 LEU A 71  ? ARG A 73  ? LEU A 71  ARG A 73  
AA2 3 MET B 24  ? VAL B 25  ? MET B 32  VAL B 33  
# 
loop_
_pdbx_struct_sheet_hbond.sheet_id 
_pdbx_struct_sheet_hbond.range_id_1 
_pdbx_struct_sheet_hbond.range_id_2 
_pdbx_struct_sheet_hbond.range_1_label_atom_id 
_pdbx_struct_sheet_hbond.range_1_label_comp_id 
_pdbx_struct_sheet_hbond.range_1_label_asym_id 
_pdbx_struct_sheet_hbond.range_1_label_seq_id 
_pdbx_struct_sheet_hbond.range_1_PDB_ins_code 
_pdbx_struct_sheet_hbond.range_1_auth_atom_id 
_pdbx_struct_sheet_hbond.range_1_auth_comp_id 
_pdbx_struct_sheet_hbond.range_1_auth_asym_id 
_pdbx_struct_sheet_hbond.range_1_auth_seq_id 
_pdbx_struct_sheet_hbond.range_2_label_atom_id 
_pdbx_struct_sheet_hbond.range_2_label_comp_id 
_pdbx_struct_sheet_hbond.range_2_label_asym_id 
_pdbx_struct_sheet_hbond.range_2_label_seq_id 
_pdbx_struct_sheet_hbond.range_2_PDB_ins_code 
_pdbx_struct_sheet_hbond.range_2_auth_atom_id 
_pdbx_struct_sheet_hbond.range_2_auth_comp_id 
_pdbx_struct_sheet_hbond.range_2_auth_asym_id 
_pdbx_struct_sheet_hbond.range_2_auth_seq_id 
AA1 1 2 O LYS A 148 ? O LYS A 148 N LYS A 141 ? N LYS A 141 
AA1 2 3 O TRP A 138 ? O TRP A 138 N ILE A 131 ? N ILE A 131 
AA1 3 4 O VAL A 132 ? O VAL A 132 N HIS A 100 ? N HIS A 100 
AA1 4 5 O LEU A 96  ? O LEU A 96  N LEU A 43  ? N LEU A 43  
AA1 5 6 N GLU A 46  ? N GLU A 46  O VAL A 53  ? O VAL A 53  
AA1 6 7 O ILE A 54  ? O ILE A 54  N VAL A 17  ? N VAL A 17  
AA1 7 8 O VAL A 16  ? O VAL A 16  N PHE A 8   ? N PHE A 8   
AA1 8 9 N ILE A 9   ? N ILE A 9   O LYS A 151 ? O LYS A 151 
AA2 1 2 N VAL A 65  ? N VAL A 65  O GLU A 72  ? O GLU A 72  
AA2 2 3 N ARG A 73  ? N ARG A 73  O MET B 24  ? O MET B 32  
# 
loop_
_pdbx_validate_torsion.id 
_pdbx_validate_torsion.PDB_model_num 
_pdbx_validate_torsion.auth_comp_id 
_pdbx_validate_torsion.auth_asym_id 
_pdbx_validate_torsion.auth_seq_id 
_pdbx_validate_torsion.PDB_ins_code 
_pdbx_validate_torsion.label_alt_id 
_pdbx_validate_torsion.phi 
_pdbx_validate_torsion.psi 
1 1 LYS A 144 ? ? 55.52 -108.18 
2 1 THR B 31  ? ? 60.11 83.92   
# 
_pdbx_entry_details.entry_id                   9ILD 
_pdbx_entry_details.nonpolymer_details         ? 
_pdbx_entry_details.sequence_details           ? 
_pdbx_entry_details.compound_details           ? 
_pdbx_entry_details.source_details             ? 
_pdbx_entry_details.has_ligand_of_interest     N 
_pdbx_entry_details.has_protein_modification   ? 
# 
loop_
_pdbx_unobs_or_zero_occ_residues.id 
_pdbx_unobs_or_zero_occ_residues.PDB_model_num 
_pdbx_unobs_or_zero_occ_residues.polymer_flag 
_pdbx_unobs_or_zero_occ_residues.occupancy_flag 
_pdbx_unobs_or_zero_occ_residues.auth_asym_id 
_pdbx_unobs_or_zero_occ_residues.auth_comp_id 
_pdbx_unobs_or_zero_occ_residues.auth_seq_id 
_pdbx_unobs_or_zero_occ_residues.PDB_ins_code 
_pdbx_unobs_or_zero_occ_residues.label_asym_id 
_pdbx_unobs_or_zero_occ_residues.label_comp_id 
_pdbx_unobs_or_zero_occ_residues.label_seq_id 
1 1 Y 1 A MET 1   ? A MET 1   
2 1 Y 1 A ASN 2   ? A ASN 2   
3 1 Y 1 A VAL 155 ? A VAL 155 
4 1 Y 1 A SER 156 ? A SER 156 
5 1 Y 1 B GLY 35  ? B GLY 27  
# 
loop_
_chem_comp_atom.comp_id 
_chem_comp_atom.atom_id 
_chem_comp_atom.type_symbol 
_chem_comp_atom.pdbx_aromatic_flag 
_chem_comp_atom.pdbx_stereo_config 
_chem_comp_atom.pdbx_ordinal 
ALA N    N  N N 1   
ALA CA   C  N S 2   
ALA C    C  N N 3   
ALA O    O  N N 4   
ALA CB   C  N N 5   
ALA OXT  O  N N 6   
ALA H    H  N N 7   
ALA H2   H  N N 8   
ALA HA   H  N N 9   
ALA HB1  H  N N 10  
ALA HB2  H  N N 11  
ALA HB3  H  N N 12  
ALA HXT  H  N N 13  
ARG N    N  N N 14  
ARG CA   C  N S 15  
ARG C    C  N N 16  
ARG O    O  N N 17  
ARG CB   C  N N 18  
ARG CG   C  N N 19  
ARG CD   C  N N 20  
ARG NE   N  N N 21  
ARG CZ   C  N N 22  
ARG NH1  N  N N 23  
ARG NH2  N  N N 24  
ARG OXT  O  N N 25  
ARG H    H  N N 26  
ARG H2   H  N N 27  
ARG HA   H  N N 28  
ARG HB2  H  N N 29  
ARG HB3  H  N N 30  
ARG HG2  H  N N 31  
ARG HG3  H  N N 32  
ARG HD2  H  N N 33  
ARG HD3  H  N N 34  
ARG HE   H  N N 35  
ARG HH11 H  N N 36  
ARG HH12 H  N N 37  
ARG HH21 H  N N 38  
ARG HH22 H  N N 39  
ARG HXT  H  N N 40  
ASN N    N  N N 41  
ASN CA   C  N S 42  
ASN C    C  N N 43  
ASN O    O  N N 44  
ASN CB   C  N N 45  
ASN CG   C  N N 46  
ASN OD1  O  N N 47  
ASN ND2  N  N N 48  
ASN OXT  O  N N 49  
ASN H    H  N N 50  
ASN H2   H  N N 51  
ASN HA   H  N N 52  
ASN HB2  H  N N 53  
ASN HB3  H  N N 54  
ASN HD21 H  N N 55  
ASN HD22 H  N N 56  
ASN HXT  H  N N 57  
ASP N    N  N N 58  
ASP CA   C  N S 59  
ASP C    C  N N 60  
ASP O    O  N N 61  
ASP CB   C  N N 62  
ASP CG   C  N N 63  
ASP OD1  O  N N 64  
ASP OD2  O  N N 65  
ASP OXT  O  N N 66  
ASP H    H  N N 67  
ASP H2   H  N N 68  
ASP HA   H  N N 69  
ASP HB2  H  N N 70  
ASP HB3  H  N N 71  
ASP HD2  H  N N 72  
ASP HXT  H  N N 73  
GLN N    N  N N 74  
GLN CA   C  N S 75  
GLN C    C  N N 76  
GLN O    O  N N 77  
GLN CB   C  N N 78  
GLN CG   C  N N 79  
GLN CD   C  N N 80  
GLN OE1  O  N N 81  
GLN NE2  N  N N 82  
GLN OXT  O  N N 83  
GLN H    H  N N 84  
GLN H2   H  N N 85  
GLN HA   H  N N 86  
GLN HB2  H  N N 87  
GLN HB3  H  N N 88  
GLN HG2  H  N N 89  
GLN HG3  H  N N 90  
GLN HE21 H  N N 91  
GLN HE22 H  N N 92  
GLN HXT  H  N N 93  
GLU N    N  N N 94  
GLU CA   C  N S 95  
GLU C    C  N N 96  
GLU O    O  N N 97  
GLU CB   C  N N 98  
GLU CG   C  N N 99  
GLU CD   C  N N 100 
GLU OE1  O  N N 101 
GLU OE2  O  N N 102 
GLU OXT  O  N N 103 
GLU H    H  N N 104 
GLU H2   H  N N 105 
GLU HA   H  N N 106 
GLU HB2  H  N N 107 
GLU HB3  H  N N 108 
GLU HG2  H  N N 109 
GLU HG3  H  N N 110 
GLU HE2  H  N N 111 
GLU HXT  H  N N 112 
GLY N    N  N N 113 
GLY CA   C  N N 114 
GLY C    C  N N 115 
GLY O    O  N N 116 
GLY OXT  O  N N 117 
GLY H    H  N N 118 
GLY H2   H  N N 119 
GLY HA2  H  N N 120 
GLY HA3  H  N N 121 
GLY HXT  H  N N 122 
HIS N    N  N N 123 
HIS CA   C  N S 124 
HIS C    C  N N 125 
HIS O    O  N N 126 
HIS CB   C  N N 127 
HIS CG   C  Y N 128 
HIS ND1  N  Y N 129 
HIS CD2  C  Y N 130 
HIS CE1  C  Y N 131 
HIS NE2  N  Y N 132 
HIS OXT  O  N N 133 
HIS H    H  N N 134 
HIS H2   H  N N 135 
HIS HA   H  N N 136 
HIS HB2  H  N N 137 
HIS HB3  H  N N 138 
HIS HD1  H  N N 139 
HIS HD2  H  N N 140 
HIS HE1  H  N N 141 
HIS HE2  H  N N 142 
HIS HXT  H  N N 143 
HOH O    O  N N 144 
HOH H1   H  N N 145 
HOH H2   H  N N 146 
ILE N    N  N N 147 
ILE CA   C  N S 148 
ILE C    C  N N 149 
ILE O    O  N N 150 
ILE CB   C  N S 151 
ILE CG1  C  N N 152 
ILE CG2  C  N N 153 
ILE CD1  C  N N 154 
ILE OXT  O  N N 155 
ILE H    H  N N 156 
ILE H2   H  N N 157 
ILE HA   H  N N 158 
ILE HB   H  N N 159 
ILE HG12 H  N N 160 
ILE HG13 H  N N 161 
ILE HG21 H  N N 162 
ILE HG22 H  N N 163 
ILE HG23 H  N N 164 
ILE HD11 H  N N 165 
ILE HD12 H  N N 166 
ILE HD13 H  N N 167 
ILE HXT  H  N N 168 
LEU N    N  N N 169 
LEU CA   C  N S 170 
LEU C    C  N N 171 
LEU O    O  N N 172 
LEU CB   C  N N 173 
LEU CG   C  N N 174 
LEU CD1  C  N N 175 
LEU CD2  C  N N 176 
LEU OXT  O  N N 177 
LEU H    H  N N 178 
LEU H2   H  N N 179 
LEU HA   H  N N 180 
LEU HB2  H  N N 181 
LEU HB3  H  N N 182 
LEU HG   H  N N 183 
LEU HD11 H  N N 184 
LEU HD12 H  N N 185 
LEU HD13 H  N N 186 
LEU HD21 H  N N 187 
LEU HD22 H  N N 188 
LEU HD23 H  N N 189 
LEU HXT  H  N N 190 
LYS N    N  N N 191 
LYS CA   C  N S 192 
LYS C    C  N N 193 
LYS O    O  N N 194 
LYS CB   C  N N 195 
LYS CG   C  N N 196 
LYS CD   C  N N 197 
LYS CE   C  N N 198 
LYS NZ   N  N N 199 
LYS OXT  O  N N 200 
LYS H    H  N N 201 
LYS H2   H  N N 202 
LYS HA   H  N N 203 
LYS HB2  H  N N 204 
LYS HB3  H  N N 205 
LYS HG2  H  N N 206 
LYS HG3  H  N N 207 
LYS HD2  H  N N 208 
LYS HD3  H  N N 209 
LYS HE2  H  N N 210 
LYS HE3  H  N N 211 
LYS HZ1  H  N N 212 
LYS HZ2  H  N N 213 
LYS HZ3  H  N N 214 
LYS HXT  H  N N 215 
MET N    N  N N 216 
MET CA   C  N S 217 
MET C    C  N N 218 
MET O    O  N N 219 
MET CB   C  N N 220 
MET CG   C  N N 221 
MET SD   S  N N 222 
MET CE   C  N N 223 
MET OXT  O  N N 224 
MET H    H  N N 225 
MET H2   H  N N 226 
MET HA   H  N N 227 
MET HB2  H  N N 228 
MET HB3  H  N N 229 
MET HG2  H  N N 230 
MET HG3  H  N N 231 
MET HE1  H  N N 232 
MET HE2  H  N N 233 
MET HE3  H  N N 234 
MET HXT  H  N N 235 
PHE N    N  N N 236 
PHE CA   C  N S 237 
PHE C    C  N N 238 
PHE O    O  N N 239 
PHE CB   C  N N 240 
PHE CG   C  Y N 241 
PHE CD1  C  Y N 242 
PHE CD2  C  Y N 243 
PHE CE1  C  Y N 244 
PHE CE2  C  Y N 245 
PHE CZ   C  Y N 246 
PHE OXT  O  N N 247 
PHE H    H  N N 248 
PHE H2   H  N N 249 
PHE HA   H  N N 250 
PHE HB2  H  N N 251 
PHE HB3  H  N N 252 
PHE HD1  H  N N 253 
PHE HD2  H  N N 254 
PHE HE1  H  N N 255 
PHE HE2  H  N N 256 
PHE HZ   H  N N 257 
PHE HXT  H  N N 258 
PRO N    N  N N 259 
PRO CA   C  N S 260 
PRO C    C  N N 261 
PRO O    O  N N 262 
PRO CB   C  N N 263 
PRO CG   C  N N 264 
PRO CD   C  N N 265 
PRO OXT  O  N N 266 
PRO H    H  N N 267 
PRO HA   H  N N 268 
PRO HB2  H  N N 269 
PRO HB3  H  N N 270 
PRO HG2  H  N N 271 
PRO HG3  H  N N 272 
PRO HD2  H  N N 273 
PRO HD3  H  N N 274 
PRO HXT  H  N N 275 
SER N    N  N N 276 
SER CA   C  N S 277 
SER C    C  N N 278 
SER O    O  N N 279 
SER CB   C  N N 280 
SER OG   O  N N 281 
SER OXT  O  N N 282 
SER H    H  N N 283 
SER H2   H  N N 284 
SER HA   H  N N 285 
SER HB2  H  N N 286 
SER HB3  H  N N 287 
SER HG   H  N N 288 
SER HXT  H  N N 289 
THR N    N  N N 290 
THR CA   C  N S 291 
THR C    C  N N 292 
THR O    O  N N 293 
THR CB   C  N R 294 
THR OG1  O  N N 295 
THR CG2  C  N N 296 
THR OXT  O  N N 297 
THR H    H  N N 298 
THR H2   H  N N 299 
THR HA   H  N N 300 
THR HB   H  N N 301 
THR HG1  H  N N 302 
THR HG21 H  N N 303 
THR HG22 H  N N 304 
THR HG23 H  N N 305 
THR HXT  H  N N 306 
TRP N    N  N N 307 
TRP CA   C  N S 308 
TRP C    C  N N 309 
TRP O    O  N N 310 
TRP CB   C  N N 311 
TRP CG   C  Y N 312 
TRP CD1  C  Y N 313 
TRP CD2  C  Y N 314 
TRP NE1  N  Y N 315 
TRP CE2  C  Y N 316 
TRP CE3  C  Y N 317 
TRP CZ2  C  Y N 318 
TRP CZ3  C  Y N 319 
TRP CH2  C  Y N 320 
TRP OXT  O  N N 321 
TRP H    H  N N 322 
TRP H2   H  N N 323 
TRP HA   H  N N 324 
TRP HB2  H  N N 325 
TRP HB3  H  N N 326 
TRP HD1  H  N N 327 
TRP HE1  H  N N 328 
TRP HE3  H  N N 329 
TRP HZ2  H  N N 330 
TRP HZ3  H  N N 331 
TRP HH2  H  N N 332 
TRP HXT  H  N N 333 
TYR N    N  N N 334 
TYR CA   C  N S 335 
TYR C    C  N N 336 
TYR O    O  N N 337 
TYR CB   C  N N 338 
TYR CG   C  Y N 339 
TYR CD1  C  Y N 340 
TYR CD2  C  Y N 341 
TYR CE1  C  Y N 342 
TYR CE2  C  Y N 343 
TYR CZ   C  Y N 344 
TYR OH   O  N N 345 
TYR OXT  O  N N 346 
TYR H    H  N N 347 
TYR H2   H  N N 348 
TYR HA   H  N N 349 
TYR HB2  H  N N 350 
TYR HB3  H  N N 351 
TYR HD1  H  N N 352 
TYR HD2  H  N N 353 
TYR HE1  H  N N 354 
TYR HE2  H  N N 355 
TYR HH   H  N N 356 
TYR HXT  H  N N 357 
VAL N    N  N N 358 
VAL CA   C  N S 359 
VAL C    C  N N 360 
VAL O    O  N N 361 
VAL CB   C  N N 362 
VAL CG1  C  N N 363 
VAL CG2  C  N N 364 
VAL OXT  O  N N 365 
VAL H    H  N N 366 
VAL H2   H  N N 367 
VAL HA   H  N N 368 
VAL HB   H  N N 369 
VAL HG11 H  N N 370 
VAL HG12 H  N N 371 
VAL HG13 H  N N 372 
VAL HG21 H  N N 373 
VAL HG22 H  N N 374 
VAL HG23 H  N N 375 
VAL HXT  H  N N 376 
ZN  ZN   ZN N N 377 
# 
loop_
_chem_comp_bond.comp_id 
_chem_comp_bond.atom_id_1 
_chem_comp_bond.atom_id_2 
_chem_comp_bond.value_order 
_chem_comp_bond.pdbx_aromatic_flag 
_chem_comp_bond.pdbx_stereo_config 
_chem_comp_bond.pdbx_ordinal 
ALA N   CA   sing N N 1   
ALA N   H    sing N N 2   
ALA N   H2   sing N N 3   
ALA CA  C    sing N N 4   
ALA CA  CB   sing N N 5   
ALA CA  HA   sing N N 6   
ALA C   O    doub N N 7   
ALA C   OXT  sing N N 8   
ALA CB  HB1  sing N N 9   
ALA CB  HB2  sing N N 10  
ALA CB  HB3  sing N N 11  
ALA OXT HXT  sing N N 12  
ARG N   CA   sing N N 13  
ARG N   H    sing N N 14  
ARG N   H2   sing N N 15  
ARG CA  C    sing N N 16  
ARG CA  CB   sing N N 17  
ARG CA  HA   sing N N 18  
ARG C   O    doub N N 19  
ARG C   OXT  sing N N 20  
ARG CB  CG   sing N N 21  
ARG CB  HB2  sing N N 22  
ARG CB  HB3  sing N N 23  
ARG CG  CD   sing N N 24  
ARG CG  HG2  sing N N 25  
ARG CG  HG3  sing N N 26  
ARG CD  NE   sing N N 27  
ARG CD  HD2  sing N N 28  
ARG CD  HD3  sing N N 29  
ARG NE  CZ   sing N N 30  
ARG NE  HE   sing N N 31  
ARG CZ  NH1  sing N N 32  
ARG CZ  NH2  doub N N 33  
ARG NH1 HH11 sing N N 34  
ARG NH1 HH12 sing N N 35  
ARG NH2 HH21 sing N N 36  
ARG NH2 HH22 sing N N 37  
ARG OXT HXT  sing N N 38  
ASN N   CA   sing N N 39  
ASN N   H    sing N N 40  
ASN N   H2   sing N N 41  
ASN CA  C    sing N N 42  
ASN CA  CB   sing N N 43  
ASN CA  HA   sing N N 44  
ASN C   O    doub N N 45  
ASN C   OXT  sing N N 46  
ASN CB  CG   sing N N 47  
ASN CB  HB2  sing N N 48  
ASN CB  HB3  sing N N 49  
ASN CG  OD1  doub N N 50  
ASN CG  ND2  sing N N 51  
ASN ND2 HD21 sing N N 52  
ASN ND2 HD22 sing N N 53  
ASN OXT HXT  sing N N 54  
ASP N   CA   sing N N 55  
ASP N   H    sing N N 56  
ASP N   H2   sing N N 57  
ASP CA  C    sing N N 58  
ASP CA  CB   sing N N 59  
ASP CA  HA   sing N N 60  
ASP C   O    doub N N 61  
ASP C   OXT  sing N N 62  
ASP CB  CG   sing N N 63  
ASP CB  HB2  sing N N 64  
ASP CB  HB3  sing N N 65  
ASP CG  OD1  doub N N 66  
ASP CG  OD2  sing N N 67  
ASP OD2 HD2  sing N N 68  
ASP OXT HXT  sing N N 69  
GLN N   CA   sing N N 70  
GLN N   H    sing N N 71  
GLN N   H2   sing N N 72  
GLN CA  C    sing N N 73  
GLN CA  CB   sing N N 74  
GLN CA  HA   sing N N 75  
GLN C   O    doub N N 76  
GLN C   OXT  sing N N 77  
GLN CB  CG   sing N N 78  
GLN CB  HB2  sing N N 79  
GLN CB  HB3  sing N N 80  
GLN CG  CD   sing N N 81  
GLN CG  HG2  sing N N 82  
GLN CG  HG3  sing N N 83  
GLN CD  OE1  doub N N 84  
GLN CD  NE2  sing N N 85  
GLN NE2 HE21 sing N N 86  
GLN NE2 HE22 sing N N 87  
GLN OXT HXT  sing N N 88  
GLU N   CA   sing N N 89  
GLU N   H    sing N N 90  
GLU N   H2   sing N N 91  
GLU CA  C    sing N N 92  
GLU CA  CB   sing N N 93  
GLU CA  HA   sing N N 94  
GLU C   O    doub N N 95  
GLU C   OXT  sing N N 96  
GLU CB  CG   sing N N 97  
GLU CB  HB2  sing N N 98  
GLU CB  HB3  sing N N 99  
GLU CG  CD   sing N N 100 
GLU CG  HG2  sing N N 101 
GLU CG  HG3  sing N N 102 
GLU CD  OE1  doub N N 103 
GLU CD  OE2  sing N N 104 
GLU OE2 HE2  sing N N 105 
GLU OXT HXT  sing N N 106 
GLY N   CA   sing N N 107 
GLY N   H    sing N N 108 
GLY N   H2   sing N N 109 
GLY CA  C    sing N N 110 
GLY CA  HA2  sing N N 111 
GLY CA  HA3  sing N N 112 
GLY C   O    doub N N 113 
GLY C   OXT  sing N N 114 
GLY OXT HXT  sing N N 115 
HIS N   CA   sing N N 116 
HIS N   H    sing N N 117 
HIS N   H2   sing N N 118 
HIS CA  C    sing N N 119 
HIS CA  CB   sing N N 120 
HIS CA  HA   sing N N 121 
HIS C   O    doub N N 122 
HIS C   OXT  sing N N 123 
HIS CB  CG   sing N N 124 
HIS CB  HB2  sing N N 125 
HIS CB  HB3  sing N N 126 
HIS CG  ND1  sing Y N 127 
HIS CG  CD2  doub Y N 128 
HIS ND1 CE1  doub Y N 129 
HIS ND1 HD1  sing N N 130 
HIS CD2 NE2  sing Y N 131 
HIS CD2 HD2  sing N N 132 
HIS CE1 NE2  sing Y N 133 
HIS CE1 HE1  sing N N 134 
HIS NE2 HE2  sing N N 135 
HIS OXT HXT  sing N N 136 
HOH O   H1   sing N N 137 
HOH O   H2   sing N N 138 
ILE N   CA   sing N N 139 
ILE N   H    sing N N 140 
ILE N   H2   sing N N 141 
ILE CA  C    sing N N 142 
ILE CA  CB   sing N N 143 
ILE CA  HA   sing N N 144 
ILE C   O    doub N N 145 
ILE C   OXT  sing N N 146 
ILE CB  CG1  sing N N 147 
ILE CB  CG2  sing N N 148 
ILE CB  HB   sing N N 149 
ILE CG1 CD1  sing N N 150 
ILE CG1 HG12 sing N N 151 
ILE CG1 HG13 sing N N 152 
ILE CG2 HG21 sing N N 153 
ILE CG2 HG22 sing N N 154 
ILE CG2 HG23 sing N N 155 
ILE CD1 HD11 sing N N 156 
ILE CD1 HD12 sing N N 157 
ILE CD1 HD13 sing N N 158 
ILE OXT HXT  sing N N 159 
LEU N   CA   sing N N 160 
LEU N   H    sing N N 161 
LEU N   H2   sing N N 162 
LEU CA  C    sing N N 163 
LEU CA  CB   sing N N 164 
LEU CA  HA   sing N N 165 
LEU C   O    doub N N 166 
LEU C   OXT  sing N N 167 
LEU CB  CG   sing N N 168 
LEU CB  HB2  sing N N 169 
LEU CB  HB3  sing N N 170 
LEU CG  CD1  sing N N 171 
LEU CG  CD2  sing N N 172 
LEU CG  HG   sing N N 173 
LEU CD1 HD11 sing N N 174 
LEU CD1 HD12 sing N N 175 
LEU CD1 HD13 sing N N 176 
LEU CD2 HD21 sing N N 177 
LEU CD2 HD22 sing N N 178 
LEU CD2 HD23 sing N N 179 
LEU OXT HXT  sing N N 180 
LYS N   CA   sing N N 181 
LYS N   H    sing N N 182 
LYS N   H2   sing N N 183 
LYS CA  C    sing N N 184 
LYS CA  CB   sing N N 185 
LYS CA  HA   sing N N 186 
LYS C   O    doub N N 187 
LYS C   OXT  sing N N 188 
LYS CB  CG   sing N N 189 
LYS CB  HB2  sing N N 190 
LYS CB  HB3  sing N N 191 
LYS CG  CD   sing N N 192 
LYS CG  HG2  sing N N 193 
LYS CG  HG3  sing N N 194 
LYS CD  CE   sing N N 195 
LYS CD  HD2  sing N N 196 
LYS CD  HD3  sing N N 197 
LYS CE  NZ   sing N N 198 
LYS CE  HE2  sing N N 199 
LYS CE  HE3  sing N N 200 
LYS NZ  HZ1  sing N N 201 
LYS NZ  HZ2  sing N N 202 
LYS NZ  HZ3  sing N N 203 
LYS OXT HXT  sing N N 204 
MET N   CA   sing N N 205 
MET N   H    sing N N 206 
MET N   H2   sing N N 207 
MET CA  C    sing N N 208 
MET CA  CB   sing N N 209 
MET CA  HA   sing N N 210 
MET C   O    doub N N 211 
MET C   OXT  sing N N 212 
MET CB  CG   sing N N 213 
MET CB  HB2  sing N N 214 
MET CB  HB3  sing N N 215 
MET CG  SD   sing N N 216 
MET CG  HG2  sing N N 217 
MET CG  HG3  sing N N 218 
MET SD  CE   sing N N 219 
MET CE  HE1  sing N N 220 
MET CE  HE2  sing N N 221 
MET CE  HE3  sing N N 222 
MET OXT HXT  sing N N 223 
PHE N   CA   sing N N 224 
PHE N   H    sing N N 225 
PHE N   H2   sing N N 226 
PHE CA  C    sing N N 227 
PHE CA  CB   sing N N 228 
PHE CA  HA   sing N N 229 
PHE C   O    doub N N 230 
PHE C   OXT  sing N N 231 
PHE CB  CG   sing N N 232 
PHE CB  HB2  sing N N 233 
PHE CB  HB3  sing N N 234 
PHE CG  CD1  doub Y N 235 
PHE CG  CD2  sing Y N 236 
PHE CD1 CE1  sing Y N 237 
PHE CD1 HD1  sing N N 238 
PHE CD2 CE2  doub Y N 239 
PHE CD2 HD2  sing N N 240 
PHE CE1 CZ   doub Y N 241 
PHE CE1 HE1  sing N N 242 
PHE CE2 CZ   sing Y N 243 
PHE CE2 HE2  sing N N 244 
PHE CZ  HZ   sing N N 245 
PHE OXT HXT  sing N N 246 
PRO N   CA   sing N N 247 
PRO N   CD   sing N N 248 
PRO N   H    sing N N 249 
PRO CA  C    sing N N 250 
PRO CA  CB   sing N N 251 
PRO CA  HA   sing N N 252 
PRO C   O    doub N N 253 
PRO C   OXT  sing N N 254 
PRO CB  CG   sing N N 255 
PRO CB  HB2  sing N N 256 
PRO CB  HB3  sing N N 257 
PRO CG  CD   sing N N 258 
PRO CG  HG2  sing N N 259 
PRO CG  HG3  sing N N 260 
PRO CD  HD2  sing N N 261 
PRO CD  HD3  sing N N 262 
PRO OXT HXT  sing N N 263 
SER N   CA   sing N N 264 
SER N   H    sing N N 265 
SER N   H2   sing N N 266 
SER CA  C    sing N N 267 
SER CA  CB   sing N N 268 
SER CA  HA   sing N N 269 
SER C   O    doub N N 270 
SER C   OXT  sing N N 271 
SER CB  OG   sing N N 272 
SER CB  HB2  sing N N 273 
SER CB  HB3  sing N N 274 
SER OG  HG   sing N N 275 
SER OXT HXT  sing N N 276 
THR N   CA   sing N N 277 
THR N   H    sing N N 278 
THR N   H2   sing N N 279 
THR CA  C    sing N N 280 
THR CA  CB   sing N N 281 
THR CA  HA   sing N N 282 
THR C   O    doub N N 283 
THR C   OXT  sing N N 284 
THR CB  OG1  sing N N 285 
THR CB  CG2  sing N N 286 
THR CB  HB   sing N N 287 
THR OG1 HG1  sing N N 288 
THR CG2 HG21 sing N N 289 
THR CG2 HG22 sing N N 290 
THR CG2 HG23 sing N N 291 
THR OXT HXT  sing N N 292 
TRP N   CA   sing N N 293 
TRP N   H    sing N N 294 
TRP N   H2   sing N N 295 
TRP CA  C    sing N N 296 
TRP CA  CB   sing N N 297 
TRP CA  HA   sing N N 298 
TRP C   O    doub N N 299 
TRP C   OXT  sing N N 300 
TRP CB  CG   sing N N 301 
TRP CB  HB2  sing N N 302 
TRP CB  HB3  sing N N 303 
TRP CG  CD1  doub Y N 304 
TRP CG  CD2  sing Y N 305 
TRP CD1 NE1  sing Y N 306 
TRP CD1 HD1  sing N N 307 
TRP CD2 CE2  doub Y N 308 
TRP CD2 CE3  sing Y N 309 
TRP NE1 CE2  sing Y N 310 
TRP NE1 HE1  sing N N 311 
TRP CE2 CZ2  sing Y N 312 
TRP CE3 CZ3  doub Y N 313 
TRP CE3 HE3  sing N N 314 
TRP CZ2 CH2  doub Y N 315 
TRP CZ2 HZ2  sing N N 316 
TRP CZ3 CH2  sing Y N 317 
TRP CZ3 HZ3  sing N N 318 
TRP CH2 HH2  sing N N 319 
TRP OXT HXT  sing N N 320 
TYR N   CA   sing N N 321 
TYR N   H    sing N N 322 
TYR N   H2   sing N N 323 
TYR CA  C    sing N N 324 
TYR CA  CB   sing N N 325 
TYR CA  HA   sing N N 326 
TYR C   O    doub N N 327 
TYR C   OXT  sing N N 328 
TYR CB  CG   sing N N 329 
TYR CB  HB2  sing N N 330 
TYR CB  HB3  sing N N 331 
TYR CG  CD1  doub Y N 332 
TYR CG  CD2  sing Y N 333 
TYR CD1 CE1  sing Y N 334 
TYR CD1 HD1  sing N N 335 
TYR CD2 CE2  doub Y N 336 
TYR CD2 HD2  sing N N 337 
TYR CE1 CZ   doub Y N 338 
TYR CE1 HE1  sing N N 339 
TYR CE2 CZ   sing Y N 340 
TYR CE2 HE2  sing N N 341 
TYR CZ  OH   sing N N 342 
TYR OH  HH   sing N N 343 
TYR OXT HXT  sing N N 344 
VAL N   CA   sing N N 345 
VAL N   H    sing N N 346 
VAL N   H2   sing N N 347 
VAL CA  C    sing N N 348 
VAL CA  CB   sing N N 349 
VAL CA  HA   sing N N 350 
VAL C   O    doub N N 351 
VAL C   OXT  sing N N 352 
VAL CB  CG1  sing N N 353 
VAL CB  CG2  sing N N 354 
VAL CB  HB   sing N N 355 
VAL CG1 HG11 sing N N 356 
VAL CG1 HG12 sing N N 357 
VAL CG1 HG13 sing N N 358 
VAL CG2 HG21 sing N N 359 
VAL CG2 HG22 sing N N 360 
VAL CG2 HG23 sing N N 361 
VAL OXT HXT  sing N N 362 
# 
_pdbx_audit_support.funding_organization   'Other government' 
_pdbx_audit_support.country                ? 
_pdbx_audit_support.grant_number           ? 
_pdbx_audit_support.ordinal                1 
# 
_pdbx_initial_refinement_model.id               1 
_pdbx_initial_refinement_model.entity_id_list   ? 
_pdbx_initial_refinement_model.type             'in silico model' 
_pdbx_initial_refinement_model.source_name      AlphaFold 
_pdbx_initial_refinement_model.accession_code   ? 
_pdbx_initial_refinement_model.details          ? 
# 
_atom_sites.entry_id                    9ILD 
_atom_sites.Cartn_transf_matrix[1][1]   ? 
_atom_sites.Cartn_transf_matrix[1][2]   ? 
_atom_sites.Cartn_transf_matrix[1][3]   ? 
_atom_sites.Cartn_transf_matrix[2][1]   ? 
_atom_sites.Cartn_transf_matrix[2][2]   ? 
_atom_sites.Cartn_transf_matrix[2][3]   ? 
_atom_sites.Cartn_transf_matrix[3][1]   ? 
_atom_sites.Cartn_transf_matrix[3][2]   ? 
_atom_sites.Cartn_transf_matrix[3][3]   ? 
_atom_sites.Cartn_transf_vector[1]      ? 
_atom_sites.Cartn_transf_vector[2]      ? 
_atom_sites.Cartn_transf_vector[3]      ? 
_atom_sites.Cartn_transform_axes        ? 
_atom_sites.fract_transf_matrix[1][1]   -0.00086788 
_atom_sites.fract_transf_matrix[1][2]   0.01279665 
_atom_sites.fract_transf_matrix[1][3]   -0.01430361 
_atom_sites.fract_transf_matrix[2][1]   -0.00956708 
_atom_sites.fract_transf_matrix[2][2]   -0.01185254 
_atom_sites.fract_transf_matrix[2][3]   -0.01002332 
_atom_sites.fract_transf_matrix[3][1]   -0.01426209 
_atom_sites.fract_transf_matrix[3][2]   0.00613707 
_atom_sites.fract_transf_matrix[3][3]   0.00635586 
_atom_sites.fract_transf_vector[1]      0.035588 
_atom_sites.fract_transf_vector[2]      0.073984 
_atom_sites.fract_transf_vector[3]      0.392496 
_atom_sites.solution_primary            ? 
_atom_sites.solution_secondary          ? 
_atom_sites.solution_hydrogens          ? 
_atom_sites.special_details             ? 
# 
loop_
_atom_type.symbol 
C  
N  
O  
S  
ZN 
# 
loop_
_atom_site.group_PDB 
_atom_site.id 
_atom_site.type_symbol 
_atom_site.label_atom_id 
_atom_site.label_alt_id 
_atom_site.label_comp_id 
_atom_site.label_asym_id 
_atom_site.label_entity_id 
_atom_site.label_seq_id 
_atom_site.pdbx_PDB_ins_code 
_atom_site.Cartn_x 
_atom_site.Cartn_y 
_atom_site.Cartn_z 
_atom_site.occupancy 
_atom_site.B_iso_or_equiv 
_atom_site.pdbx_formal_charge 
_atom_site.auth_seq_id 
_atom_site.auth_comp_id 
_atom_site.auth_asym_id 
_atom_site.auth_atom_id 
_atom_site.pdbx_PDB_model_num 
ATOM   1    N  N   . MET A 1 3   ? 5.694   -16.373 2.475   1.00 70.10 ? 3   MET A N   1 
ATOM   2    C  CA  . MET A 1 3   ? 4.493   -16.021 1.727   1.00 60.77 ? 3   MET A CA  1 
ATOM   3    C  C   . MET A 1 3   ? 3.286   -15.912 2.648   1.00 59.38 ? 3   MET A C   1 
ATOM   4    O  O   . MET A 1 3   ? 2.155   -15.747 2.191   1.00 64.79 ? 3   MET A O   1 
ATOM   5    C  CB  . MET A 1 3   ? 4.223   -17.050 0.631   1.00 64.67 ? 3   MET A CB  1 
ATOM   6    C  CG  . MET A 1 3   ? 4.873   -16.707 -0.699  1.00 79.33 ? 3   MET A CG  1 
ATOM   7    S  SD  . MET A 1 3   ? 4.963   -14.924 -0.987  1.00 61.83 ? 3   MET A SD  1 
ATOM   8    C  CE  . MET A 1 3   ? 6.298   -14.849 -2.179  1.00 54.09 ? 3   MET A CE  1 
ATOM   9    N  N   . ASN A 1 4   ? 3.530   -16.034 3.950   1.00 60.21 ? 4   ASN A N   1 
ATOM   10   C  CA  . ASN A 1 4   ? 2.478   -15.833 4.936   1.00 55.11 ? 4   ASN A CA  1 
ATOM   11   C  C   . ASN A 1 4   ? 2.285   -14.341 5.176   1.00 50.30 ? 4   ASN A C   1 
ATOM   12   O  O   . ASN A 1 4   ? 2.744   -13.513 4.381   1.00 41.80 ? 4   ASN A O   1 
ATOM   13   C  CB  . ASN A 1 4   ? 2.814   -16.562 6.241   1.00 54.47 ? 4   ASN A CB  1 
ATOM   14   C  CG  . ASN A 1 4   ? 1.580   -16.893 7.059   1.00 53.81 ? 4   ASN A CG  1 
ATOM   15   O  OD1 . ASN A 1 4   ? 0.467   -16.931 6.536   1.00 57.90 ? 4   ASN A OD1 1 
ATOM   16   N  ND2 . ASN A 1 4   ? 1.774   -17.136 8.351   1.00 60.80 ? 4   ASN A ND2 1 
ATOM   17   N  N   . GLU A 1 5   ? 1.613   -13.985 6.264   1.00 42.80 ? 5   GLU A N   1 
ATOM   18   C  CA  . GLU A 1 5   ? 1.377   -12.582 6.547   1.00 40.63 ? 5   GLU A CA  1 
ATOM   19   C  C   . GLU A 1 5   ? 2.664   -11.898 7.000   1.00 41.39 ? 5   GLU A C   1 
ATOM   20   O  O   . GLU A 1 5   ? 3.593   -12.525 7.516   1.00 40.24 ? 5   GLU A O   1 
ATOM   21   C  CB  . GLU A 1 5   ? 0.295   -12.427 7.615   1.00 40.42 ? 5   GLU A CB  1 
ATOM   22   C  CG  . GLU A 1 5   ? 0.750   -12.787 9.016   1.00 47.50 ? 5   GLU A CG  1 
ATOM   23   C  CD  . GLU A 1 5   ? -0.400  -13.199 9.905   1.00 47.95 ? 5   GLU A CD  1 
ATOM   24   O  OE1 . GLU A 1 5   ? -0.157  -13.904 10.909  1.00 62.32 ? 5   GLU A OE1 1 
ATOM   25   O  OE2 . GLU A 1 5   ? -1.549  -12.818 9.598   1.00 40.31 ? 5   GLU A OE2 1 
ATOM   26   N  N   . LEU A 1 6   ? 2.710   -10.590 6.778   1.00 30.22 ? 6   LEU A N   1 
ATOM   27   C  CA  . LEU A 1 6   ? 3.753   -9.732  7.314   1.00 29.51 ? 6   LEU A CA  1 
ATOM   28   C  C   . LEU A 1 6   ? 3.118   -8.761  8.296   1.00 29.08 ? 6   LEU A C   1 
ATOM   29   O  O   . LEU A 1 6   ? 2.016   -8.255  8.057   1.00 29.97 ? 6   LEU A O   1 
ATOM   30   C  CB  . LEU A 1 6   ? 4.479   -8.972  6.202   1.00 30.05 ? 6   LEU A CB  1 
ATOM   31   C  CG  . LEU A 1 6   ? 5.272   -9.832  5.217   1.00 34.23 ? 6   LEU A CG  1 
ATOM   32   C  CD1 . LEU A 1 6   ? 5.996   -8.964  4.203   1.00 28.00 ? 6   LEU A CD1 1 
ATOM   33   C  CD2 . LEU A 1 6   ? 6.252   -10.725 5.963   1.00 37.57 ? 6   LEU A CD2 1 
ATOM   34   N  N   . VAL A 1 7   ? 3.801   -8.521  9.412   1.00 32.93 ? 7   VAL A N   1 
ATOM   35   C  CA  . VAL A 1 7   ? 3.304   -7.634  10.457  1.00 34.36 ? 7   VAL A CA  1 
ATOM   36   C  C   . VAL A 1 7   ? 4.355   -6.570  10.734  1.00 34.59 ? 7   VAL A C   1 
ATOM   37   O  O   . VAL A 1 7   ? 5.507   -6.893  11.042  1.00 29.37 ? 7   VAL A O   1 
ATOM   38   C  CB  . VAL A 1 7   ? 2.949   -8.397  11.749  1.00 34.44 ? 7   VAL A CB  1 
ATOM   39   C  CG1 . VAL A 1 7   ? 2.463   -7.419  12.813  1.00 29.65 ? 7   VAL A CG1 1 
ATOM   40   C  CG2 . VAL A 1 7   ? 1.894   -9.455  11.468  1.00 28.89 ? 7   VAL A CG2 1 
ATOM   41   N  N   . PHE A 1 8   ? 3.953   -5.305  10.630  1.00 29.92 ? 8   PHE A N   1 
ATOM   42   C  CA  . PHE A 1 8   ? 4.812   -4.163  10.898  1.00 30.84 ? 8   PHE A CA  1 
ATOM   43   C  C   . PHE A 1 8   ? 4.199   -3.324  12.015  1.00 29.78 ? 8   PHE A C   1 
ATOM   44   O  O   . PHE A 1 8   ? 2.980   -3.299  12.204  1.00 29.37 ? 8   PHE A O   1 
ATOM   45   C  CB  . PHE A 1 8   ? 5.013   -3.316  9.634   1.00 26.84 ? 8   PHE A CB  1 
ATOM   46   C  CG  . PHE A 1 8   ? 5.762   -4.033  8.541   1.00 33.62 ? 8   PHE A CG  1 
ATOM   47   C  CD1 . PHE A 1 8   ? 7.148   -4.095  8.550   1.00 33.47 ? 8   PHE A CD1 1 
ATOM   48   C  CD2 . PHE A 1 8   ? 5.080   -4.657  7.510   1.00 32.66 ? 8   PHE A CD2 1 
ATOM   49   C  CE1 . PHE A 1 8   ? 7.837   -4.760  7.545   1.00 24.51 ? 8   PHE A CE1 1 
ATOM   50   C  CE2 . PHE A 1 8   ? 5.766   -5.327  6.500   1.00 28.92 ? 8   PHE A CE2 1 
ATOM   51   C  CZ  . PHE A 1 8   ? 7.144   -5.377  6.520   1.00 22.08 ? 8   PHE A CZ  1 
ATOM   52   N  N   . ILE A 1 9   ? 5.054   -2.633  12.758  1.00 30.68 ? 9   ILE A N   1 
ATOM   53   C  CA  . ILE A 1 9   ? 4.647   -1.881  13.939  1.00 32.08 ? 9   ILE A CA  1 
ATOM   54   C  C   . ILE A 1 9   ? 5.260   -0.490  13.871  1.00 30.55 ? 9   ILE A C   1 
ATOM   55   O  O   . ILE A 1 9   ? 6.349   -0.312  13.316  1.00 33.27 ? 9   ILE A O   1 
ATOM   56   C  CB  . ILE A 1 9   ? 5.057   -2.598  15.245  1.00 34.95 ? 9   ILE A CB  1 
ATOM   57   C  CG1 . ILE A 1 9   ? 6.561   -2.875  15.258  1.00 38.11 ? 9   ILE A CG1 1 
ATOM   58   C  CG2 . ILE A 1 9   ? 4.292   -3.890  15.414  1.00 33.00 ? 9   ILE A CG2 1 
ATOM   59   C  CD1 . ILE A 1 9   ? 7.121   -3.283  16.638  1.00 48.47 ? 9   ILE A CD1 1 
ATOM   60   N  N   . ASP A 1 10  ? 4.564   0.495   14.442  1.00 32.56 ? 10  ASP A N   1 
ATOM   61   C  CA  . ASP A 1 10  ? 5.088   1.843   14.615  1.00 35.22 ? 10  ASP A CA  1 
ATOM   62   C  C   . ASP A 1 10  ? 5.598   2.022   16.049  1.00 29.55 ? 10  ASP A C   1 
ATOM   63   O  O   . ASP A 1 10  ? 5.675   1.070   16.832  1.00 31.28 ? 10  ASP A O   1 
ATOM   64   C  CB  . ASP A 1 10  ? 4.025   2.889   14.247  1.00 32.10 ? 10  ASP A CB  1 
ATOM   65   C  CG  . ASP A 1 10  ? 2.839   2.893   15.199  1.00 32.47 ? 10  ASP A CG  1 
ATOM   66   O  OD1 . ASP A 1 10  ? 2.770   2.002   16.070  1.00 39.04 ? 10  ASP A OD1 1 
ATOM   67   O  OD2 . ASP A 1 10  ? 1.967   3.781   15.070  1.00 33.82 ? 10  ASP A OD2 1 
ATOM   68   N  N   . ASP A 1 11  ? 5.941   3.263   16.407  1.00 32.62 ? 11  ASP A N   1 
ATOM   69   C  CA  . ASP A 1 11  ? 6.479   3.529   17.738  1.00 38.59 ? 11  ASP A CA  1 
ATOM   70   C  C   . ASP A 1 11  ? 5.433   3.387   18.835  1.00 38.07 ? 11  ASP A C   1 
ATOM   71   O  O   . ASP A 1 11  ? 5.800   3.213   20.001  1.00 48.00 ? 11  ASP A O   1 
ATOM   72   C  CB  . ASP A 1 11  ? 7.098   4.925   17.789  1.00 41.24 ? 11  ASP A CB  1 
ATOM   73   C  CG  . ASP A 1 11  ? 8.322   5.046   16.906  1.00 45.24 ? 11  ASP A CG  1 
ATOM   74   O  OD1 . ASP A 1 11  ? 9.018   4.024   16.725  1.00 36.93 ? 11  ASP A OD1 1 
ATOM   75   O  OD2 . ASP A 1 11  ? 8.585   6.154   16.389  1.00 45.27 ? 11  ASP A OD2 1 
ATOM   76   N  N   . PHE A 1 12  ? 4.145   3.459   18.495  1.00 37.59 ? 12  PHE A N   1 
ATOM   77   C  CA  . PHE A 1 12  ? 3.075   3.242   19.458  1.00 36.94 ? 12  PHE A CA  1 
ATOM   78   C  C   . PHE A 1 12  ? 2.537   1.819   19.414  1.00 40.04 ? 12  PHE A C   1 
ATOM   79   O  O   . PHE A 1 12  ? 1.473   1.548   19.982  1.00 43.15 ? 12  PHE A O   1 
ATOM   80   C  CB  . PHE A 1 12  ? 1.940   4.238   19.221  1.00 38.86 ? 12  PHE A CB  1 
ATOM   81   C  CG  . PHE A 1 12  ? 2.388   5.668   19.196  1.00 39.39 ? 12  PHE A CG  1 
ATOM   82   C  CD1 . PHE A 1 12  ? 2.555   6.375   20.375  1.00 35.43 ? 12  PHE A CD1 1 
ATOM   83   C  CD2 . PHE A 1 12  ? 2.643   6.308   17.994  1.00 40.04 ? 12  PHE A CD2 1 
ATOM   84   C  CE1 . PHE A 1 12  ? 2.968   7.692   20.357  1.00 38.91 ? 12  PHE A CE1 1 
ATOM   85   C  CE2 . PHE A 1 12  ? 3.057   7.624   17.969  1.00 36.16 ? 12  PHE A CE2 1 
ATOM   86   C  CZ  . PHE A 1 12  ? 3.218   8.318   19.153  1.00 38.87 ? 12  PHE A CZ  1 
ATOM   87   N  N   . ASP A 1 13  ? 3.250   0.909   18.748  1.00 39.50 ? 13  ASP A N   1 
ATOM   88   C  CA  . ASP A 1 13  ? 2.840   -0.487  18.593  1.00 38.68 ? 13  ASP A CA  1 
ATOM   89   C  C   . ASP A 1 13  ? 1.494   -0.612  17.883  1.00 36.19 ? 13  ASP A C   1 
ATOM   90   O  O   . ASP A 1 13  ? 0.756   -1.579  18.093  1.00 36.52 ? 13  ASP A O   1 
ATOM   91   C  CB  . ASP A 1 13  ? 2.813   -1.216  19.941  1.00 43.12 ? 13  ASP A CB  1 
ATOM   92   C  CG  . ASP A 1 13  ? 4.162   -1.807  20.301  1.00 55.99 ? 13  ASP A CG  1 
ATOM   93   O  OD1 . ASP A 1 13  ? 4.981   -1.090  20.911  1.00 60.01 ? 13  ASP A OD1 1 
ATOM   94   O  OD2 . ASP A 1 13  ? 4.406   -2.984  19.961  1.00 67.40 ? 13  ASP A OD2 1 
ATOM   95   N  N   . ASN A 1 14  ? 1.161   0.369   17.047  1.00 32.79 ? 14  ASN A N   1 
ATOM   96   C  CA  . ASN A 1 14  ? 0.040   0.226   16.127  1.00 32.76 ? 14  ASN A CA  1 
ATOM   97   C  C   . ASN A 1 14  ? 0.452   -0.716  15.004  1.00 32.39 ? 14  ASN A C   1 
ATOM   98   O  O   . ASN A 1 14  ? 1.463   -0.488  14.333  1.00 31.49 ? 14  ASN A O   1 
ATOM   99   C  CB  . ASN A 1 14  ? -0.375  1.585   15.568  1.00 32.25 ? 14  ASN A CB  1 
ATOM   100  C  CG  . ASN A 1 14  ? -0.896  2.519   16.638  1.00 40.20 ? 14  ASN A CG  1 
ATOM   101  O  OD1 . ASN A 1 14  ? -1.512  2.086   17.610  1.00 43.60 ? 14  ASN A OD1 1 
ATOM   102  N  ND2 . ASN A 1 14  ? -0.642  3.812   16.469  1.00 39.22 ? 14  ASN A ND2 1 
ATOM   103  N  N   . HIS A 1 15  ? -0.319  -1.780  14.808  1.00 35.67 ? 15  HIS A N   1 
ATOM   104  C  CA  . HIS A 1 15  ? 0.052   -2.824  13.864  1.00 32.77 ? 15  HIS A CA  1 
ATOM   105  C  C   . HIS A 1 15  ? -0.394  -2.467  12.455  1.00 28.78 ? 15  HIS A C   1 
ATOM   106  O  O   . HIS A 1 15  ? -1.471  -1.898  12.250  1.00 32.80 ? 15  HIS A O   1 
ATOM   107  C  CB  . HIS A 1 15  ? -0.563  -4.161  14.282  1.00 28.54 ? 15  HIS A CB  1 
ATOM   108  C  CG  . HIS A 1 15  ? 0.061   -4.760  15.506  1.00 33.59 ? 15  HIS A CG  1 
ATOM   109  N  ND1 . HIS A 1 15  ? 0.248   -4.048  16.671  1.00 34.60 ? 15  HIS A ND1 1 
ATOM   110  C  CD2 . HIS A 1 15  ? 0.535   -6.005  15.747  1.00 34.47 ? 15  HIS A CD2 1 
ATOM   111  C  CE1 . HIS A 1 15  ? 0.815   -4.826  17.575  1.00 26.68 ? 15  HIS A CE1 1 
ATOM   112  N  NE2 . HIS A 1 15  ? 0.998   -6.020  17.040  1.00 32.54 ? 15  HIS A NE2 1 
ATOM   113  N  N   . VAL A 1 16  ? 0.445   -2.806  11.481  1.00 30.51 ? 16  VAL A N   1 
ATOM   114  C  CA  . VAL A 1 16  ? 0.102   -2.732  10.066  1.00 28.47 ? 16  VAL A CA  1 
ATOM   115  C  C   . VAL A 1 16  ? 0.281   -4.135  9.502   1.00 25.94 ? 16  VAL A C   1 
ATOM   116  O  O   . VAL A 1 16  ? 1.414   -4.620  9.376   1.00 29.81 ? 16  VAL A O   1 
ATOM   117  C  CB  . VAL A 1 16  ? 0.963   -1.709  9.310   1.00 31.74 ? 16  VAL A CB  1 
ATOM   118  C  CG1 . VAL A 1 16  ? 0.631   -1.732  7.828   1.00 32.98 ? 16  VAL A CG1 1 
ATOM   119  C  CG2 . VAL A 1 16  ? 0.757   -0.312  9.884   1.00 25.99 ? 16  VAL A CG2 1 
ATOM   120  N  N   . VAL A 1 17  ? -0.831  -4.787  9.169   1.00 25.31 ? 17  VAL A N   1 
ATOM   121  C  CA  . VAL A 1 17  ? -0.856  -6.198  8.798   1.00 21.87 ? 17  VAL A CA  1 
ATOM   122  C  C   . VAL A 1 17  ? -1.060  -6.326  7.294   1.00 30.67 ? 17  VAL A C   1 
ATOM   123  O  O   . VAL A 1 17  ? -2.016  -5.772  6.738   1.00 24.04 ? 17  VAL A O   1 
ATOM   124  C  CB  . VAL A 1 17  ? -1.963  -6.947  9.559   1.00 25.24 ? 17  VAL A CB  1 
ATOM   125  C  CG1 . VAL A 1 17  ? -2.058  -8.396  9.087   1.00 19.54 ? 17  VAL A CG1 1 
ATOM   126  C  CG2 . VAL A 1 17  ? -1.715  -6.873  11.057  1.00 24.66 ? 17  VAL A CG2 1 
ATOM   127  N  N   . ILE A 1 18  ? -0.175  -7.070  6.640   1.00 24.68 ? 18  ILE A N   1 
ATOM   128  C  CA  . ILE A 1 18  ? -0.303  -7.387  5.221   1.00 30.63 ? 18  ILE A CA  1 
ATOM   129  C  C   . ILE A 1 18  ? -0.643  -8.867  5.116   1.00 30.99 ? 18  ILE A C   1 
ATOM   130  O  O   . ILE A 1 18  ? 0.196   -9.731  5.402   1.00 29.75 ? 18  ILE A O   1 
ATOM   131  C  CB  . ILE A 1 18  ? 0.974   -7.048  4.443   1.00 29.03 ? 18  ILE A CB  1 
ATOM   132  C  CG1 . ILE A 1 18  ? 1.443   -5.635  4.800   1.00 30.92 ? 18  ILE A CG1 1 
ATOM   133  C  CG2 . ILE A 1 18  ? 0.727   -7.167  2.952   1.00 28.00 ? 18  ILE A CG2 1 
ATOM   134  C  CD1 . ILE A 1 18  ? 2.715   -5.224  4.107   1.00 34.08 ? 18  ILE A CD1 1 
ATOM   135  N  N   . MET A 1 19  ? -1.873  -9.165  4.708   1.00 32.29 ? 19  MET A N   1 
ATOM   136  C  CA  . MET A 1 19  ? -2.332  -10.543 4.673   1.00 34.25 ? 19  MET A CA  1 
ATOM   137  C  C   . MET A 1 19  ? -1.612  -11.326 3.578   1.00 30.67 ? 19  MET A C   1 
ATOM   138  O  O   . MET A 1 19  ? -1.046  -10.761 2.638   1.00 30.15 ? 19  MET A O   1 
ATOM   139  C  CB  . MET A 1 19  ? -3.847  -10.593 4.478   1.00 27.65 ? 19  MET A CB  1 
ATOM   140  C  CG  . MET A 1 19  ? -4.599  -9.832  5.560   1.00 34.62 ? 19  MET A CG  1 
ATOM   141  S  SD  . MET A 1 19  ? -6.360  -10.193 5.647   1.00 57.97 ? 19  MET A SD  1 
ATOM   142  C  CE  . MET A 1 19  ? -6.353  -11.974 5.491   1.00 50.60 ? 19  MET A CE  1 
ATOM   143  N  N   . SER A 1 20  ? -1.651  -12.654 3.717   1.00 30.72 ? 20  SER A N   1 
ATOM   144  C  CA  . SER A 1 20  ? -0.779  -13.523 2.931   1.00 31.80 ? 20  SER A CA  1 
ATOM   145  C  C   . SER A 1 20  ? -1.084  -13.445 1.440   1.00 29.39 ? 20  SER A C   1 
ATOM   146  O  O   . SER A 1 20  ? -0.168  -13.509 0.611   1.00 27.43 ? 20  SER A O   1 
ATOM   147  C  CB  . SER A 1 20  ? -0.902  -14.963 3.429   1.00 29.28 ? 20  SER A CB  1 
ATOM   148  O  OG  . SER A 1 20  ? -2.255  -15.384 3.421   1.00 36.59 ? 20  SER A OG  1 
ATOM   149  N  N   . GLU A 1 21  ? -2.362  -13.323 1.075   1.00 23.56 ? 21  GLU A N   1 
ATOM   150  C  CA  . GLU A 1 21  ? -2.701  -13.222 -0.340  1.00 36.42 ? 21  GLU A CA  1 
ATOM   151  C  C   . GLU A 1 21  ? -2.193  -11.917 -0.943  1.00 38.69 ? 21  GLU A C   1 
ATOM   152  O  O   . GLU A 1 21  ? -1.854  -11.874 -2.133  1.00 31.92 ? 21  GLU A O   1 
ATOM   153  C  CB  . GLU A 1 21  ? -4.215  -13.355 -0.529  1.00 28.83 ? 21  GLU A CB  1 
ATOM   154  C  CG  . GLU A 1 21  ? -4.788  -14.687 -0.046  1.00 43.89 ? 21  GLU A CG  1 
ATOM   155  C  CD  . GLU A 1 21  ? -5.717  -15.332 -1.062  1.00 62.83 ? 21  GLU A CD  1 
ATOM   156  O  OE1 . GLU A 1 21  ? -5.265  -16.226 -1.810  1.00 55.67 ? 21  GLU A OE1 1 
ATOM   157  O  OE2 . GLU A 1 21  ? -6.903  -14.942 -1.114  1.00 72.81 ? 21  GLU A OE2 1 
ATOM   158  N  N   . VAL A 1 22  ? -2.124  -10.853 -0.141  1.00 30.33 ? 22  VAL A N   1 
ATOM   159  C  CA  . VAL A 1 22  ? -1.591  -9.587  -0.633  1.00 25.30 ? 22  VAL A CA  1 
ATOM   160  C  C   . VAL A 1 22  ? -0.086  -9.686  -0.847  1.00 27.42 ? 22  VAL A C   1 
ATOM   161  O  O   . VAL A 1 22  ? 0.445   -9.193  -1.850  1.00 30.08 ? 22  VAL A O   1 
ATOM   162  C  CB  . VAL A 1 22  ? -1.954  -8.447  0.335   1.00 27.35 ? 22  VAL A CB  1 
ATOM   163  C  CG1 . VAL A 1 22  ? -1.290  -7.158  -0.094  1.00 21.73 ? 22  VAL A CG1 1 
ATOM   164  C  CG2 . VAL A 1 22  ? -3.460  -8.274  0.399   1.00 26.01 ? 22  VAL A CG2 1 
ATOM   165  N  N   . VAL A 1 23  ? 0.626   -10.325 0.088   1.00 30.51 ? 23  VAL A N   1 
ATOM   166  C  CA  . VAL A 1 23  ? 2.074   -10.468 -0.051  1.00 33.32 ? 23  VAL A CA  1 
ATOM   167  C  C   . VAL A 1 23  ? 2.415   -11.232 -1.325  1.00 28.28 ? 23  VAL A C   1 
ATOM   168  O  O   . VAL A 1 23  ? 3.325   -10.849 -2.071  1.00 30.85 ? 23  VAL A O   1 
ATOM   169  C  CB  . VAL A 1 23  ? 2.669   -11.154 1.194   1.00 33.88 ? 23  VAL A CB  1 
ATOM   170  C  CG1 . VAL A 1 23  ? 4.183   -11.274 1.064   1.00 32.04 ? 23  VAL A CG1 1 
ATOM   171  C  CG2 . VAL A 1 23  ? 2.304   -10.385 2.451   1.00 28.03 ? 23  VAL A CG2 1 
ATOM   172  N  N   . MET A 1 24  ? 1.682   -12.316 -1.600  1.00 28.48 ? 24  MET A N   1 
ATOM   173  C  CA  . MET A 1 24  ? 1.934   -13.106 -2.801  1.00 34.26 ? 24  MET A CA  1 
ATOM   174  C  C   . MET A 1 24  ? 1.678   -12.292 -4.064  1.00 27.50 ? 24  MET A C   1 
ATOM   175  O  O   . MET A 1 24  ? 2.427   -12.399 -5.042  1.00 26.28 ? 24  MET A O   1 
ATOM   176  C  CB  . MET A 1 24  ? 1.067   -14.365 -2.794  1.00 28.04 ? 24  MET A CB  1 
ATOM   177  C  CG  . MET A 1 24  ? 1.393   -15.335 -1.672  1.00 43.18 ? 24  MET A CG  1 
ATOM   178  S  SD  . MET A 1 24  ? 0.544   -16.913 -1.852  1.00 53.14 ? 24  MET A SD  1 
ATOM   179  C  CE  . MET A 1 24  ? -1.117  -16.463 -1.344  1.00 40.85 ? 24  MET A CE  1 
ATOM   180  N  N   . ARG A 1 25  ? 0.614   -11.482 -4.066  1.00 28.70 ? 25  ARG A N   1 
ATOM   181  C  CA  . ARG A 1 25  ? 0.347   -10.623 -5.216  1.00 30.16 ? 25  ARG A CA  1 
ATOM   182  C  C   . ARG A 1 25  ? 1.446   -9.584  -5.392  1.00 24.73 ? 25  ARG A C   1 
ATOM   183  O  O   . ARG A 1 25  ? 1.902   -9.342  -6.516  1.00 31.84 ? 25  ARG A O   1 
ATOM   184  C  CB  . ARG A 1 25  ? -1.012  -9.943  -5.061  1.00 27.53 ? 25  ARG A CB  1 
ATOM   185  C  CG  . ARG A 1 25  ? -1.645  -9.535  -6.377  1.00 33.31 ? 25  ARG A CG  1 
ATOM   186  C  CD  . ARG A 1 25  ? -1.901  -10.748 -7.252  1.00 37.37 ? 25  ARG A CD  1 
ATOM   187  N  NE  . ARG A 1 25  ? -2.693  -11.752 -6.550  1.00 37.46 ? 25  ARG A NE  1 
ATOM   188  C  CZ  . ARG A 1 25  ? -4.018  -11.731 -6.466  1.00 43.63 ? 25  ARG A CZ  1 
ATOM   189  N  NH1 . ARG A 1 25  ? -4.705  -10.757 -7.047  1.00 38.28 ? 25  ARG A NH1 1 
ATOM   190  N  NH2 . ARG A 1 25  ? -4.658  -12.685 -5.801  1.00 52.57 ? 25  ARG A NH2 1 
ATOM   191  N  N   . LEU A 1 26  ? 1.886   -8.967  -4.292  1.00 31.69 ? 26  LEU A N   1 
ATOM   192  C  CA  . LEU A 1 26  ? 2.950   -7.969  -4.366  1.00 29.32 ? 26  LEU A CA  1 
ATOM   193  C  C   . LEU A 1 26  ? 4.245   -8.580  -4.883  1.00 33.61 ? 26  LEU A C   1 
ATOM   194  O  O   . LEU A 1 26  ? 4.881   -8.038  -5.793  1.00 37.81 ? 26  LEU A O   1 
ATOM   195  C  CB  . LEU A 1 26  ? 3.174   -7.334  -2.993  1.00 29.74 ? 26  LEU A CB  1 
ATOM   196  C  CG  . LEU A 1 26  ? 2.071   -6.434  -2.438  1.00 29.26 ? 26  LEU A CG  1 
ATOM   197  C  CD1 . LEU A 1 26  ? 2.250   -6.243  -0.941  1.00 24.56 ? 26  LEU A CD1 1 
ATOM   198  C  CD2 . LEU A 1 26  ? 2.067   -5.093  -3.154  1.00 28.42 ? 26  LEU A CD2 1 
ATOM   199  N  N   . ASN A 1 27  ? 4.652   -9.715  -4.310  1.00 30.76 ? 27  ASN A N   1 
ATOM   200  C  CA  . ASN A 1 27  ? 5.910   -10.333 -4.712  1.00 37.54 ? 27  ASN A CA  1 
ATOM   201  C  C   . ASN A 1 27  ? 5.865   -10.896 -6.128  1.00 34.39 ? 27  ASN A C   1 
ATOM   202  O  O   . ASN A 1 27  ? 6.921   -11.185 -6.696  1.00 36.24 ? 27  ASN A O   1 
ATOM   203  C  CB  . ASN A 1 27  ? 6.297   -11.423 -3.712  1.00 33.22 ? 27  ASN A CB  1 
ATOM   204  C  CG  . ASN A 1 27  ? 6.851   -10.852 -2.421  1.00 41.89 ? 27  ASN A CG  1 
ATOM   205  O  OD1 . ASN A 1 27  ? 7.263   -9.693  -2.371  1.00 41.71 ? 27  ASN A OD1 1 
ATOM   206  N  ND2 . ASN A 1 27  ? 6.869   -11.665 -1.371  1.00 39.31 ? 27  ASN A ND2 1 
ATOM   207  N  N   . SER A 1 28  ? 4.675   -11.049 -6.713  1.00 34.79 ? 28  SER A N   1 
ATOM   208  C  CA  . SER A 1 28  ? 4.578   -11.492 -8.098  1.00 34.27 ? 28  SER A CA  1 
ATOM   209  C  C   . SER A 1 28  ? 5.031   -10.427 -9.089  1.00 32.10 ? 28  SER A C   1 
ATOM   210  O  O   . SER A 1 28  ? 5.246   -10.751 -10.261 1.00 31.07 ? 28  SER A O   1 
ATOM   211  C  CB  . SER A 1 28  ? 3.143   -11.917 -8.414  1.00 25.92 ? 28  SER A CB  1 
ATOM   212  O  OG  . SER A 1 28  ? 2.245   -10.832 -8.263  1.00 36.92 ? 28  SER A OG  1 
ATOM   213  N  N   . TYR A 1 29  ? 5.181   -9.175  -8.654  1.00 32.15 ? 29  TYR A N   1 
ATOM   214  C  CA  . TYR A 1 29  ? 5.620   -8.090  -9.521  1.00 36.23 ? 29  TYR A CA  1 
ATOM   215  C  C   . TYR A 1 29  ? 7.046   -7.645  -9.216  1.00 29.49 ? 29  TYR A C   1 
ATOM   216  O  O   . TYR A 1 29  ? 7.466   -6.572  -9.664  1.00 31.10 ? 29  TYR A O   1 
ATOM   217  C  CB  . TYR A 1 29  ? 4.658   -6.907  -9.415  1.00 29.10 ? 29  TYR A CB  1 
ATOM   218  C  CG  . TYR A 1 29  ? 3.279   -7.220  -9.942  1.00 35.14 ? 29  TYR A CG  1 
ATOM   219  C  CD1 . TYR A 1 29  ? 3.029   -7.266  -11.308 1.00 37.55 ? 29  TYR A CD1 1 
ATOM   220  C  CD2 . TYR A 1 29  ? 2.230   -7.488  -9.076  1.00 29.21 ? 29  TYR A CD2 1 
ATOM   221  C  CE1 . TYR A 1 29  ? 1.769   -7.560  -11.796 1.00 29.88 ? 29  TYR A CE1 1 
ATOM   222  C  CE2 . TYR A 1 29  ? 0.968   -7.784  -9.551  1.00 35.42 ? 29  TYR A CE2 1 
ATOM   223  C  CZ  . TYR A 1 29  ? 0.743   -7.818  -10.911 1.00 32.39 ? 29  TYR A CZ  1 
ATOM   224  O  OH  . TYR A 1 29  ? -0.514  -8.113  -11.383 1.00 26.59 ? 29  TYR A OH  1 
ATOM   225  N  N   . ARG A 1 30  ? 7.797   -8.447  -8.462  1.00 31.14 ? 30  ARG A N   1 
ATOM   226  C  CA  . ARG A 1 30  ? 9.199   -8.141  -8.210  1.00 27.88 ? 30  ARG A CA  1 
ATOM   227  C  C   . ARG A 1 30  ? 9.957   -8.038  -9.525  1.00 35.89 ? 30  ARG A C   1 
ATOM   228  O  O   . ARG A 1 30  ? 9.823   -8.896  -10.402 1.00 35.26 ? 30  ARG A O   1 
ATOM   229  C  CB  . ARG A 1 30  ? 9.829   -9.218  -7.328  1.00 32.13 ? 30  ARG A CB  1 
ATOM   230  C  CG  . ARG A 1 30  ? 9.453   -9.128  -5.863  1.00 39.55 ? 30  ARG A CG  1 
ATOM   231  C  CD  . ARG A 1 30  ? 9.630   -10.468 -5.168  1.00 36.24 ? 30  ARG A CD  1 
ATOM   232  N  NE  . ARG A 1 30  ? 10.388  -10.348 -3.927  1.00 47.91 ? 30  ARG A NE  1 
ATOM   233  C  CZ  . ARG A 1 30  ? 10.429  -11.288 -2.987  1.00 56.20 ? 30  ARG A CZ  1 
ATOM   234  N  NH1 . ARG A 1 30  ? 9.754   -12.419 -3.149  1.00 57.96 ? 30  ARG A NH1 1 
ATOM   235  N  NH2 . ARG A 1 30  ? 11.144  -11.100 -1.885  1.00 55.65 ? 30  ARG A NH2 1 
ATOM   236  N  N   . GLN A 1 31  ? 10.753  -6.978  -9.661  1.00 33.09 ? 31  GLN A N   1 
ATOM   237  C  CA  . GLN A 1 31  ? 11.555  -6.760  -10.864 1.00 29.65 ? 31  GLN A CA  1 
ATOM   238  C  C   . GLN A 1 31  ? 12.790  -7.663  -10.822 1.00 37.46 ? 31  GLN A C   1 
ATOM   239  O  O   . GLN A 1 31  ? 13.924  -7.226  -10.612 1.00 41.24 ? 31  GLN A O   1 
ATOM   240  C  CB  . GLN A 1 31  ? 11.929  -5.291  -10.990 1.00 30.85 ? 31  GLN A CB  1 
ATOM   241  C  CG  . GLN A 1 31  ? 10.726  -4.369  -11.117 1.00 36.75 ? 31  GLN A CG  1 
ATOM   242  C  CD  . GLN A 1 31  ? 11.122  -2.917  -11.291 1.00 34.83 ? 31  GLN A CD  1 
ATOM   243  O  OE1 . GLN A 1 31  ? 10.801  -2.074  -10.456 1.00 33.75 ? 31  GLN A OE1 1 
ATOM   244  N  NE2 . GLN A 1 31  ? 11.816  -2.617  -12.381 1.00 34.47 ? 31  GLN A NE2 1 
ATOM   245  N  N   . THR A 1 32  ? 12.546  -8.959  -11.050 1.00 34.93 ? 32  THR A N   1 
ATOM   246  C  CA  . THR A 1 32  ? 13.600  -9.964  -10.959 1.00 40.21 ? 32  THR A CA  1 
ATOM   247  C  C   . THR A 1 32  ? 14.541  -9.951  -12.158 1.00 41.04 ? 32  THR A C   1 
ATOM   248  O  O   . THR A 1 32  ? 15.676  -10.424 -12.040 1.00 42.92 ? 32  THR A O   1 
ATOM   249  C  CB  . THR A 1 32  ? 12.996  -11.365 -10.820 1.00 38.23 ? 32  THR A CB  1 
ATOM   250  O  OG1 . THR A 1 32  ? 12.101  -11.604 -11.911 1.00 37.64 ? 32  THR A OG1 1 
ATOM   251  C  CG2 . THR A 1 32  ? 12.241  -11.504 -9.507  1.00 26.30 ? 32  THR A CG2 1 
ATOM   252  N  N   . HIS A 1 33  ? 14.100  -9.446  -13.306 1.00 34.61 ? 33  HIS A N   1 
ATOM   253  C  CA  . HIS A 1 33  ? 14.915  -9.411  -14.511 1.00 33.14 ? 33  HIS A CA  1 
ATOM   254  C  C   . HIS A 1 33  ? 15.332  -7.979  -14.821 1.00 35.35 ? 33  HIS A C   1 
ATOM   255  O  O   . HIS A 1 33  ? 14.687  -7.015  -14.401 1.00 38.05 ? 33  HIS A O   1 
ATOM   256  C  CB  . HIS A 1 33  ? 14.156  -10.001 -15.705 1.00 37.49 ? 33  HIS A CB  1 
ATOM   257  C  CG  . HIS A 1 33  ? 13.619  -11.376 -15.461 1.00 42.00 ? 33  HIS A CG  1 
ATOM   258  N  ND1 . HIS A 1 33  ? 14.428  -12.489 -15.385 1.00 38.83 ? 33  HIS A ND1 1 
ATOM   259  C  CD2 . HIS A 1 33  ? 12.351  -11.818 -15.275 1.00 39.33 ? 33  HIS A CD2 1 
ATOM   260  C  CE1 . HIS A 1 33  ? 13.682  -13.558 -15.165 1.00 46.58 ? 33  HIS A CE1 1 
ATOM   261  N  NE2 . HIS A 1 33  ? 12.419  -13.179 -15.094 1.00 42.80 ? 33  HIS A NE2 1 
ATOM   262  N  N   . TYR A 1 34  ? 16.429  -7.850  -15.570 1.00 35.24 ? 34  TYR A N   1 
ATOM   263  C  CA  . TYR A 1 34  ? 16.904  -6.525  -15.948 1.00 35.94 ? 34  TYR A CA  1 
ATOM   264  C  C   . TYR A 1 34  ? 15.962  -5.842  -16.929 1.00 38.78 ? 34  TYR A C   1 
ATOM   265  O  O   . TYR A 1 34  ? 16.046  -4.623  -17.099 1.00 35.10 ? 34  TYR A O   1 
ATOM   266  C  CB  . TYR A 1 34  ? 18.319  -6.609  -16.533 1.00 35.68 ? 34  TYR A CB  1 
ATOM   267  C  CG  . TYR A 1 34  ? 18.395  -7.122  -17.957 1.00 34.65 ? 34  TYR A CG  1 
ATOM   268  C  CD1 . TYR A 1 34  ? 18.535  -8.477  -18.219 1.00 40.18 ? 34  TYR A CD1 1 
ATOM   269  C  CD2 . TYR A 1 34  ? 18.348  -6.248  -19.037 1.00 42.13 ? 34  TYR A CD2 1 
ATOM   270  C  CE1 . TYR A 1 34  ? 18.611  -8.951  -19.516 1.00 40.65 ? 34  TYR A CE1 1 
ATOM   271  C  CE2 . TYR A 1 34  ? 18.419  -6.712  -20.335 1.00 41.31 ? 34  TYR A CE2 1 
ATOM   272  C  CZ  . TYR A 1 34  ? 18.553  -8.062  -20.570 1.00 42.09 ? 34  TYR A CZ  1 
ATOM   273  O  OH  . TYR A 1 34  ? 18.626  -8.518  -21.866 1.00 47.92 ? 34  TYR A OH  1 
ATOM   274  N  N   . THR A 1 35  ? 15.078  -6.599  -17.577 1.00 34.22 ? 35  THR A N   1 
ATOM   275  C  CA  . THR A 1 35  ? 14.064  -6.049  -18.464 1.00 37.17 ? 35  THR A CA  1 
ATOM   276  C  C   . THR A 1 35  ? 12.760  -5.732  -17.746 1.00 39.93 ? 35  THR A C   1 
ATOM   277  O  O   . THR A 1 35  ? 11.847  -5.181  -18.369 1.00 34.60 ? 35  THR A O   1 
ATOM   278  C  CB  . THR A 1 35  ? 13.777  -7.024  -19.612 1.00 32.83 ? 35  THR A CB  1 
ATOM   279  O  OG1 . THR A 1 35  ? 13.692  -8.358  -19.095 1.00 33.81 ? 35  THR A OG1 1 
ATOM   280  C  CG2 . THR A 1 35  ? 14.878  -6.957  -20.657 1.00 29.13 ? 35  THR A CG2 1 
ATOM   281  N  N   . SER A 1 36  ? 12.651  -6.067  -16.461 1.00 32.59 ? 36  SER A N   1 
ATOM   282  C  CA  . SER A 1 36  ? 11.402  -5.887  -15.732 1.00 30.86 ? 36  SER A CA  1 
ATOM   283  C  C   . SER A 1 36  ? 11.108  -4.403  -15.530 1.00 40.20 ? 36  SER A C   1 
ATOM   284  O  O   . SER A 1 36  ? 11.982  -3.633  -15.119 1.00 39.40 ? 36  SER A O   1 
ATOM   285  C  CB  . SER A 1 36  ? 11.473  -6.595  -14.381 1.00 29.44 ? 36  SER A CB  1 
ATOM   286  O  OG  . SER A 1 36  ? 11.544  -8.005  -14.537 1.00 37.02 ? 36  SER A OG  1 
ATOM   287  N  N   . THR A 1 37  ? 9.876   -4.001  -15.823 1.00 32.15 ? 37  THR A N   1 
ATOM   288  C  CA  . THR A 1 37  ? 9.457   -2.627  -15.604 1.00 33.50 ? 37  THR A CA  1 
ATOM   289  C  C   . THR A 1 37  ? 8.782   -2.491  -14.243 1.00 35.30 ? 37  THR A C   1 
ATOM   290  O  O   . THR A 1 37  ? 8.446   -3.474  -13.579 1.00 33.76 ? 37  THR A O   1 
ATOM   291  C  CB  . THR A 1 37  ? 8.516   -2.166  -16.718 1.00 37.80 ? 37  THR A CB  1 
ATOM   292  O  OG1 . THR A 1 37  ? 7.486   -3.143  -16.910 1.00 38.97 ? 37  THR A OG1 1 
ATOM   293  C  CG2 . THR A 1 37  ? 9.280   -1.984  -18.016 1.00 36.16 ? 37  THR A CG2 1 
ATOM   294  N  N   . GLU A 1 38  ? 8.588   -1.243  -13.834 1.00 28.08 ? 38  GLU A N   1 
ATOM   295  C  CA  . GLU A 1 38  ? 8.005   -0.958  -12.534 1.00 34.67 ? 38  GLU A CA  1 
ATOM   296  C  C   . GLU A 1 38  ? 6.508   -1.242  -12.536 1.00 39.56 ? 38  GLU A C   1 
ATOM   297  O  O   . GLU A 1 38  ? 5.803   -0.977  -13.515 1.00 35.29 ? 38  GLU A O   1 
ATOM   298  C  CB  . GLU A 1 38  ? 8.264   0.496   -12.147 1.00 33.33 ? 38  GLU A CB  1 
ATOM   299  C  CG  . GLU A 1 38  ? 8.189   0.785   -10.670 1.00 46.54 ? 38  GLU A CG  1 
ATOM   300  C  CD  . GLU A 1 38  ? 9.031   1.983   -10.280 1.00 48.48 ? 38  GLU A CD  1 
ATOM   301  O  OE1 . GLU A 1 38  ? 8.450   3.019   -9.899  1.00 55.24 ? 38  GLU A OE1 1 
ATOM   302  O  OE2 . GLU A 1 38  ? 10.277  1.887   -10.355 1.00 44.84 ? 38  GLU A OE2 1 
ATOM   303  N  N   . SER A 1 39  ? 6.031   -1.788  -11.425 1.00 33.68 ? 39  SER A N   1 
ATOM   304  C  CA  . SER A 1 39  ? 4.631   -2.111  -11.211 1.00 28.31 ? 39  SER A CA  1 
ATOM   305  C  C   . SER A 1 39  ? 4.150   -1.401  -9.955  1.00 32.27 ? 39  SER A C   1 
ATOM   306  O  O   . SER A 1 39  ? 4.951   -1.010  -9.105  1.00 28.25 ? 39  SER A O   1 
ATOM   307  C  CB  . SER A 1 39  ? 4.428   -3.622  -11.053 1.00 29.16 ? 39  SER A CB  1 
ATOM   308  O  OG  . SER A 1 39  ? 4.458   -4.292  -12.302 1.00 34.37 ? 39  SER A OG  1 
ATOM   309  N  N   . GLY A 1 40  ? 2.838   -1.247  -9.828  1.00 34.29 ? 40  GLY A N   1 
ATOM   310  C  CA  . GLY A 1 40  ? 2.315   -0.592  -8.645  1.00 29.90 ? 40  GLY A CA  1 
ATOM   311  C  C   . GLY A 1 40  ? 0.809   -0.476  -8.682  1.00 31.89 ? 40  GLY A C   1 
ATOM   312  O  O   . GLY A 1 40  ? 0.143   -0.915  -9.627  1.00 29.68 ? 40  GLY A O   1 
ATOM   313  N  N   . GLY A 1 41  ? 0.283   0.130   -7.623  1.00 24.80 ? 41  GLY A N   1 
ATOM   314  C  CA  . GLY A 1 41  ? -1.158  0.275   -7.477  1.00 28.85 ? 41  GLY A CA  1 
ATOM   315  C  C   . GLY A 1 41  ? -1.531  0.861   -6.130  1.00 28.52 ? 41  GLY A C   1 
ATOM   316  O  O   . GLY A 1 41  ? -0.742  1.581   -5.507  1.00 25.79 ? 41  GLY A O   1 
ATOM   317  N  N   . THR A 1 42  ? -2.743  0.541   -5.688  1.00 28.74 ? 42  THR A N   1 
ATOM   318  C  CA  . THR A 1 42  ? -3.261  1.056   -4.430  1.00 29.01 ? 42  THR A CA  1 
ATOM   319  C  C   . THR A 1 42  ? -3.236  -0.020  -3.351  1.00 31.10 ? 42  THR A C   1 
ATOM   320  O  O   . THR A 1 42  ? -3.342  -1.217  -3.633  1.00 24.27 ? 42  THR A O   1 
ATOM   321  C  CB  . THR A 1 42  ? -4.690  1.576   -4.591  1.00 23.35 ? 42  THR A CB  1 
ATOM   322  O  OG1 . THR A 1 42  ? -5.560  0.480   -4.896  1.00 26.67 ? 42  THR A OG1 1 
ATOM   323  C  CG2 . THR A 1 42  ? -4.765  2.603   -5.711  1.00 34.41 ? 42  THR A CG2 1 
ATOM   324  N  N   . LEU A 1 43  ? -3.094  0.427   -2.105  1.00 19.58 ? 43  LEU A N   1 
ATOM   325  C  CA  . LEU A 1 43  ? -3.231  -0.421  -0.931  1.00 21.25 ? 43  LEU A CA  1 
ATOM   326  C  C   . LEU A 1 43  ? -4.629  -0.210  -0.367  1.00 31.93 ? 43  LEU A C   1 
ATOM   327  O  O   . LEU A 1 43  ? -5.034  0.931   -0.108  1.00 24.93 ? 43  LEU A O   1 
ATOM   328  C  CB  . LEU A 1 43  ? -2.165  -0.086  0.111   1.00 17.80 ? 43  LEU A CB  1 
ATOM   329  C  CG  . LEU A 1 43  ? -0.713  -0.325  -0.306  1.00 25.12 ? 43  LEU A CG  1 
ATOM   330  C  CD1 . LEU A 1 43  ? 0.238   0.233   0.730   1.00 19.80 ? 43  LEU A CD1 1 
ATOM   331  C  CD2 . LEU A 1 43  ? -0.450  -1.805  -0.534  1.00 22.13 ? 43  LEU A CD2 1 
ATOM   332  N  N   . ILE A 1 44  ? -5.369  -1.301  -0.200  1.00 24.70 ? 44  ILE A N   1 
ATOM   333  C  CA  . ILE A 1 44  ? -6.756  -1.262  0.236   1.00 26.92 ? 44  ILE A CA  1 
ATOM   334  C  C   . ILE A 1 44  ? -6.910  -2.206  1.419   1.00 31.04 ? 44  ILE A C   1 
ATOM   335  O  O   . ILE A 1 44  ? -6.370  -3.318  1.413   1.00 28.14 ? 44  ILE A O   1 
ATOM   336  C  CB  . ILE A 1 44  ? -7.723  -1.651  -0.903  1.00 29.40 ? 44  ILE A CB  1 
ATOM   337  C  CG1 . ILE A 1 44  ? -7.250  -1.055  -2.230  1.00 23.89 ? 44  ILE A CG1 1 
ATOM   338  C  CG2 . ILE A 1 44  ? -9.137  -1.201  -0.587  1.00 27.58 ? 44  ILE A CG2 1 
ATOM   339  C  CD1 . ILE A 1 44  ? -8.092  -1.439  -3.412  1.00 25.04 ? 44  ILE A CD1 1 
ATOM   340  N  N   . GLY A 1 45  ? -7.644  -1.766  2.429   1.00 30.12 ? 45  GLY A N   1 
ATOM   341  C  CA  . GLY A 1 45  ? -7.794  -2.580  3.613   1.00 27.25 ? 45  GLY A CA  1 
ATOM   342  C  C   . GLY A 1 45  ? -8.715  -1.970  4.646   1.00 28.53 ? 45  GLY A C   1 
ATOM   343  O  O   . GLY A 1 45  ? -9.596  -1.169  4.330   1.00 24.55 ? 45  GLY A O   1 
ATOM   344  N  N   . GLU A 1 46  ? -8.494  -2.370  5.893   1.00 27.69 ? 46  GLU A N   1 
ATOM   345  C  CA  . GLU A 1 46  ? -9.418  -2.110  6.985   1.00 28.13 ? 46  GLU A CA  1 
ATOM   346  C  C   . GLU A 1 46  ? -8.741  -1.294  8.074   1.00 30.84 ? 46  GLU A C   1 
ATOM   347  O  O   . GLU A 1 46  ? -7.578  -1.536  8.414   1.00 31.67 ? 46  GLU A O   1 
ATOM   348  C  CB  . GLU A 1 46  ? -9.931  -3.424  7.573   1.00 34.08 ? 46  GLU A CB  1 
ATOM   349  C  CG  . GLU A 1 46  ? -11.376 -3.729  7.259   1.00 46.26 ? 46  GLU A CG  1 
ATOM   350  C  CD  . GLU A 1 46  ? -11.809 -5.077  7.791   1.00 50.37 ? 46  GLU A CD  1 
ATOM   351  O  OE1 . GLU A 1 46  ? -12.028 -5.994  6.973   1.00 56.38 ? 46  GLU A OE1 1 
ATOM   352  O  OE2 . GLU A 1 46  ? -11.923 -5.217  9.026   1.00 34.64 ? 46  GLU A OE2 1 
ATOM   353  N  N   . ARG A 1 47  ? -9.484  -0.338  8.627   1.00 28.44 ? 47  ARG A N   1 
ATOM   354  C  CA  . ARG A 1 47  ? -9.076  0.392   9.819   1.00 29.91 ? 47  ARG A CA  1 
ATOM   355  C  C   . ARG A 1 47  ? -9.711  -0.270  11.033  1.00 33.79 ? 47  ARG A C   1 
ATOM   356  O  O   . ARG A 1 47  ? -10.939 -0.377  11.113  1.00 32.44 ? 47  ARG A O   1 
ATOM   357  C  CB  . ARG A 1 47  ? -9.500  1.857   9.749   1.00 23.05 ? 47  ARG A CB  1 
ATOM   358  C  CG  . ARG A 1 47  ? -8.999  2.606   8.547   1.00 30.92 ? 47  ARG A CG  1 
ATOM   359  C  CD  . ARG A 1 47  ? -9.384  4.061   8.660   1.00 26.68 ? 47  ARG A CD  1 
ATOM   360  N  NE  . ARG A 1 47  ? -9.131  4.773   7.420   1.00 33.52 ? 47  ARG A NE  1 
ATOM   361  C  CZ  . ARG A 1 47  ? -7.948  5.267   7.081   1.00 30.39 ? 47  ARG A CZ  1 
ATOM   362  N  NH1 . ARG A 1 47  ? -6.908  5.125   7.890   1.00 27.41 ? 47  ARG A NH1 1 
ATOM   363  N  NH2 . ARG A 1 47  ? -7.811  5.900   5.931   1.00 33.44 ? 47  ARG A NH2 1 
ATOM   364  N  N   . ARG A 1 48  ? -8.878  -0.707  11.975  1.00 31.66 ? 48  ARG A N   1 
ATOM   365  C  CA  . ARG A 1 48  ? -9.340  -1.335  13.213  1.00 38.42 ? 48  ARG A CA  1 
ATOM   366  C  C   . ARG A 1 48  ? -8.700  -0.568  14.363  1.00 34.98 ? 48  ARG A C   1 
ATOM   367  O  O   . ARG A 1 48  ? -7.619  -0.928  14.837  1.00 34.74 ? 48  ARG A O   1 
ATOM   368  C  CB  . ARG A 1 48  ? -8.996  -2.820  13.240  1.00 27.29 ? 48  ARG A CB  1 
ATOM   369  C  CG  . ARG A 1 48  ? -9.542  -3.583  12.041  1.00 34.80 ? 48  ARG A CG  1 
ATOM   370  C  CD  . ARG A 1 48  ? -9.126  -5.039  12.067  1.00 30.37 ? 48  ARG A CD  1 
ATOM   371  N  NE  . ARG A 1 48  ? -9.810  -5.788  13.116  1.00 37.02 ? 48  ARG A NE  1 
ATOM   372  C  CZ  . ARG A 1 48  ? -10.887 -6.540  12.914  1.00 35.70 ? 48  ARG A CZ  1 
ATOM   373  N  NH1 . ARG A 1 48  ? -11.406 -6.649  11.696  1.00 32.40 ? 48  ARG A NH1 1 
ATOM   374  N  NH2 . ARG A 1 48  ? -11.444 -7.188  13.927  1.00 40.34 ? 48  ARG A NH2 1 
ATOM   375  N  N   . GLY A 1 49  ? -9.371  0.491   14.803  1.00 26.16 ? 49  GLY A N   1 
ATOM   376  C  CA  . GLY A 1 49  ? -8.767  1.382   15.779  1.00 30.26 ? 49  GLY A CA  1 
ATOM   377  C  C   . GLY A 1 49  ? -7.589  2.101   15.151  1.00 37.59 ? 49  GLY A C   1 
ATOM   378  O  O   . GLY A 1 49  ? -7.696  2.689   14.069  1.00 35.60 ? 49  GLY A O   1 
ATOM   379  N  N   . GLN A 1 50  ? -6.446  2.050   15.829  1.00 43.64 ? 50  GLN A N   1 
ATOM   380  C  CA  . GLN A 1 50  ? -5.203  2.590   15.297  1.00 45.49 ? 50  GLN A CA  1 
ATOM   381  C  C   . GLN A 1 50  ? -4.439  1.583   14.447  1.00 46.09 ? 50  GLN A C   1 
ATOM   382  O  O   . GLN A 1 50  ? -3.398  1.930   13.881  1.00 44.17 ? 50  GLN A O   1 
ATOM   383  C  CB  . GLN A 1 50  ? -4.315  3.086   16.441  1.00 53.53 ? 50  GLN A CB  1 
ATOM   384  C  CG  . GLN A 1 50  ? -4.656  4.487   16.916  1.00 57.11 ? 50  GLN A CG  1 
ATOM   385  C  CD  . GLN A 1 50  ? -4.717  5.481   15.775  1.00 65.30 ? 50  GLN A CD  1 
ATOM   386  O  OE1 . GLN A 1 50  ? -5.800  5.876   15.339  1.00 64.43 ? 50  GLN A OE1 1 
ATOM   387  N  NE2 . GLN A 1 50  ? -3.552  5.893   15.285  1.00 57.51 ? 50  GLN A NE2 1 
ATOM   388  N  N   . HIS A 1 51  ? -4.929  0.353   14.344  1.00 36.13 ? 51  HIS A N   1 
ATOM   389  C  CA  . HIS A 1 51  ? -4.294  -0.669  13.528  1.00 34.77 ? 51  HIS A CA  1 
ATOM   390  C  C   . HIS A 1 51  ? -4.847  -0.638  12.108  1.00 35.28 ? 51  HIS A C   1 
ATOM   391  O  O   . HIS A 1 51  ? -5.954  -0.158  11.854  1.00 27.78 ? 51  HIS A O   1 
ATOM   392  C  CB  . HIS A 1 51  ? -4.509  -2.052  14.141  1.00 29.20 ? 51  HIS A CB  1 
ATOM   393  C  CG  . HIS A 1 51  ? -4.153  -2.134  15.592  1.00 38.83 ? 51  HIS A CG  1 
ATOM   394  N  ND1 . HIS A 1 51  ? -2.883  -1.879  16.063  1.00 35.24 ? 51  HIS A ND1 1 
ATOM   395  C  CD2 . HIS A 1 51  ? -4.903  -2.434  16.679  1.00 38.87 ? 51  HIS A CD2 1 
ATOM   396  C  CE1 . HIS A 1 51  ? -2.864  -2.023  17.375  1.00 35.46 ? 51  HIS A CE1 1 
ATOM   397  N  NE2 . HIS A 1 51  ? -4.077  -2.361  17.774  1.00 36.10 ? 51  HIS A NE2 1 
ATOM   398  N  N   . LEU A 1 52  ? -4.053  -1.161  11.177  1.00 30.46 ? 52  LEU A N   1 
ATOM   399  C  CA  . LEU A 1 52  ? -4.443  -1.261  9.778   1.00 25.27 ? 52  LEU A CA  1 
ATOM   400  C  C   . LEU A 1 52  ? -4.177  -2.672  9.280   1.00 29.11 ? 52  LEU A C   1 
ATOM   401  O  O   . LEU A 1 52  ? -3.172  -3.290  9.646   1.00 27.93 ? 52  LEU A O   1 
ATOM   402  C  CB  . LEU A 1 52  ? -3.685  -0.249  8.911   1.00 30.06 ? 52  LEU A CB  1 
ATOM   403  C  CG  . LEU A 1 52  ? -3.955  1.233   9.176   1.00 34.22 ? 52  LEU A CG  1 
ATOM   404  C  CD1 . LEU A 1 52  ? -3.121  2.094   8.242   1.00 31.35 ? 52  LEU A CD1 1 
ATOM   405  C  CD2 . LEU A 1 52  ? -5.432  1.547   9.020   1.00 27.81 ? 52  LEU A CD2 1 
ATOM   406  N  N   . VAL A 1 53  ? -5.083  -3.181  8.449   1.00 26.62 ? 53  VAL A N   1 
ATOM   407  C  CA  . VAL A 1 53  ? -4.974  -4.518  7.873   1.00 23.10 ? 53  VAL A CA  1 
ATOM   408  C  C   . VAL A 1 53  ? -5.156  -4.386  6.369   1.00 26.65 ? 53  VAL A C   1 
ATOM   409  O  O   . VAL A 1 53  ? -6.241  -4.015  5.901   1.00 21.99 ? 53  VAL A O   1 
ATOM   410  C  CB  . VAL A 1 53  ? -6.003  -5.494  8.461   1.00 22.82 ? 53  VAL A CB  1 
ATOM   411  C  CG1 . VAL A 1 53  ? -5.926  -6.832  7.742   1.00 25.47 ? 53  VAL A CG1 1 
ATOM   412  C  CG2 . VAL A 1 53  ? -5.777  -5.673  9.957   1.00 26.93 ? 53  VAL A CG2 1 
ATOM   413  N  N   . ILE A 1 54  ? -4.106  -4.691  5.611   1.00 21.73 ? 54  ILE A N   1 
ATOM   414  C  CA  . ILE A 1 54  ? -4.154  -4.610  4.154   1.00 21.71 ? 54  ILE A CA  1 
ATOM   415  C  C   . ILE A 1 54  ? -4.801  -5.888  3.629   1.00 27.21 ? 54  ILE A C   1 
ATOM   416  O  O   . ILE A 1 54  ? -4.228  -6.974  3.742   1.00 27.64 ? 54  ILE A O   1 
ATOM   417  C  CB  . ILE A 1 54  ? -2.756  -4.411  3.556   1.00 21.39 ? 54  ILE A CB  1 
ATOM   418  C  CG1 . ILE A 1 54  ? -2.016  -3.284  4.281   1.00 26.59 ? 54  ILE A CG1 1 
ATOM   419  C  CG2 . ILE A 1 54  ? -2.851  -4.115  2.066   1.00 19.75 ? 54  ILE A CG2 1 
ATOM   420  C  CD1 . ILE A 1 54  ? -2.714  -1.950  4.218   1.00 32.59 ? 54  ILE A CD1 1 
ATOM   421  N  N   . THR A 1 55  ? -5.996  -5.762  3.049   1.00 23.07 ? 55  THR A N   1 
ATOM   422  C  CA  . THR A 1 55  ? -6.728  -6.923  2.557   1.00 23.04 ? 55  THR A CA  1 
ATOM   423  C  C   . THR A 1 55  ? -6.628  -7.103  1.053   1.00 21.37 ? 55  THR A C   1 
ATOM   424  O  O   . THR A 1 55  ? -6.658  -8.240  0.576   1.00 24.90 ? 55  THR A O   1 
ATOM   425  C  CB  . THR A 1 55  ? -8.212  -6.832  2.936   1.00 22.29 ? 55  THR A CB  1 
ATOM   426  O  OG1 . THR A 1 55  ? -8.732  -5.565  2.524   1.00 19.22 ? 55  THR A OG1 1 
ATOM   427  C  CG2 . THR A 1 55  ? -8.383  -6.971  4.436   1.00 32.48 ? 55  THR A CG2 1 
ATOM   428  N  N   . HIS A 1 56  ? -6.512  -6.013  0.296   1.00 28.13 ? 56  HIS A N   1 
ATOM   429  C  CA  . HIS A 1 56  ? -6.490  -6.080  -1.158  1.00 20.86 ? 56  HIS A CA  1 
ATOM   430  C  C   . HIS A 1 56  ? -5.526  -5.039  -1.705  1.00 27.41 ? 56  HIS A C   1 
ATOM   431  O  O   . HIS A 1 56  ? -5.146  -4.085  -1.020  1.00 26.16 ? 56  HIS A O   1 
ATOM   432  C  CB  . HIS A 1 56  ? -7.880  -5.846  -1.770  1.00 24.65 ? 56  HIS A CB  1 
ATOM   433  C  CG  . HIS A 1 56  ? -8.922  -6.818  -1.308  1.00 22.13 ? 56  HIS A CG  1 
ATOM   434  N  ND1 . HIS A 1 56  ? -9.601  -6.671  -0.118  1.00 26.50 ? 56  HIS A ND1 1 
ATOM   435  C  CD2 . HIS A 1 56  ? -9.406  -7.943  -1.883  1.00 25.50 ? 56  HIS A CD2 1 
ATOM   436  C  CE1 . HIS A 1 56  ? -10.456 -7.669  0.024   1.00 24.01 ? 56  HIS A CE1 1 
ATOM   437  N  NE2 . HIS A 1 56  ? -10.356 -8.456  -1.033  1.00 25.33 ? 56  HIS A NE2 1 
ATOM   438  N  N   . ILE A 1 57  ? -5.134  -5.237  -2.965  1.00 23.82 ? 57  ILE A N   1 
ATOM   439  C  CA  . ILE A 1 57  ? -4.387  -4.243  -3.720  1.00 30.84 ? 57  ILE A CA  1 
ATOM   440  C  C   . ILE A 1 57  ? -4.984  -4.156  -5.116  1.00 30.62 ? 57  ILE A C   1 
ATOM   441  O  O   . ILE A 1 57  ? -5.640  -5.082  -5.597  1.00 20.99 ? 57  ILE A O   1 
ATOM   442  C  CB  . ILE A 1 57  ? -2.876  -4.559  -3.818  1.00 25.67 ? 57  ILE A CB  1 
ATOM   443  C  CG1 . ILE A 1 57  ? -2.653  -5.881  -4.556  1.00 24.25 ? 57  ILE A CG1 1 
ATOM   444  C  CG2 . ILE A 1 57  ? -2.232  -4.576  -2.439  1.00 26.96 ? 57  ILE A CG2 1 
ATOM   445  C  CD1 . ILE A 1 57  ? -1.261  -6.028  -5.128  1.00 24.57 ? 57  ILE A CD1 1 
ATOM   446  N  N   . SER A 1 58  ? -4.759  -3.016  -5.760  1.00 27.68 ? 58  SER A N   1 
ATOM   447  C  CA  . SER A 1 58  ? -5.001  -2.894  -7.186  1.00 29.47 ? 58  SER A CA  1 
ATOM   448  C  C   . SER A 1 58  ? -3.704  -3.201  -7.919  1.00 31.09 ? 58  SER A C   1 
ATOM   449  O  O   . SER A 1 58  ? -2.616  -2.858  -7.449  1.00 26.48 ? 58  SER A O   1 
ATOM   450  C  CB  . SER A 1 58  ? -5.508  -1.497  -7.550  1.00 25.93 ? 58  SER A CB  1 
ATOM   451  O  OG  . SER A 1 58  ? -4.623  -0.493  -7.094  1.00 27.10 ? 58  SER A OG  1 
ATOM   452  N  N   . GLU A 1 59  ? -3.827  -3.859  -9.060  1.00 29.34 ? 59  GLU A N   1 
ATOM   453  C  CA  . GLU A 1 59  ? -2.684  -4.365  -9.794  1.00 30.54 ? 59  GLU A CA  1 
ATOM   454  C  C   . GLU A 1 59  ? -2.437  -3.542  -11.052 1.00 32.19 ? 59  GLU A C   1 
ATOM   455  O  O   . GLU A 1 59  ? -3.324  -2.821  -11.521 1.00 33.82 ? 59  GLU A O   1 
ATOM   456  C  CB  . GLU A 1 59  ? -2.907  -5.841  -10.151 1.00 30.32 ? 59  GLU A CB  1 
ATOM   457  C  CG  . GLU A 1 59  ? -2.723  -6.774  -8.962  1.00 29.27 ? 59  GLU A CG  1 
ATOM   458  C  CD  . GLU A 1 59  ? -3.200  -8.185  -9.237  1.00 31.35 ? 59  GLU A CD  1 
ATOM   459  O  OE1 . GLU A 1 59  ? -4.289  -8.553  -8.748  1.00 33.92 ? 59  GLU A OE1 1 
ATOM   460  O  OE2 . GLU A 1 59  ? -2.485  -8.928  -9.940  1.00 33.03 ? 59  GLU A OE2 1 
ATOM   461  N  N   . PRO A 1 60  ? -1.232  -3.601  -11.614 1.00 33.69 ? 60  PRO A N   1 
ATOM   462  C  CA  . PRO A 1 60  ? -0.948  -2.820  -12.822 1.00 30.93 ? 60  PRO A CA  1 
ATOM   463  C  C   . PRO A 1 60  ? -1.740  -3.314  -14.021 1.00 24.56 ? 60  PRO A C   1 
ATOM   464  O  O   . PRO A 1 60  ? -2.037  -4.503  -14.158 1.00 35.46 ? 60  PRO A O   1 
ATOM   465  C  CB  . PRO A 1 60  ? 0.556   -3.029  -13.038 1.00 32.28 ? 60  PRO A CB  1 
ATOM   466  C  CG  . PRO A 1 60  ? 1.072   -3.508  -11.732 1.00 38.12 ? 60  PRO A CG  1 
ATOM   467  C  CD  . PRO A 1 60  ? -0.031  -4.289  -11.113 1.00 25.38 ? 60  PRO A CD  1 
ATOM   468  N  N   . GLY A 1 61  ? -2.086  -2.370  -14.897 1.00 25.64 ? 61  GLY A N   1 
ATOM   469  C  CA  . GLY A 1 61  ? -2.660  -2.695  -16.182 1.00 31.23 ? 61  GLY A CA  1 
ATOM   470  C  C   . GLY A 1 61  ? -1.917  -1.953  -17.279 1.00 29.92 ? 61  GLY A C   1 
ATOM   471  O  O   . GLY A 1 61  ? -1.137  -1.035  -17.015 1.00 33.16 ? 61  GLY A O   1 
ATOM   472  N  N   . GLN A 1 62  ? -2.169  -2.374  -18.522 1.00 40.27 ? 62  GLN A N   1 
ATOM   473  C  CA  . GLN A 1 62  ? -1.577  -1.686  -19.665 1.00 41.41 ? 62  GLN A CA  1 
ATOM   474  C  C   . GLN A 1 62  ? -2.020  -0.234  -19.739 1.00 36.46 ? 62  GLN A C   1 
ATOM   475  O  O   . GLN A 1 62  ? -1.392  0.561   -20.445 1.00 42.34 ? 62  GLN A O   1 
ATOM   476  C  CB  . GLN A 1 62  ? -1.930  -2.414  -20.961 1.00 41.92 ? 62  GLN A CB  1 
ATOM   477  C  CG  . GLN A 1 62  ? -1.479  -3.863  -20.972 1.00 52.28 ? 62  GLN A CG  1 
ATOM   478  C  CD  . GLN A 1 62  ? -2.340  -4.751  -21.851 1.00 61.43 ? 62  GLN A CD  1 
ATOM   479  O  OE1 . GLN A 1 62  ? -2.697  -4.382  -22.970 1.00 63.39 ? 62  GLN A OE1 1 
ATOM   480  N  NE2 . GLN A 1 62  ? -2.688  -5.928  -21.339 1.00 54.76 ? 62  GLN A NE2 1 
ATOM   481  N  N   . ASP A 1 63  ? -3.089  0.117   -19.018 1.00 38.87 ? 63  ASP A N   1 
ATOM   482  C  CA  . ASP A 1 63  ? -3.513  1.502   -18.862 1.00 43.60 ? 63  ASP A CA  1 
ATOM   483  C  C   . ASP A 1 63  ? -2.439  2.362   -18.208 1.00 45.10 ? 63  ASP A C   1 
ATOM   484  O  O   . ASP A 1 63  ? -2.420  3.580   -18.416 1.00 39.90 ? 63  ASP A O   1 
ATOM   485  C  CB  . ASP A 1 63  ? -4.794  1.546   -18.019 1.00 34.54 ? 63  ASP A CB  1 
ATOM   486  C  CG  . ASP A 1 63  ? -5.806  2.532   -18.549 1.00 47.23 ? 63  ASP A CG  1 
ATOM   487  O  OD1 . ASP A 1 63  ? -5.396  3.505   -19.208 1.00 64.73 ? 63  ASP A OD1 1 
ATOM   488  O  OD2 . ASP A 1 63  ? -7.016  2.330   -18.330 1.00 48.16 ? 63  ASP A OD2 1 
ATOM   489  N  N   . ASP A 1 64  ? -1.541  1.755   -17.437 1.00 47.35 ? 64  ASP A N   1 
ATOM   490  C  CA  . ASP A 1 64  ? -0.525  2.479   -16.691 1.00 45.30 ? 64  ASP A CA  1 
ATOM   491  C  C   . ASP A 1 64  ? 0.752   2.607   -17.507 1.00 38.32 ? 64  ASP A C   1 
ATOM   492  O  O   . ASP A 1 64  ? 1.048   1.780   -18.374 1.00 36.58 ? 64  ASP A O   1 
ATOM   493  C  CB  . ASP A 1 64  ? -0.221  1.768   -15.371 1.00 36.47 ? 64  ASP A CB  1 
ATOM   494  C  CG  . ASP A 1 64  ? -1.436  1.648   -14.479 1.00 34.73 ? 64  ASP A CG  1 
ATOM   495  O  OD1 . ASP A 1 64  ? -2.222  2.616   -14.409 1.00 33.81 ? 64  ASP A OD1 1 
ATOM   496  O  OD2 . ASP A 1 64  ? -1.606  0.582   -13.847 1.00 36.70 ? 64  ASP A OD2 1 
ATOM   497  N  N   . VAL A 1 65  ? 1.513   3.655   -17.213 1.00 43.91 ? 65  VAL A N   1 
ATOM   498  C  CA  . VAL A 1 65  ? 2.831   3.854   -17.802 1.00 43.85 ? 65  VAL A CA  1 
ATOM   499  C  C   . VAL A 1 65  ? 3.840   3.139   -16.909 1.00 40.68 ? 65  VAL A C   1 
ATOM   500  O  O   . VAL A 1 65  ? 4.061   3.539   -15.764 1.00 37.64 ? 65  VAL A O   1 
ATOM   501  C  CB  . VAL A 1 65  ? 3.167   5.342   -17.945 1.00 47.56 ? 65  VAL A CB  1 
ATOM   502  C  CG1 . VAL A 1 65  ? 4.625   5.519   -18.348 1.00 40.65 ? 65  VAL A CG1 1 
ATOM   503  C  CG2 . VAL A 1 65  ? 2.245   6.002   -18.960 1.00 47.05 ? 65  VAL A CG2 1 
ATOM   504  N  N   . ARG A 1 66  ? 4.454   2.081   -17.431 1.00 40.47 ? 66  ARG A N   1 
ATOM   505  C  CA  . ARG A 1 66  ? 5.349   1.228   -16.658 1.00 37.76 ? 66  ARG A CA  1 
ATOM   506  C  C   . ARG A 1 66  ? 6.720   1.201   -17.319 1.00 39.15 ? 66  ARG A C   1 
ATOM   507  O  O   . ARG A 1 66  ? 6.859   0.726   -18.451 1.00 33.54 ? 66  ARG A O   1 
ATOM   508  C  CB  . ARG A 1 66  ? 4.779   -0.186  -16.538 1.00 32.27 ? 66  ARG A CB  1 
ATOM   509  C  CG  . ARG A 1 66  ? 3.460   -0.256  -15.784 1.00 41.93 ? 66  ARG A CG  1 
ATOM   510  C  CD  . ARG A 1 66  ? 2.930   -1.673  -15.761 1.00 45.13 ? 66  ARG A CD  1 
ATOM   511  N  NE  . ARG A 1 66  ? 3.957   -2.622  -15.343 1.00 43.87 ? 66  ARG A NE  1 
ATOM   512  C  CZ  . ARG A 1 66  ? 3.822   -3.943  -15.406 1.00 53.76 ? 66  ARG A CZ  1 
ATOM   513  N  NH1 . ARG A 1 66  ? 2.698   -4.474  -15.871 1.00 53.80 ? 66  ARG A NH1 1 
ATOM   514  N  NH2 . ARG A 1 66  ? 4.808   -4.733  -15.004 1.00 56.66 ? 66  ARG A NH2 1 
ATOM   515  N  N   . ASN A 1 67  ? 7.725   1.703   -16.608 1.00 40.27 ? 67  ASN A N   1 
ATOM   516  C  CA  . ASN A 1 67  ? 9.107   1.711   -17.065 1.00 40.15 ? 67  ASN A CA  1 
ATOM   517  C  C   . ASN A 1 67  ? 9.978   1.067   -15.993 1.00 37.12 ? 67  ASN A C   1 
ATOM   518  O  O   . ASN A 1 67  ? 9.502   0.716   -14.911 1.00 37.02 ? 67  ASN A O   1 
ATOM   519  C  CB  . ASN A 1 67  ? 9.561   3.139   -17.392 1.00 40.73 ? 67  ASN A CB  1 
ATOM   520  C  CG  . ASN A 1 67  ? 8.634   3.828   -18.371 1.00 43.53 ? 67  ASN A CG  1 
ATOM   521  O  OD1 . ASN A 1 67  ? 8.350   3.303   -19.448 1.00 55.05 ? 67  ASN A OD1 1 
ATOM   522  N  ND2 . ASN A 1 67  ? 8.154   5.012   -18.003 1.00 40.35 ? 67  ASN A ND2 1 
ATOM   523  N  N   . ARG A 1 68  ? 11.270  0.909   -16.294 1.00 38.92 ? 68  ARG A N   1 
ATOM   524  C  CA  . ARG A 1 68  ? 12.138  0.154   -15.394 1.00 41.84 ? 68  ARG A CA  1 
ATOM   525  C  C   . ARG A 1 68  ? 12.290  0.844   -14.043 1.00 42.92 ? 68  ARG A C   1 
ATOM   526  O  O   . ARG A 1 68  ? 12.240  0.187   -12.995 1.00 42.06 ? 68  ARG A O   1 
ATOM   527  C  CB  . ARG A 1 68  ? 13.507  -0.069  -16.035 1.00 38.64 ? 68  ARG A CB  1 
ATOM   528  C  CG  . ARG A 1 68  ? 14.501  -0.705  -15.082 1.00 49.12 ? 68  ARG A CG  1 
ATOM   529  C  CD  . ARG A 1 68  ? 15.219  -1.866  -15.731 1.00 48.48 ? 68  ARG A CD  1 
ATOM   530  N  NE  . ARG A 1 68  ? 16.165  -2.518  -14.830 1.00 40.96 ? 68  ARG A NE  1 
ATOM   531  C  CZ  . ARG A 1 68  ? 15.869  -3.529  -14.016 1.00 36.37 ? 68  ARG A CZ  1 
ATOM   532  N  NH1 . ARG A 1 68  ? 14.641  -4.029  -13.977 1.00 40.40 ? 68  ARG A NH1 1 
ATOM   533  N  NH2 . ARG A 1 68  ? 16.812  -4.051  -13.246 1.00 29.67 ? 68  ARG A NH2 1 
ATOM   534  N  N   . THR A 1 69  ? 12.488  2.163   -14.040 1.00 38.64 ? 69  THR A N   1 
ATOM   535  C  CA  . THR A 1 69  ? 12.655  2.911   -12.798 1.00 41.30 ? 69  THR A CA  1 
ATOM   536  C  C   . THR A 1 69  ? 11.596  3.994   -12.636 1.00 40.82 ? 69  THR A C   1 
ATOM   537  O  O   . THR A 1 69  ? 11.816  4.971   -11.913 1.00 42.26 ? 69  THR A O   1 
ATOM   538  C  CB  . THR A 1 69  ? 14.055  3.522   -12.713 1.00 38.50 ? 69  THR A CB  1 
ATOM   539  O  OG1 . THR A 1 69  ? 14.193  4.554   -13.698 1.00 42.86 ? 69  THR A OG1 1 
ATOM   540  C  CG2 . THR A 1 69  ? 15.121  2.456   -12.937 1.00 30.64 ? 69  THR A CG2 1 
ATOM   541  N  N   . GLY A 1 70  ? 10.454  3.841   -13.288 1.00 41.20 ? 70  GLY A N   1 
ATOM   542  C  CA  . GLY A 1 70  ? 9.388   4.821   -13.185 1.00 41.56 ? 70  GLY A CA  1 
ATOM   543  C  C   . GLY A 1 70  ? 8.041   4.155   -13.334 1.00 44.61 ? 70  GLY A C   1 
ATOM   544  O  O   . GLY A 1 70  ? 7.916   3.096   -13.956 1.00 39.47 ? 70  GLY A O   1 
ATOM   545  N  N   . LEU A 1 71  ? 7.022   4.784   -12.754 1.00 35.19 ? 71  LEU A N   1 
ATOM   546  C  CA  . LEU A 1 71  ? 5.670   4.251   -12.812 1.00 44.63 ? 71  LEU A CA  1 
ATOM   547  C  C   . LEU A 1 71  ? 4.681   5.403   -12.742 1.00 43.67 ? 71  LEU A C   1 
ATOM   548  O  O   . LEU A 1 71  ? 4.873   6.348   -11.974 1.00 39.97 ? 71  LEU A O   1 
ATOM   549  C  CB  . LEU A 1 71  ? 5.404   3.258   -11.675 1.00 39.63 ? 71  LEU A CB  1 
ATOM   550  C  CG  . LEU A 1 71  ? 3.947   2.819   -11.510 1.00 41.18 ? 71  LEU A CG  1 
ATOM   551  C  CD1 . LEU A 1 71  ? 3.585   1.746   -12.526 1.00 37.16 ? 71  LEU A CD1 1 
ATOM   552  C  CD2 . LEU A 1 71  ? 3.688   2.342   -10.093 1.00 40.39 ? 71  LEU A CD2 1 
ATOM   553  N  N   . GLU A 1 72  ? 3.628   5.317   -13.549 1.00 43.40 ? 72  GLU A N   1 
ATOM   554  C  CA  . GLU A 1 72  ? 2.541   6.292   -13.537 1.00 42.12 ? 72  GLU A CA  1 
ATOM   555  C  C   . GLU A 1 72  ? 1.233   5.518   -13.388 1.00 44.31 ? 72  GLU A C   1 
ATOM   556  O  O   . GLU A 1 72  ? 0.736   4.934   -14.355 1.00 36.46 ? 72  GLU A O   1 
ATOM   557  C  CB  . GLU A 1 72  ? 2.553   7.143   -14.803 1.00 43.98 ? 72  GLU A CB  1 
ATOM   558  C  CG  . GLU A 1 72  ? 1.844   8.476   -14.662 1.00 51.97 ? 72  GLU A CG  1 
ATOM   559  C  CD  . GLU A 1 72  ? 2.081   9.389   -15.849 1.00 59.87 ? 72  GLU A CD  1 
ATOM   560  O  OE1 . GLU A 1 72  ? 1.266   10.311  -16.061 1.00 58.09 ? 72  GLU A OE1 1 
ATOM   561  O  OE2 . GLU A 1 72  ? 3.083   9.184   -16.567 1.00 56.97 ? 72  GLU A OE2 1 
ATOM   562  N  N   . ARG A 1 73  ? 0.689   5.501   -12.173 1.00 43.73 ? 73  ARG A N   1 
ATOM   563  C  CA  . ARG A 1 73  ? -0.570  4.812   -11.894 1.00 40.27 ? 73  ARG A CA  1 
ATOM   564  C  C   . ARG A 1 73  ? -1.718  5.665   -12.420 1.00 47.53 ? 73  ARG A C   1 
ATOM   565  O  O   . ARG A 1 73  ? -2.190  6.581   -11.743 1.00 46.81 ? 73  ARG A O   1 
ATOM   566  C  CB  . ARG A 1 73  ? -0.722  4.547   -10.399 1.00 47.27 ? 73  ARG A CB  1 
ATOM   567  C  CG  . ARG A 1 73  ? -2.009  3.830   -10.043 1.00 47.08 ? 73  ARG A CG  1 
ATOM   568  C  CD  . ARG A 1 73  ? -2.306  3.879   -8.550  1.00 40.29 ? 73  ARG A CD  1 
ATOM   569  N  NE  . ARG A 1 73  ? -2.275  5.230   -7.992  1.00 47.60 ? 73  ARG A NE  1 
ATOM   570  C  CZ  . ARG A 1 73  ? -3.197  6.161   -8.219  1.00 40.92 ? 73  ARG A CZ  1 
ATOM   571  N  NH1 . ARG A 1 73  ? -4.226  5.906   -9.012  1.00 42.65 ? 73  ARG A NH1 1 
ATOM   572  N  NH2 . ARG A 1 73  ? -3.087  7.356   -7.655  1.00 51.95 ? 73  ARG A NH2 1 
ATOM   573  N  N   . LYS A 1 74  ? -2.179  5.358   -13.635 1.00 42.74 ? 74  LYS A N   1 
ATOM   574  C  CA  . LYS A 1 74  ? -3.212  6.144   -14.293 1.00 43.91 ? 74  LYS A CA  1 
ATOM   575  C  C   . LYS A 1 74  ? -4.500  5.385   -14.562 1.00 36.34 ? 74  LYS A C   1 
ATOM   576  O  O   . LYS A 1 74  ? -5.527  6.028   -14.802 1.00 38.16 ? 74  LYS A O   1 
ATOM   577  C  CB  . LYS A 1 74  ? -2.703  6.690   -15.635 1.00 39.16 ? 74  LYS A CB  1 
ATOM   578  C  CG  . LYS A 1 74  ? -1.277  7.184   -15.611 1.00 48.07 ? 74  LYS A CG  1 
ATOM   579  C  CD  . LYS A 1 74  ? -0.640  7.048   -16.982 1.00 50.44 ? 74  LYS A CD  1 
ATOM   580  C  CE  . LYS A 1 74  ? -1.372  7.887   -18.016 1.00 46.90 ? 74  LYS A CE  1 
ATOM   581  N  NZ  . LYS A 1 74  ? -1.197  9.343   -17.767 1.00 48.55 ? 74  LYS A NZ  1 
ATOM   582  N  N   . GLY A 1 75  ? -4.480  4.055   -14.528 1.00 31.87 ? 75  GLY A N   1 
ATOM   583  C  CA  . GLY A 1 75  ? -5.628  3.295   -14.991 1.00 35.25 ? 75  GLY A CA  1 
ATOM   584  C  C   . GLY A 1 75  ? -6.871  3.584   -14.170 1.00 36.59 ? 75  GLY A C   1 
ATOM   585  O  O   . GLY A 1 75  ? -6.814  3.740   -12.947 1.00 35.06 ? 75  GLY A O   1 
ATOM   586  N  N   . ILE A 1 76  ? -8.011  3.659   -14.862 1.00 31.11 ? 76  ILE A N   1 
ATOM   587  C  CA  . ILE A 1 76  ? -9.287  3.858   -14.187 1.00 38.63 ? 76  ILE A CA  1 
ATOM   588  C  C   . ILE A 1 76  ? -9.676  2.649   -13.348 1.00 29.85 ? 76  ILE A C   1 
ATOM   589  O  O   . ILE A 1 76  ? -10.520 2.770   -12.451 1.00 35.19 ? 76  ILE A O   1 
ATOM   590  C  CB  . ILE A 1 76  ? -10.397 4.174   -15.205 1.00 39.16 ? 76  ILE A CB  1 
ATOM   591  C  CG1 . ILE A 1 76  ? -10.541 3.025   -16.207 1.00 31.80 ? 76  ILE A CG1 1 
ATOM   592  C  CG2 . ILE A 1 76  ? -10.117 5.488   -15.917 1.00 35.46 ? 76  ILE A CG2 1 
ATOM   593  C  CD1 . ILE A 1 76  ? -11.747 3.151   -17.113 1.00 34.47 ? 76  ILE A CD1 1 
ATOM   594  N  N   . HIS A 1 77  ? -9.088  1.480   -13.615 1.00 26.25 ? 77  HIS A N   1 
ATOM   595  C  CA  . HIS A 1 77  ? -9.431  0.283   -12.856 1.00 29.61 ? 77  HIS A CA  1 
ATOM   596  C  C   . HIS A 1 77  ? -8.959  0.352   -11.409 1.00 30.62 ? 77  HIS A C   1 
ATOM   597  O  O   . HIS A 1 77  ? -9.497  -0.370  -10.563 1.00 34.62 ? 77  HIS A O   1 
ATOM   598  C  CB  . HIS A 1 77  ? -8.850  -0.958  -13.537 1.00 31.02 ? 77  HIS A CB  1 
ATOM   599  C  CG  . HIS A 1 77  ? -7.356  -1.045  -13.471 1.00 31.14 ? 77  HIS A CG  1 
ATOM   600  N  ND1 . HIS A 1 77  ? -6.534  -0.446  -14.401 1.00 34.81 ? 77  HIS A ND1 1 
ATOM   601  C  CD2 . HIS A 1 77  ? -6.536  -1.664  -12.588 1.00 32.18 ? 77  HIS A CD2 1 
ATOM   602  C  CE1 . HIS A 1 77  ? -5.272  -0.689  -14.093 1.00 30.16 ? 77  HIS A CE1 1 
ATOM   603  N  NE2 . HIS A 1 77  ? -5.247  -1.427  -12.998 1.00 34.83 ? 77  HIS A NE2 1 
ATOM   604  N  N   . HIS A 1 78  ? -7.971  1.197   -11.107 1.00 27.62 ? 78  HIS A N   1 
ATOM   605  C  CA  . HIS A 1 78  ? -7.530  1.355   -9.724  1.00 29.46 ? 78  HIS A CA  1 
ATOM   606  C  C   . HIS A 1 78  ? -8.636  1.952   -8.861  1.00 34.54 ? 78  HIS A C   1 
ATOM   607  O  O   . HIS A 1 78  ? -8.917  1.455   -7.764  1.00 29.63 ? 78  HIS A O   1 
ATOM   608  C  CB  . HIS A 1 78  ? -6.275  2.226   -9.667  1.00 24.20 ? 78  HIS A CB  1 
ATOM   609  C  CG  . HIS A 1 78  ? -5.093  1.625   -10.360 1.00 28.57 ? 78  HIS A CG  1 
ATOM   610  N  ND1 . HIS A 1 78  ? -4.217  0.768   -9.729  1.00 27.94 ? 78  HIS A ND1 1 
ATOM   611  C  CD2 . HIS A 1 78  ? -4.637  1.762   -11.628 1.00 30.01 ? 78  HIS A CD2 1 
ATOM   612  C  CE1 . HIS A 1 78  ? -3.276  0.400   -10.579 1.00 31.52 ? 78  HIS A CE1 1 
ATOM   613  N  NE2 . HIS A 1 78  ? -3.507  0.989   -11.739 1.00 30.22 ? 78  HIS A NE2 1 
ATOM   614  N  N   . GLN A 1 79  ? -9.275  3.020   -9.342  1.00 33.40 ? 79  GLN A N   1 
ATOM   615  C  CA  . GLN A 1 79  ? -10.378 3.617   -8.596  1.00 34.13 ? 79  GLN A CA  1 
ATOM   616  C  C   . GLN A 1 79  ? -11.569 2.669   -8.513  1.00 31.08 ? 79  GLN A C   1 
ATOM   617  O  O   . GLN A 1 79  ? -12.254 2.618   -7.484  1.00 34.87 ? 79  GLN A O   1 
ATOM   618  C  CB  . GLN A 1 79  ? -10.787 4.944   -9.233  1.00 28.73 ? 79  GLN A CB  1 
ATOM   619  C  CG  . GLN A 1 79  ? -11.917 5.670   -8.511  1.00 24.40 ? 79  GLN A CG  1 
ATOM   620  C  CD  . GLN A 1 79  ? -11.476 6.281   -7.197  1.00 30.49 ? 79  GLN A CD  1 
ATOM   621  O  OE1 . GLN A 1 79  ? -10.683 7.221   -7.174  1.00 40.49 ? 79  GLN A OE1 1 
ATOM   622  N  NE2 . GLN A 1 79  ? -11.988 5.749   -6.092  1.00 36.72 ? 79  GLN A NE2 1 
ATOM   623  N  N   . GLN A 1 80  ? -11.820 1.902   -9.579  1.00 28.57 ? 80  GLN A N   1 
ATOM   624  C  CA  . GLN A 1 80  ? -12.942 0.967   -9.578  1.00 36.22 ? 80  GLN A CA  1 
ATOM   625  C  C   . GLN A 1 80  ? -12.774 -0.108  -8.515  1.00 34.70 ? 80  GLN A C   1 
ATOM   626  O  O   . GLN A 1 80  ? -13.749 -0.492  -7.857  1.00 38.50 ? 80  GLN A O   1 
ATOM   627  C  CB  . GLN A 1 80  ? -13.097 0.328   -10.954 1.00 29.04 ? 80  GLN A CB  1 
ATOM   628  C  CG  . GLN A 1 80  ? -14.186 0.972   -11.764 1.00 44.33 ? 80  GLN A CG  1 
ATOM   629  C  CD  . GLN A 1 80  ? -15.558 0.805   -11.155 1.00 37.60 ? 80  GLN A CD  1 
ATOM   630  O  OE1 . GLN A 1 80  ? -16.008 -0.308  -10.898 1.00 44.46 ? 80  GLN A OE1 1 
ATOM   631  N  NE2 . GLN A 1 80  ? -16.242 1.920   -10.937 1.00 49.05 ? 80  GLN A NE2 1 
ATOM   632  N  N   . LYS A 1 81  ? -11.553 -0.615  -8.341  1.00 31.22 ? 81  LYS A N   1 
ATOM   633  C  CA  . LYS A 1 81  ? -11.305 -1.594  -7.288  1.00 31.54 ? 81  LYS A CA  1 
ATOM   634  C  C   . LYS A 1 81  ? -11.628 -1.005  -5.922  1.00 28.82 ? 81  LYS A C   1 
ATOM   635  O  O   . LYS A 1 81  ? -12.313 -1.632  -5.106  1.00 30.60 ? 81  LYS A O   1 
ATOM   636  C  CB  . LYS A 1 81  ? -9.854  -2.071  -7.350  1.00 26.50 ? 81  LYS A CB  1 
ATOM   637  C  CG  . LYS A 1 81  ? -9.548  -3.246  -6.438  1.00 40.02 ? 81  LYS A CG  1 
ATOM   638  C  CD  . LYS A 1 81  ? -9.564  -4.566  -7.190  1.00 47.21 ? 81  LYS A CD  1 
ATOM   639  C  CE  . LYS A 1 81  ? -9.114  -5.713  -6.294  1.00 43.98 ? 81  LYS A CE  1 
ATOM   640  N  NZ  . LYS A 1 81  ? -8.893  -6.971  -7.058  1.00 54.63 ? 81  LYS A NZ  1 
ATOM   641  N  N   . VAL A 1 82  ? -11.158 0.219   -5.665  1.00 30.46 ? 82  VAL A N   1 
ATOM   642  C  CA  . VAL A 1 82  ? -11.524 0.918   -4.436  1.00 27.78 ? 82  VAL A CA  1 
ATOM   643  C  C   . VAL A 1 82  ? -13.034 1.096   -4.358  1.00 32.62 ? 82  VAL A C   1 
ATOM   644  O  O   . VAL A 1 82  ? -13.643 0.914   -3.297  1.00 31.90 ? 82  VAL A O   1 
ATOM   645  C  CB  . VAL A 1 82  ? -10.787 2.268   -4.357  1.00 30.55 ? 82  VAL A CB  1 
ATOM   646  C  CG1 . VAL A 1 82  ? -11.343 3.119   -3.221  1.00 27.03 ? 82  VAL A CG1 1 
ATOM   647  C  CG2 . VAL A 1 82  ? -9.291  2.048   -4.182  1.00 26.98 ? 82  VAL A CG2 1 
ATOM   648  N  N   . ASN A 1 83  ? -13.660 1.442   -5.486  1.00 37.86 ? 83  ASN A N   1 
ATOM   649  C  CA  . ASN A 1 83  ? -15.105 1.658   -5.516  1.00 40.94 ? 83  ASN A CA  1 
ATOM   650  C  C   . ASN A 1 83  ? -15.866 0.376   -5.202  1.00 36.82 ? 83  ASN A C   1 
ATOM   651  O  O   . ASN A 1 83  ? -16.785 0.369   -4.376  1.00 33.10 ? 83  ASN A O   1 
ATOM   652  C  CB  . ASN A 1 83  ? -15.519 2.198   -6.885  1.00 32.42 ? 83  ASN A CB  1 
ATOM   653  C  CG  . ASN A 1 83  ? -15.410 3.703   -6.978  1.00 40.32 ? 83  ASN A CG  1 
ATOM   654  O  OD1 . ASN A 1 83  ? -16.094 4.335   -7.785  1.00 57.24 ? 83  ASN A OD1 1 
ATOM   655  N  ND2 . ASN A 1 83  ? -14.560 4.288   -6.146  1.00 41.52 ? 83  ASN A ND2 1 
ATOM   656  N  N   . ASP A 1 84  ? -15.495 -0.722  -5.860  1.00 31.09 ? 84  ASP A N   1 
ATOM   657  C  CA  . ASP A 1 84  ? -16.252 -1.959  -5.716  1.00 35.41 ? 84  ASP A CA  1 
ATOM   658  C  C   . ASP A 1 84  ? -16.011 -2.612  -4.359  1.00 37.66 ? 84  ASP A C   1 
ATOM   659  O  O   . ASP A 1 84  ? -16.955 -3.102  -3.728  1.00 35.56 ? 84  ASP A O   1 
ATOM   660  C  CB  . ASP A 1 84  ? -15.903 -2.916  -6.852  1.00 36.59 ? 84  ASP A CB  1 
ATOM   661  C  CG  . ASP A 1 84  ? -16.425 -2.434  -8.193  1.00 55.21 ? 84  ASP A CG  1 
ATOM   662  O  OD1 . ASP A 1 84  ? -17.426 -1.683  -8.205  1.00 44.34 ? 84  ASP A OD1 1 
ATOM   663  O  OD2 . ASP A 1 84  ? -15.838 -2.803  -9.233  1.00 53.47 ? 84  ASP A OD2 1 
ATOM   664  N  N   . LEU A 1 85  ? -14.761 -2.626  -3.889  1.00 35.36 ? 85  LEU A N   1 
ATOM   665  C  CA  . LEU A 1 85  ? -14.487 -3.186  -2.570  1.00 29.88 ? 85  LEU A CA  1 
ATOM   666  C  C   . LEU A 1 85  ? -15.210 -2.415  -1.475  1.00 28.15 ? 85  LEU A C   1 
ATOM   667  O  O   . LEU A 1 85  ? -15.623 -3.006  -0.470  1.00 28.44 ? 85  LEU A O   1 
ATOM   668  C  CB  . LEU A 1 85  ? -12.984 -3.206  -2.298  1.00 26.96 ? 85  LEU A CB  1 
ATOM   669  C  CG  . LEU A 1 85  ? -12.160 -4.208  -3.103  1.00 30.58 ? 85  LEU A CG  1 
ATOM   670  C  CD1 . LEU A 1 85  ? -10.681 -3.895  -2.972  1.00 23.82 ? 85  LEU A CD1 1 
ATOM   671  C  CD2 . LEU A 1 85  ? -12.462 -5.629  -2.654  1.00 39.15 ? 85  LEU A CD2 1 
ATOM   672  N  N   . PHE A 1 86  ? -15.370 -1.100  -1.643  1.00 30.16 ? 86  PHE A N   1 
ATOM   673  C  CA  . PHE A 1 86  ? -16.184 -0.337  -0.701  1.00 28.72 ? 86  PHE A CA  1 
ATOM   674  C  C   . PHE A 1 86  ? -17.625 -0.826  -0.709  1.00 26.71 ? 86  PHE A C   1 
ATOM   675  O  O   . PHE A 1 86  ? -18.266 -0.912  0.344   1.00 30.31 ? 86  PHE A O   1 
ATOM   676  C  CB  . PHE A 1 86  ? -16.129 1.156   -1.030  1.00 28.36 ? 86  PHE A CB  1 
ATOM   677  C  CG  . PHE A 1 86  ? -16.882 2.019   -0.053  1.00 36.54 ? 86  PHE A CG  1 
ATOM   678  C  CD1 . PHE A 1 86  ? -18.246 2.227   -0.192  1.00 29.84 ? 86  PHE A CD1 1 
ATOM   679  C  CD2 . PHE A 1 86  ? -16.225 2.618   1.010   1.00 35.77 ? 86  PHE A CD2 1 
ATOM   680  C  CE1 . PHE A 1 86  ? -18.938 3.011   0.707   1.00 28.39 ? 86  PHE A CE1 1 
ATOM   681  C  CE2 . PHE A 1 86  ? -16.911 3.406   1.911   1.00 29.14 ? 86  PHE A CE2 1 
ATOM   682  C  CZ  . PHE A 1 86  ? -18.269 3.599   1.761   1.00 37.09 ? 86  PHE A CZ  1 
ATOM   683  N  N   . GLN A 1 87  ? -18.154 -1.147  -1.892  1.00 32.84 ? 87  GLN A N   1 
ATOM   684  C  CA  . GLN A 1 87  ? -19.535 -1.606  -1.985  1.00 34.60 ? 87  GLN A CA  1 
ATOM   685  C  C   . GLN A 1 87  ? -19.698 -2.984  -1.358  1.00 34.10 ? 87  GLN A C   1 
ATOM   686  O  O   . GLN A 1 87  ? -20.603 -3.203  -0.545  1.00 34.76 ? 87  GLN A O   1 
ATOM   687  C  CB  . GLN A 1 87  ? -19.983 -1.622  -3.446  1.00 32.24 ? 87  GLN A CB  1 
ATOM   688  C  CG  . GLN A 1 87  ? -20.017 -0.252  -4.093  1.00 34.90 ? 87  GLN A CG  1 
ATOM   689  C  CD  . GLN A 1 87  ? -21.260 0.534   -3.729  1.00 58.31 ? 87  GLN A CD  1 
ATOM   690  O  OE1 . GLN A 1 87  ? -22.333 -0.037  -3.533  1.00 68.39 ? 87  GLN A OE1 1 
ATOM   691  N  NE2 . GLN A 1 87  ? -21.121 1.852   -3.633  1.00 53.46 ? 87  GLN A NE2 1 
ATOM   692  N  N   . GLN A 1 88  ? -18.825 -3.927  -1.722  1.00 28.75 ? 88  GLN A N   1 
ATOM   693  C  CA  . GLN A 1 88  ? -18.963 -5.293  -1.227  1.00 32.27 ? 88  GLN A CA  1 
ATOM   694  C  C   . GLN A 1 88  ? -18.791 -5.371  0.283   1.00 35.76 ? 88  GLN A C   1 
ATOM   695  O  O   . GLN A 1 88  ? -19.390 -6.238  0.930   1.00 38.15 ? 88  GLN A O   1 
ATOM   696  C  CB  . GLN A 1 88  ? -17.949 -6.209  -1.911  1.00 36.66 ? 88  GLN A CB  1 
ATOM   697  C  CG  . GLN A 1 88  ? -18.010 -6.206  -3.427  1.00 44.65 ? 88  GLN A CG  1 
ATOM   698  C  CD  . GLN A 1 88  ? -16.974 -7.125  -4.044  1.00 50.27 ? 88  GLN A CD  1 
ATOM   699  O  OE1 . GLN A 1 88  ? -16.228 -7.803  -3.335  1.00 47.46 ? 88  GLN A OE1 1 
ATOM   700  N  NE2 . GLN A 1 88  ? -16.922 -7.154  -5.371  1.00 55.90 ? 88  GLN A NE2 1 
ATOM   701  N  N   . SER A 1 89  ? -17.983 -4.486  0.862   1.00 33.52 ? 89  SER A N   1 
ATOM   702  C  CA  . SER A 1 89  ? -17.670 -4.529  2.283   1.00 33.58 ? 89  SER A CA  1 
ATOM   703  C  C   . SER A 1 89  ? -18.537 -3.599  3.114   1.00 29.12 ? 89  SER A C   1 
ATOM   704  O  O   . SER A 1 89  ? -18.325 -3.503  4.327   1.00 28.58 ? 89  SER A O   1 
ATOM   705  C  CB  . SER A 1 89  ? -16.191 -4.192  2.508   1.00 32.86 ? 89  SER A CB  1 
ATOM   706  O  OG  . SER A 1 89  ? -15.889 -2.880  2.060   1.00 32.68 ? 89  SER A OG  1 
ATOM   707  N  N   . ASN A 1 90  ? -19.498 -2.912  2.495   1.00 33.56 ? 90  ASN A N   1 
ATOM   708  C  CA  . ASN A 1 90  ? -20.384 -1.984  3.198   1.00 35.78 ? 90  ASN A CA  1 
ATOM   709  C  C   . ASN A 1 90  ? -19.590 -0.886  3.902   1.00 29.36 ? 90  ASN A C   1 
ATOM   710  O  O   . ASN A 1 90  ? -19.950 -0.431  4.988   1.00 34.90 ? 90  ASN A O   1 
ATOM   711  C  CB  . ASN A 1 90  ? -21.292 -2.727  4.183   1.00 32.88 ? 90  ASN A CB  1 
ATOM   712  C  CG  . ASN A 1 90  ? -21.843 -4.015  3.604   1.00 37.11 ? 90  ASN A CG  1 
ATOM   713  O  OD1 . ASN A 1 90  ? -22.590 -3.997  2.625   1.00 45.94 ? 90  ASN A OD1 1 
ATOM   714  N  ND2 . ASN A 1 90  ? -21.482 -5.139  4.208   1.00 43.20 ? 90  ASN A ND2 1 
ATOM   715  N  N   . GLY A 1 91  ? -18.493 -0.463  3.278   1.00 29.16 ? 91  GLY A N   1 
ATOM   716  C  CA  . GLY A 1 91  ? -17.697 0.634   3.785   1.00 32.43 ? 91  GLY A CA  1 
ATOM   717  C  C   . GLY A 1 91  ? -16.606 0.263   4.764   1.00 35.81 ? 91  GLY A C   1 
ATOM   718  O  O   . GLY A 1 91  ? -16.062 1.158   5.422   1.00 33.19 ? 91  GLY A O   1 
ATOM   719  N  N   . PHE A 1 92  ? -16.267 -1.019  4.887   1.00 27.15 ? 92  PHE A N   1 
ATOM   720  C  CA  . PHE A 1 92  ? -15.222 -1.436  5.813   1.00 33.14 ? 92  PHE A CA  1 
ATOM   721  C  C   . PHE A 1 92  ? -13.863 -1.613  5.151   1.00 29.70 ? 92  PHE A C   1 
ATOM   722  O  O   . PHE A 1 92  ? -12.838 -1.427  5.813   1.00 30.18 ? 92  PHE A O   1 
ATOM   723  C  CB  . PHE A 1 92  ? -15.624 -2.738  6.514   1.00 34.73 ? 92  PHE A CB  1 
ATOM   724  C  CG  . PHE A 1 92  ? -16.663 -2.551  7.585   1.00 31.49 ? 92  PHE A CG  1 
ATOM   725  C  CD1 . PHE A 1 92  ? -16.302 -2.137  8.855   1.00 34.51 ? 92  PHE A CD1 1 
ATOM   726  C  CD2 . PHE A 1 92  ? -18.001 -2.784  7.320   1.00 28.10 ? 92  PHE A CD2 1 
ATOM   727  C  CE1 . PHE A 1 92  ? -17.258 -1.963  9.841   1.00 35.79 ? 92  PHE A CE1 1 
ATOM   728  C  CE2 . PHE A 1 92  ? -18.957 -2.613  8.300   1.00 33.39 ? 92  PHE A CE2 1 
ATOM   729  C  CZ  . PHE A 1 92  ? -18.586 -2.201  9.562   1.00 24.87 ? 92  PHE A CZ  1 
ATOM   730  N  N   . ILE A 1 93  ? -13.822 -1.958  3.869   1.00 26.09 ? 93  ILE A N   1 
ATOM   731  C  CA  . ILE A 1 93  ? -12.570 -2.097  3.131   1.00 29.40 ? 93  ILE A CA  1 
ATOM   732  C  C   . ILE A 1 93  ? -12.369 -0.812  2.336   1.00 26.12 ? 93  ILE A C   1 
ATOM   733  O  O   . ILE A 1 93  ? -13.093 -0.546  1.369   1.00 32.27 ? 93  ILE A O   1 
ATOM   734  C  CB  . ILE A 1 93  ? -12.582 -3.334  2.222   1.00 23.54 ? 93  ILE A CB  1 
ATOM   735  C  CG1 . ILE A 1 93  ? -12.692 -4.606  3.066   1.00 29.00 ? 93  ILE A CG1 1 
ATOM   736  C  CG2 . ILE A 1 93  ? -11.329 -3.379  1.364   1.00 21.75 ? 93  ILE A CG2 1 
ATOM   737  C  CD1 . ILE A 1 93  ? -12.726 -5.886  2.253   1.00 31.55 ? 93  ILE A CD1 1 
ATOM   738  N  N   . VAL A 1 94  ? -11.389 -0.005  2.748   1.00 26.65 ? 94  VAL A N   1 
ATOM   739  C  CA  . VAL A 1 94  ? -11.219 1.346   2.230   1.00 25.41 ? 94  VAL A CA  1 
ATOM   740  C  C   . VAL A 1 94  ? -9.806  1.522   1.688   1.00 33.62 ? 94  VAL A C   1 
ATOM   741  O  O   . VAL A 1 94  ? -8.892  0.750   1.987   1.00 30.26 ? 94  VAL A O   1 
ATOM   742  C  CB  . VAL A 1 94  ? -11.509 2.413   3.306   1.00 30.85 ? 94  VAL A CB  1 
ATOM   743  C  CG1 . VAL A 1 94  ? -12.917 2.243   3.860   1.00 29.41 ? 94  VAL A CG1 1 
ATOM   744  C  CG2 . VAL A 1 94  ? -10.476 2.326   4.423   1.00 31.07 ? 94  VAL A CG2 1 
ATOM   745  N  N   . TYR A 1 95  ? -9.641  2.571   0.883   1.00 26.51 ? 95  TYR A N   1 
ATOM   746  C  CA  . TYR A 1 95  ? -8.338  2.914   0.331   1.00 26.04 ? 95  TYR A CA  1 
ATOM   747  C  C   . TYR A 1 95  ? -7.388  3.319   1.452   1.00 28.63 ? 95  TYR A C   1 
ATOM   748  O  O   . TYR A 1 95  ? -7.754  4.097   2.339   1.00 28.80 ? 95  TYR A O   1 
ATOM   749  C  CB  . TYR A 1 95  ? -8.496  4.043   -0.689  1.00 33.34 ? 95  TYR A CB  1 
ATOM   750  C  CG  . TYR A 1 95  ? -7.210  4.698   -1.147  1.00 28.96 ? 95  TYR A CG  1 
ATOM   751  C  CD1 . TYR A 1 95  ? -6.387  4.082   -2.081  1.00 28.41 ? 95  TYR A CD1 1 
ATOM   752  C  CD2 . TYR A 1 95  ? -6.835  5.947   -0.668  1.00 27.73 ? 95  TYR A CD2 1 
ATOM   753  C  CE1 . TYR A 1 95  ? -5.219  4.682   -2.512  1.00 27.61 ? 95  TYR A CE1 1 
ATOM   754  C  CE2 . TYR A 1 95  ? -5.670  6.557   -1.093  1.00 30.37 ? 95  TYR A CE2 1 
ATOM   755  C  CZ  . TYR A 1 95  ? -4.864  5.921   -2.014  1.00 31.87 ? 95  TYR A CZ  1 
ATOM   756  O  OH  . TYR A 1 95  ? -3.701  6.524   -2.439  1.00 33.76 ? 95  TYR A OH  1 
ATOM   757  N  N   . LEU A 1 96  ? -6.165  2.783   1.420   1.00 24.28 ? 96  LEU A N   1 
ATOM   758  C  CA  . LEU A 1 96  ? -5.204  3.018   2.490   1.00 31.41 ? 96  LEU A CA  1 
ATOM   759  C  C   . LEU A 1 96  ? -3.847  3.535   2.031   1.00 31.70 ? 96  LEU A C   1 
ATOM   760  O  O   . LEU A 1 96  ? -3.048  3.930   2.887   1.00 27.87 ? 96  LEU A O   1 
ATOM   761  C  CB  . LEU A 1 96  ? -4.983  1.733   3.305   1.00 29.46 ? 96  LEU A CB  1 
ATOM   762  C  CG  . LEU A 1 96  ? -6.087  1.370   4.301   1.00 32.41 ? 96  LEU A CG  1 
ATOM   763  C  CD1 . LEU A 1 96  ? -5.698  0.137   5.099   1.00 31.65 ? 96  LEU A CD1 1 
ATOM   764  C  CD2 . LEU A 1 96  ? -6.388  2.543   5.223   1.00 22.98 ? 96  LEU A CD2 1 
ATOM   765  N  N   . GLY A 1 97  ? -3.551  3.542   0.737   1.00 24.45 ? 97  GLY A N   1 
ATOM   766  C  CA  . GLY A 1 97  ? -2.278  4.083   0.295   1.00 25.95 ? 97  GLY A CA  1 
ATOM   767  C  C   . GLY A 1 97  ? -1.863  3.502   -1.046  1.00 23.73 ? 97  GLY A C   1 
ATOM   768  O  O   . GLY A 1 97  ? -2.691  3.007   -1.809  1.00 26.85 ? 97  GLY A O   1 
ATOM   769  N  N   . GLU A 1 98  ? -0.558  3.579   -1.305  1.00 22.76 ? 98  GLU A N   1 
ATOM   770  C  CA  . GLU A 1 98  ? 0.010   3.246   -2.603  1.00 29.97 ? 98  GLU A CA  1 
ATOM   771  C  C   . GLU A 1 98  ? 1.180   2.285   -2.446  1.00 26.26 ? 98  GLU A C   1 
ATOM   772  O  O   . GLU A 1 98  ? 1.859   2.264   -1.415  1.00 25.57 ? 98  GLU A O   1 
ATOM   773  C  CB  . GLU A 1 98  ? 0.490   4.508   -3.343  1.00 29.11 ? 98  GLU A CB  1 
ATOM   774  C  CG  . GLU A 1 98  ? -0.554  5.607   -3.473  1.00 25.53 ? 98  GLU A CG  1 
ATOM   775  C  CD  . GLU A 1 98  ? -1.540  5.341   -4.586  1.00 31.85 ? 98  GLU A CD  1 
ATOM   776  O  OE1 . GLU A 1 98  ? -2.710  5.764   -4.465  1.00 36.88 ? 98  GLU A OE1 1 
ATOM   777  O  OE2 . GLU A 1 98  ? -1.144  4.699   -5.583  1.00 32.98 ? 98  GLU A OE2 1 
ATOM   778  N  N   . TRP A 1 99  ? 1.419   1.499   -3.492  1.00 25.75 ? 99  TRP A N   1 
ATOM   779  C  CA  . TRP A 1 99  ? 2.567   0.612   -3.553  1.00 23.53 ? 99  TRP A CA  1 
ATOM   780  C  C   . TRP A 1 99  ? 3.164   0.665   -4.951  1.00 29.45 ? 99  TRP A C   1 
ATOM   781  O  O   . TRP A 1 99  ? 2.467   0.947   -5.929  1.00 30.70 ? 99  TRP A O   1 
ATOM   782  C  CB  . TRP A 1 99  ? 2.189   -0.836  -3.194  1.00 23.05 ? 99  TRP A CB  1 
ATOM   783  C  CG  . TRP A 1 99  ? 1.358   -1.526  -4.239  1.00 26.35 ? 99  TRP A CG  1 
ATOM   784  C  CD1 . TRP A 1 99  ? -0.002  -1.502  -4.352  1.00 28.12 ? 99  TRP A CD1 1 
ATOM   785  C  CD2 . TRP A 1 99  ? 1.834   -2.354  -5.309  1.00 23.52 ? 99  TRP A CD2 1 
ATOM   786  N  NE1 . TRP A 1 99  ? -0.401  -2.256  -5.429  1.00 24.94 ? 99  TRP A NE1 1 
ATOM   787  C  CE2 . TRP A 1 99  ? 0.706   -2.791  -6.034  1.00 26.57 ? 99  TRP A CE2 1 
ATOM   788  C  CE3 . TRP A 1 99  ? 3.104   -2.768  -5.727  1.00 26.14 ? 99  TRP A CE3 1 
ATOM   789  C  CZ2 . TRP A 1 99  ? 0.809   -3.618  -7.153  1.00 23.13 ? 99  TRP A CZ2 1 
ATOM   790  C  CZ3 . TRP A 1 99  ? 3.204   -3.593  -6.840  1.00 28.65 ? 99  TRP A CZ3 1 
ATOM   791  C  CH2 . TRP A 1 99  ? 2.062   -4.007  -7.539  1.00 25.20 ? 99  TRP A CH2 1 
ATOM   792  N  N   . HIS A 1 100 ? 4.464   0.405   -5.034  1.00 24.79 ? 100 HIS A N   1 
ATOM   793  C  CA  . HIS A 1 100 ? 5.138   0.239   -6.315  1.00 26.40 ? 100 HIS A CA  1 
ATOM   794  C  C   . HIS A 1 100 ? 6.407   -0.574  -6.081  1.00 25.71 ? 100 HIS A C   1 
ATOM   795  O  O   . HIS A 1 100 ? 6.770   -0.877  -4.942  1.00 35.15 ? 100 HIS A O   1 
ATOM   796  C  CB  . HIS A 1 100 ? 5.428   1.591   -6.982  1.00 27.11 ? 100 HIS A CB  1 
ATOM   797  C  CG  . HIS A 1 100 ? 6.462   2.413   -6.277  1.00 37.04 ? 100 HIS A CG  1 
ATOM   798  N  ND1 . HIS A 1 100 ? 6.152   3.286   -5.258  1.00 36.85 ? 100 HIS A ND1 1 
ATOM   799  C  CD2 . HIS A 1 100 ? 7.801   2.509   -6.460  1.00 35.49 ? 100 HIS A CD2 1 
ATOM   800  C  CE1 . HIS A 1 100 ? 7.256   3.877   -4.835  1.00 40.01 ? 100 HIS A CE1 1 
ATOM   801  N  NE2 . HIS A 1 100 ? 8.270   3.422   -5.549  1.00 42.96 ? 100 HIS A NE2 1 
ATOM   802  N  N   . THR A 1 101 ? 7.073   -0.942  -7.172  1.00 27.18 ? 101 THR A N   1 
ATOM   803  C  CA  . THR A 1 101 ? 8.255   -1.787  -7.116  1.00 27.06 ? 101 THR A CA  1 
ATOM   804  C  C   . THR A 1 101 ? 9.513   -0.971  -7.383  1.00 32.67 ? 101 THR A C   1 
ATOM   805  O  O   . THR A 1 101 ? 9.464   0.133   -7.931  1.00 25.82 ? 101 THR A O   1 
ATOM   806  C  CB  . THR A 1 101 ? 8.162   -2.936  -8.127  1.00 27.36 ? 101 THR A CB  1 
ATOM   807  O  OG1 . THR A 1 101 ? 8.224   -2.414  -9.459  1.00 28.67 ? 101 THR A OG1 1 
ATOM   808  C  CG2 . THR A 1 101 ? 6.858   -3.704  -7.950  1.00 28.78 ? 101 THR A CG2 1 
ATOM   809  N  N   . HIS A 1 102 ? 10.652  -1.535  -6.977  1.00 28.12 ? 102 HIS A N   1 
ATOM   810  C  CA  . HIS A 1 102 ? 11.968  -0.956  -7.202  1.00 33.84 ? 102 HIS A CA  1 
ATOM   811  C  C   . HIS A 1 102 ? 12.907  -2.035  -7.724  1.00 33.91 ? 102 HIS A C   1 
ATOM   812  O  O   . HIS A 1 102 ? 12.936  -3.148  -7.183  1.00 27.17 ? 102 HIS A O   1 
ATOM   813  C  CB  . HIS A 1 102 ? 12.548  -0.358  -5.912  1.00 34.47 ? 102 HIS A CB  1 
ATOM   814  C  CG  . HIS A 1 102 ? 12.220  1.089   -5.710  1.00 41.52 ? 102 HIS A CG  1 
ATOM   815  N  ND1 . HIS A 1 102 ? 12.974  1.916   -4.906  1.00 39.66 ? 102 HIS A ND1 1 
ATOM   816  C  CD2 . HIS A 1 102 ? 11.213  1.853   -6.195  1.00 46.43 ? 102 HIS A CD2 1 
ATOM   817  C  CE1 . HIS A 1 102 ? 12.450  3.129   -4.907  1.00 39.72 ? 102 HIS A CE1 1 
ATOM   818  N  NE2 . HIS A 1 102 ? 11.379  3.118   -5.680  1.00 43.66 ? 102 HIS A NE2 1 
ATOM   819  N  N   . PRO A 1 103 ? 13.700  -1.740  -8.767  1.00 28.82 ? 103 PRO A N   1 
ATOM   820  C  CA  . PRO A 1 103 ? 14.697  -2.689  -9.270  1.00 33.98 ? 103 PRO A CA  1 
ATOM   821  C  C   . PRO A 1 103 ? 15.947  -2.795  -8.394  1.00 36.25 ? 103 PRO A C   1 
ATOM   822  O  O   . PRO A 1 103 ? 17.077  -2.700  -8.872  1.00 43.85 ? 103 PRO A O   1 
ATOM   823  C  CB  . PRO A 1 103 ? 15.026  -2.130  -10.661 1.00 37.85 ? 103 PRO A CB  1 
ATOM   824  C  CG  . PRO A 1 103 ? 14.769  -0.671  -10.543 1.00 35.63 ? 103 PRO A CG  1 
ATOM   825  C  CD  . PRO A 1 103 ? 13.607  -0.531  -9.603  1.00 33.34 ? 103 PRO A CD  1 
ATOM   826  N  N   . GLU A 1 104 ? 15.735  -2.997  -7.093  1.00 36.22 ? 104 GLU A N   1 
ATOM   827  C  CA  . GLU A 1 104 ? 16.815  -3.176  -6.132  1.00 42.99 ? 104 GLU A CA  1 
ATOM   828  C  C   . GLU A 1 104 ? 16.402  -4.237  -5.122  1.00 39.54 ? 104 GLU A C   1 
ATOM   829  O  O   . GLU A 1 104 ? 15.214  -4.490  -4.909  1.00 39.34 ? 104 GLU A O   1 
ATOM   830  C  CB  . GLU A 1 104 ? 17.167  -1.862  -5.419  1.00 42.73 ? 104 GLU A CB  1 
ATOM   831  C  CG  . GLU A 1 104 ? 15.980  -1.175  -4.767  1.00 51.14 ? 104 GLU A CG  1 
ATOM   832  C  CD  . GLU A 1 104 ? 16.255  0.281   -4.440  1.00 48.45 ? 104 GLU A CD  1 
ATOM   833  O  OE1 . GLU A 1 104 ? 17.340  0.779   -4.806  1.00 57.80 ? 104 GLU A OE1 1 
ATOM   834  O  OE2 . GLU A 1 104 ? 15.382  0.928   -3.825  1.00 45.99 ? 104 GLU A OE2 1 
ATOM   835  N  N   . ASP A 1 105 ? 17.404  -4.858  -4.495  1.00 37.37 ? 105 ASP A N   1 
ATOM   836  C  CA  . ASP A 1 105 ? 17.139  -5.972  -3.588  1.00 38.89 ? 105 ASP A CA  1 
ATOM   837  C  C   . ASP A 1 105 ? 16.414  -5.504  -2.332  1.00 35.19 ? 105 ASP A C   1 
ATOM   838  O  O   . ASP A 1 105 ? 15.338  -6.010  -1.991  1.00 36.38 ? 105 ASP A O   1 
ATOM   839  C  CB  . ASP A 1 105 ? 18.450  -6.671  -3.221  1.00 38.83 ? 105 ASP A CB  1 
ATOM   840  C  CG  . ASP A 1 105 ? 19.007  -7.504  -4.355  1.00 41.62 ? 105 ASP A CG  1 
ATOM   841  O  OD1 . ASP A 1 105 ? 18.442  -7.457  -5.470  1.00 39.72 ? 105 ASP A OD1 1 
ATOM   842  O  OD2 . ASP A 1 105 ? 20.016  -8.205  -4.131  1.00 45.25 ? 105 ASP A OD2 1 
ATOM   843  N  N   . PHE A 1 106 ? 16.993  -4.540  -1.625  1.00 37.05 ? 106 PHE A N   1 
ATOM   844  C  CA  . PHE A 1 106 ? 16.436  -4.044  -0.367  1.00 33.97 ? 106 PHE A CA  1 
ATOM   845  C  C   . PHE A 1 106 ? 16.143  -2.562  -0.512  1.00 38.40 ? 106 PHE A C   1 
ATOM   846  O  O   . PHE A 1 106 ? 17.056  -1.725  -0.393  1.00 40.32 ? 106 PHE A O   1 
ATOM   847  C  CB  . PHE A 1 106 ? 17.399  -4.323  0.783   1.00 39.12 ? 106 PHE A CB  1 
ATOM   848  C  CG  . PHE A 1 106 ? 17.751  -5.773  0.901   1.00 40.48 ? 106 PHE A CG  1 
ATOM   849  C  CD1 . PHE A 1 106 ? 16.942  -6.632  1.622   1.00 43.41 ? 106 PHE A CD1 1 
ATOM   850  C  CD2 . PHE A 1 106 ? 18.855  -6.289  0.244   1.00 32.96 ? 106 PHE A CD2 1 
ATOM   851  C  CE1 . PHE A 1 106 ? 17.242  -7.975  1.713   1.00 43.24 ? 106 PHE A CE1 1 
ATOM   852  C  CE2 . PHE A 1 106 ? 19.160  -7.633  0.328   1.00 41.73 ? 106 PHE A CE2 1 
ATOM   853  C  CZ  . PHE A 1 106 ? 18.350  -8.478  1.061   1.00 36.47 ? 106 PHE A CZ  1 
ATOM   854  N  N   . PRO A 1 107 ? 14.894  -2.191  -0.770  1.00 36.06 ? 107 PRO A N   1 
ATOM   855  C  CA  . PRO A 1 107 ? 14.597  -0.847  -1.267  1.00 34.73 ? 107 PRO A CA  1 
ATOM   856  C  C   . PRO A 1 107 ? 14.394  0.184   -0.166  1.00 31.08 ? 107 PRO A C   1 
ATOM   857  O  O   . PRO A 1 107 ? 14.085  -0.130  0.985   1.00 32.07 ? 107 PRO A O   1 
ATOM   858  C  CB  . PRO A 1 107 ? 13.292  -1.064  -2.045  1.00 30.58 ? 107 PRO A CB  1 
ATOM   859  C  CG  . PRO A 1 107 ? 12.607  -2.148  -1.281  1.00 30.99 ? 107 PRO A CG  1 
ATOM   860  C  CD  . PRO A 1 107 ? 13.696  -3.048  -0.739  1.00 34.88 ? 107 PRO A CD  1 
ATOM   861  N  N   . HIS A 1 108 ? 14.579  1.437   -0.560  1.00 36.57 ? 108 HIS A N   1 
ATOM   862  C  CA  . HIS A 1 108 ? 14.289  2.615   0.240   1.00 35.88 ? 108 HIS A CA  1 
ATOM   863  C  C   . HIS A 1 108 ? 13.704  3.666   -0.689  1.00 35.37 ? 108 HIS A C   1 
ATOM   864  O  O   . HIS A 1 108 ? 14.028  3.689   -1.882  1.00 37.52 ? 108 HIS A O   1 
ATOM   865  C  CB  . HIS A 1 108 ? 15.547  3.163   0.932   1.00 40.25 ? 108 HIS A CB  1 
ATOM   866  C  CG  . HIS A 1 108 ? 16.290  2.141   1.733   1.00 39.80 ? 108 HIS A CG  1 
ATOM   867  N  ND1 . HIS A 1 108 ? 17.221  1.291   1.176   1.00 37.01 ? 108 HIS A ND1 1 
ATOM   868  C  CD2 . HIS A 1 108 ? 16.236  1.829   3.050   1.00 40.45 ? 108 HIS A CD2 1 
ATOM   869  C  CE1 . HIS A 1 108 ? 17.710  0.500   2.114   1.00 36.92 ? 108 HIS A CE1 1 
ATOM   870  N  NE2 . HIS A 1 108 ? 17.131  0.807   3.261   1.00 40.88 ? 108 HIS A NE2 1 
ATOM   871  N  N   . PRO A 1 109 ? 12.832  4.533   -0.181  1.00 33.30 ? 109 PRO A N   1 
ATOM   872  C  CA  . PRO A 1 109 ? 12.216  5.539   -1.052  1.00 31.27 ? 109 PRO A CA  1 
ATOM   873  C  C   . PRO A 1 109 ? 13.229  6.561   -1.534  1.00 37.04 ? 109 PRO A C   1 
ATOM   874  O  O   . PRO A 1 109 ? 14.178  6.917   -0.831  1.00 42.06 ? 109 PRO A O   1 
ATOM   875  C  CB  . PRO A 1 109 ? 11.155  6.186   -0.152  1.00 38.67 ? 109 PRO A CB  1 
ATOM   876  C  CG  . PRO A 1 109 ? 11.653  5.957   1.235   1.00 32.22 ? 109 PRO A CG  1 
ATOM   877  C  CD  . PRO A 1 109 ? 12.344  4.626   1.205   1.00 33.48 ? 109 PRO A CD  1 
ATOM   878  N  N   . SER A 1 110 ? 13.020  7.026   -2.761  1.00 43.43 ? 110 SER A N   1 
ATOM   879  C  CA  . SER A 1 110 ? 13.857  8.059   -3.344  1.00 42.40 ? 110 SER A CA  1 
ATOM   880  C  C   . SER A 1 110 ? 13.255  9.432   -3.059  1.00 50.56 ? 110 SER A C   1 
ATOM   881  O  O   . SER A 1 110 ? 12.197  9.561   -2.439  1.00 45.63 ? 110 SER A O   1 
ATOM   882  C  CB  . SER A 1 110 ? 14.024  7.825   -4.845  1.00 48.16 ? 110 SER A CB  1 
ATOM   883  O  OG  . SER A 1 110 ? 12.768  7.812   -5.504  1.00 46.24 ? 110 SER A OG  1 
ATOM   884  N  N   . PHE A 1 111 ? 13.946  10.480  -3.516  1.00 59.49 ? 111 PHE A N   1 
ATOM   885  C  CA  . PHE A 1 111 ? 13.410  11.829  -3.380  1.00 56.66 ? 111 PHE A CA  1 
ATOM   886  C  C   . PHE A 1 111 ? 12.139  12.007  -4.201  1.00 45.68 ? 111 PHE A C   1 
ATOM   887  O  O   . PHE A 1 111 ? 11.232  12.739  -3.789  1.00 49.37 ? 111 PHE A O   1 
ATOM   888  C  CB  . PHE A 1 111 ? 14.465  12.858  -3.791  1.00 57.53 ? 111 PHE A CB  1 
ATOM   889  C  CG  . PHE A 1 111 ? 14.156  14.261  -3.348  1.00 60.29 ? 111 PHE A CG  1 
ATOM   890  C  CD1 . PHE A 1 111 ? 13.420  15.113  -4.156  1.00 59.23 ? 111 PHE A CD1 1 
ATOM   891  C  CD2 . PHE A 1 111 ? 14.603  14.728  -2.124  1.00 66.28 ? 111 PHE A CD2 1 
ATOM   892  C  CE1 . PHE A 1 111 ? 13.134  16.403  -3.751  1.00 60.01 ? 111 PHE A CE1 1 
ATOM   893  C  CE2 . PHE A 1 111 ? 14.321  16.019  -1.712  1.00 66.76 ? 111 PHE A CE2 1 
ATOM   894  C  CZ  . PHE A 1 111 ? 13.585  16.856  -2.527  1.00 64.65 ? 111 PHE A CZ  1 
ATOM   895  N  N   . ILE A 1 112 ? 12.051  11.344  -5.355  1.00 42.05 ? 112 ILE A N   1 
ATOM   896  C  CA  . ILE A 1 112 ? 10.841  11.428  -6.165  1.00 42.54 ? 112 ILE A CA  1 
ATOM   897  C  C   . ILE A 1 112 ? 9.706   10.654  -5.507  1.00 47.96 ? 112 ILE A C   1 
ATOM   898  O  O   . ILE A 1 112 ? 8.541   11.070  -5.555  1.00 39.71 ? 112 ILE A O   1 
ATOM   899  C  CB  . ILE A 1 112 ? 11.122  10.932  -7.595  1.00 41.85 ? 112 ILE A CB  1 
ATOM   900  C  CG1 . ILE A 1 112 ? 12.172  11.820  -8.266  1.00 44.65 ? 112 ILE A CG1 1 
ATOM   901  C  CG2 . ILE A 1 112 ? 9.839   10.906  -8.419  1.00 43.76 ? 112 ILE A CG2 1 
ATOM   902  C  CD1 . ILE A 1 112 ? 12.320  11.580  -9.756  1.00 48.91 ? 112 ILE A CD1 1 
ATOM   903  N  N   . ASP A 1 113 ? 10.024  9.521   -4.874  1.00 43.70 ? 113 ASP A N   1 
ATOM   904  C  CA  . ASP A 1 113 ? 9.003   8.754   -4.167  1.00 42.88 ? 113 ASP A CA  1 
ATOM   905  C  C   . ASP A 1 113 ? 8.440   9.539   -2.989  1.00 39.50 ? 113 ASP A C   1 
ATOM   906  O  O   . ASP A 1 113 ? 7.222   9.566   -2.776  1.00 39.77 ? 113 ASP A O   1 
ATOM   907  C  CB  . ASP A 1 113 ? 9.580   7.421   -3.691  1.00 41.63 ? 113 ASP A CB  1 
ATOM   908  C  CG  . ASP A 1 113 ? 9.773   6.429   -4.821  1.00 42.83 ? 113 ASP A CG  1 
ATOM   909  O  OD1 . ASP A 1 113 ? 9.085   6.553   -5.856  1.00 45.58 ? 113 ASP A OD1 1 
ATOM   910  O  OD2 . ASP A 1 113 ? 10.614  5.520   -4.671  1.00 46.06 ? 113 ASP A OD2 1 
ATOM   911  N  N   . ILE A 1 114 ? 9.310   10.190  -2.214  1.00 35.78 ? 114 ILE A N   1 
ATOM   912  C  CA  . ILE A 1 114 ? 8.853   10.935  -1.045  1.00 36.17 ? 114 ILE A CA  1 
ATOM   913  C  C   . ILE A 1 114 ? 8.039   12.150  -1.472  1.00 39.31 ? 114 ILE A C   1 
ATOM   914  O  O   . ILE A 1 114 ? 6.958   12.413  -0.932  1.00 39.95 ? 114 ILE A O   1 
ATOM   915  C  CB  . ILE A 1 114 ? 10.050  11.339  -0.165  1.00 49.54 ? 114 ILE A CB  1 
ATOM   916  C  CG1 . ILE A 1 114 ? 10.698  10.101  0.459   1.00 39.40 ? 114 ILE A CG1 1 
ATOM   917  C  CG2 . ILE A 1 114 ? 9.612   12.319  0.915   1.00 43.15 ? 114 ILE A CG2 1 
ATOM   918  C  CD1 . ILE A 1 114 ? 9.829   9.399   1.482   1.00 31.89 ? 114 ILE A CD1 1 
ATOM   919  N  N   . LYS A 1 115 ? 8.539   12.903  -2.455  1.00 39.85 ? 115 LYS A N   1 
ATOM   920  C  CA  . LYS A 1 115 ? 7.836   14.105  -2.895  1.00 43.09 ? 115 LYS A CA  1 
ATOM   921  C  C   . LYS A 1 115 ? 6.473   13.768  -3.486  1.00 42.80 ? 115 LYS A C   1 
ATOM   922  O  O   . LYS A 1 115 ? 5.487   14.473  -3.237  1.00 44.05 ? 115 LYS A O   1 
ATOM   923  C  CB  . LYS A 1 115 ? 8.685   14.867  -3.913  1.00 42.76 ? 115 LYS A CB  1 
ATOM   924  C  CG  . LYS A 1 115 ? 7.976   16.069  -4.521  1.00 54.86 ? 115 LYS A CG  1 
ATOM   925  C  CD  . LYS A 1 115 ? 8.597   16.483  -5.844  1.00 47.40 ? 115 LYS A CD  1 
ATOM   926  C  CE  . LYS A 1 115 ? 10.010  17.007  -5.650  1.00 57.11 ? 115 LYS A CE  1 
ATOM   927  N  NZ  . LYS A 1 115 ? 10.338  18.082  -6.628  1.00 68.38 ? 115 LYS A NZ  1 
ATOM   928  N  N   . SER A 1 116 ? 6.395   12.693  -4.273  1.00 36.69 ? 116 SER A N   1 
ATOM   929  C  CA  . SER A 1 116 ? 5.118   12.317  -4.869  1.00 44.91 ? 116 SER A CA  1 
ATOM   930  C  C   . SER A 1 116 ? 4.139   11.801  -3.823  1.00 44.03 ? 116 SER A C   1 
ATOM   931  O  O   . SER A 1 116 ? 2.924   11.924  -4.003  1.00 48.03 ? 116 SER A O   1 
ATOM   932  C  CB  . SER A 1 116 ? 5.334   11.267  -5.954  1.00 44.57 ? 116 SER A CB  1 
ATOM   933  O  OG  . SER A 1 116 ? 5.076   9.965   -5.460  1.00 50.67 ? 116 SER A OG  1 
ATOM   934  N  N   . TRP A 1 117 ? 4.645   11.228  -2.729  1.00 43.72 ? 117 TRP A N   1 
ATOM   935  C  CA  . TRP A 1 117 ? 3.770   10.742  -1.670  1.00 37.75 ? 117 TRP A CA  1 
ATOM   936  C  C   . TRP A 1 117 ? 3.193   11.890  -0.849  1.00 41.37 ? 117 TRP A C   1 
ATOM   937  O  O   . TRP A 1 117 ? 1.996   11.892  -0.540  1.00 41.00 ? 117 TRP A O   1 
ATOM   938  C  CB  . TRP A 1 117 ? 4.531   9.766   -0.769  1.00 40.52 ? 117 TRP A CB  1 
ATOM   939  C  CG  . TRP A 1 117 ? 4.751   8.422   -1.395  1.00 35.65 ? 117 TRP A CG  1 
ATOM   940  C  CD1 . TRP A 1 117 ? 4.089   7.898   -2.467  1.00 33.25 ? 117 TRP A CD1 1 
ATOM   941  C  CD2 . TRP A 1 117 ? 5.707   7.434   -0.993  1.00 28.86 ? 117 TRP A CD2 1 
ATOM   942  N  NE1 . TRP A 1 117 ? 4.569   6.644   -2.753  1.00 33.37 ? 117 TRP A NE1 1 
ATOM   943  C  CE2 . TRP A 1 117 ? 5.562   6.335   -1.862  1.00 32.13 ? 117 TRP A CE2 1 
ATOM   944  C  CE3 . TRP A 1 117 ? 6.666   7.368   0.023   1.00 32.14 ? 117 TRP A CE3 1 
ATOM   945  C  CZ2 . TRP A 1 117 ? 6.342   5.185   -1.749  1.00 33.76 ? 117 TRP A CZ2 1 
ATOM   946  C  CZ3 . TRP A 1 117 ? 7.439   6.227   0.133   1.00 34.40 ? 117 TRP A CZ3 1 
ATOM   947  C  CH2 . TRP A 1 117 ? 7.272   5.150   -0.747  1.00 30.76 ? 117 TRP A CH2 1 
ATOM   948  N  N   . VAL A 1 118 ? 4.024   12.872  -0.488  1.00 44.45 ? 118 VAL A N   1 
ATOM   949  C  CA  . VAL A 1 118 ? 3.526   14.015  0.275   1.00 41.37 ? 118 VAL A CA  1 
ATOM   950  C  C   . VAL A 1 118 ? 2.535   14.821  -0.554  1.00 46.91 ? 118 VAL A C   1 
ATOM   951  O  O   . VAL A 1 118 ? 1.577   15.389  -0.015  1.00 44.62 ? 118 VAL A O   1 
ATOM   952  C  CB  . VAL A 1 118 ? 4.695   14.895  0.759   1.00 42.52 ? 118 VAL A CB  1 
ATOM   953  C  CG1 . VAL A 1 118 ? 4.186   16.005  1.664   1.00 48.17 ? 118 VAL A CG1 1 
ATOM   954  C  CG2 . VAL A 1 118 ? 5.726   14.058  1.485   1.00 39.81 ? 118 VAL A CG2 1 
ATOM   955  N  N   . MET A 1 119 ? 2.735   14.879  -1.871  1.00 43.16 ? 119 MET A N   1 
ATOM   956  C  CA  . MET A 1 119 ? 1.827   15.603  -2.748  1.00 39.87 ? 119 MET A CA  1 
ATOM   957  C  C   . MET A 1 119 ? 0.659   14.758  -3.237  1.00 44.64 ? 119 MET A C   1 
ATOM   958  O  O   . MET A 1 119 ? -0.357  15.321  -3.661  1.00 54.54 ? 119 MET A O   1 
ATOM   959  C  CB  . MET A 1 119 ? 2.588   16.155  -3.960  1.00 41.66 ? 119 MET A CB  1 
ATOM   960  C  CG  . MET A 1 119 ? 3.682   17.152  -3.608  1.00 53.67 ? 119 MET A CG  1 
ATOM   961  S  SD  . MET A 1 119 ? 4.520   17.814  -5.062  1.00 56.26 ? 119 MET A SD  1 
ATOM   962  C  CE  . MET A 1 119 ? 5.683   18.939  -4.295  1.00 46.98 ? 119 MET A CE  1 
ATOM   963  N  N   . GLY A 1 120 ? 0.772   13.433  -3.188  1.00 45.91 ? 120 GLY A N   1 
ATOM   964  C  CA  . GLY A 1 120 ? -0.245  12.568  -3.756  1.00 43.96 ? 120 GLY A CA  1 
ATOM   965  C  C   . GLY A 1 120 ? -1.269  12.073  -2.757  1.00 36.59 ? 120 GLY A C   1 
ATOM   966  O  O   . GLY A 1 120 ? -2.455  12.395  -2.867  1.00 52.34 ? 120 GLY A O   1 
ATOM   967  N  N   . ILE A 1 121 ? -0.829  11.286  -1.782  1.00 38.49 ? 121 ILE A N   1 
ATOM   968  C  CA  . ILE A 1 121 ? -1.739  10.700  -0.803  1.00 40.55 ? 121 ILE A CA  1 
ATOM   969  C  C   . ILE A 1 121 ? -2.143  11.762  0.208   1.00 39.94 ? 121 ILE A C   1 
ATOM   970  O  O   . ILE A 1 121 ? -1.289  12.431  0.805   1.00 40.87 ? 121 ILE A O   1 
ATOM   971  C  CB  . ILE A 1 121 ? -1.086  9.502   -0.098  1.00 38.28 ? 121 ILE A CB  1 
ATOM   972  C  CG1 . ILE A 1 121 ? -0.518  8.518   -1.118  1.00 41.50 ? 121 ILE A CG1 1 
ATOM   973  C  CG2 . ILE A 1 121 ? -2.088  8.812   0.824   1.00 38.68 ? 121 ILE A CG2 1 
ATOM   974  C  CD1 . ILE A 1 121 ? 0.873   8.042   -0.792  1.00 36.19 ? 121 ILE A CD1 1 
ATOM   975  N  N   . VAL A 1 122 ? -3.443  11.923  0.403   1.00 41.24 ? 122 VAL A N   1 
ATOM   976  C  CA  . VAL A 1 122 ? -3.949  12.735  1.500   1.00 37.71 ? 122 VAL A CA  1 
ATOM   977  C  C   . VAL A 1 122 ? -4.126  11.835  2.714   1.00 38.86 ? 122 VAL A C   1 
ATOM   978  O  O   . VAL A 1 122 ? -4.767  10.778  2.637   1.00 49.43 ? 122 VAL A O   1 
ATOM   979  C  CB  . VAL A 1 122 ? -5.258  13.451  1.114   1.00 42.29 ? 122 VAL A CB  1 
ATOM   980  C  CG1 . VAL A 1 122 ? -5.018  14.355  -0.081  1.00 40.27 ? 122 VAL A CG1 1 
ATOM   981  C  CG2 . VAL A 1 122 ? -6.369  12.456  0.804   1.00 46.10 ? 122 VAL A CG2 1 
ATOM   982  N  N   . ALA A 1 123 ? -3.520  12.234  3.827   1.00 43.93 ? 123 ALA A N   1 
ATOM   983  C  CA  . ALA A 1 123 ? -3.433  11.401  5.017   1.00 48.62 ? 123 ALA A CA  1 
ATOM   984  C  C   . ALA A 1 123 ? -3.986  12.144  6.227   1.00 34.43 ? 123 ALA A C   1 
ATOM   985  O  O   . ALA A 1 123 ? -3.324  12.294  7.256   1.00 37.26 ? 123 ALA A O   1 
ATOM   986  C  CB  . ALA A 1 123 ? -1.997  10.949  5.269   1.00 38.32 ? 123 ALA A CB  1 
ATOM   987  N  N   . THR A 1 124 ? -5.220  12.643  6.104   1.00 40.93 ? 124 THR A N   1 
ATOM   988  C  CA  . THR A 1 124 ? -5.920  13.155  7.279   1.00 39.48 ? 124 THR A CA  1 
ATOM   989  C  C   . THR A 1 124 ? -6.045  12.076  8.341   1.00 34.05 ? 124 THR A C   1 
ATOM   990  O  O   . THR A 1 124 ? -5.920  12.348  9.540   1.00 38.59 ? 124 THR A O   1 
ATOM   991  C  CB  . THR A 1 124 ? -7.305  13.680  6.903   1.00 39.76 ? 124 THR A CB  1 
ATOM   992  O  OG1 . THR A 1 124 ? -7.261  14.336  5.629   1.00 40.28 ? 124 THR A OG1 1 
ATOM   993  C  CG2 . THR A 1 124 ? -7.812  14.642  7.974   1.00 45.58 ? 124 THR A CG2 1 
ATOM   994  N  N   . GLU A 1 125 ? -6.306  10.849  7.915   1.00 33.78 ? 125 GLU A N   1 
ATOM   995  C  CA  . GLU A 1 125 ? -6.212  9.647   8.718   1.00 39.06 ? 125 GLU A CA  1 
ATOM   996  C  C   . GLU A 1 125 ? -5.020  8.826   8.239   1.00 36.32 ? 125 GLU A C   1 
ATOM   997  O  O   . GLU A 1 125 ? -4.525  9.034   7.126   1.00 37.49 ? 125 GLU A O   1 
ATOM   998  C  CB  . GLU A 1 125 ? -7.507  8.828   8.616   1.00 37.57 ? 125 GLU A CB  1 
ATOM   999  C  CG  . GLU A 1 125 ? -8.543  9.194   9.671   1.00 50.03 ? 125 GLU A CG  1 
ATOM   1000 C  CD  . GLU A 1 125 ? -8.166  8.701   11.057  1.00 60.36 ? 125 GLU A CD  1 
ATOM   1001 O  OE1 . GLU A 1 125 ? -8.269  7.481   11.305  1.00 58.55 ? 125 GLU A OE1 1 
ATOM   1002 O  OE2 . GLU A 1 125 ? -7.756  9.533   11.896  1.00 67.32 ? 125 GLU A OE2 1 
ATOM   1003 N  N   . PRO A 1 126 ? -4.512  7.903   9.060   1.00 36.01 ? 126 PRO A N   1 
ATOM   1004 C  CA  . PRO A 1 126 ? -3.268  7.207   8.705   1.00 32.03 ? 126 PRO A CA  1 
ATOM   1005 C  C   . PRO A 1 126 ? -3.322  6.529   7.345   1.00 36.29 ? 126 PRO A C   1 
ATOM   1006 O  O   . PRO A 1 126 ? -4.357  6.013   6.918   1.00 30.15 ? 126 PRO A O   1 
ATOM   1007 C  CB  . PRO A 1 126 ? -3.107  6.179   9.829   1.00 36.90 ? 126 PRO A CB  1 
ATOM   1008 C  CG  . PRO A 1 126 ? -3.846  6.755   10.978  1.00 37.27 ? 126 PRO A CG  1 
ATOM   1009 C  CD  . PRO A 1 126 ? -4.983  7.540   10.409  1.00 36.20 ? 126 PRO A CD  1 
ATOM   1010 N  N   . MET A 1 127 ? -2.172  6.532   6.671   1.00 30.84 ? 127 MET A N   1 
ATOM   1011 C  CA  . MET A 1 127 ? -2.018  5.938   5.353   1.00 32.10 ? 127 MET A CA  1 
ATOM   1012 C  C   . MET A 1 127 ? -0.723  5.139   5.320   1.00 35.32 ? 127 MET A C   1 
ATOM   1013 O  O   . MET A 1 127 ? 0.141   5.281   6.188   1.00 31.74 ? 127 MET A O   1 
ATOM   1014 C  CB  . MET A 1 127 ? -2.018  7.005   4.256   1.00 35.55 ? 127 MET A CB  1 
ATOM   1015 C  CG  . MET A 1 127 ? -3.342  7.714   4.103   1.00 35.48 ? 127 MET A CG  1 
ATOM   1016 S  SD  . MET A 1 127 ? -4.393  6.853   2.937   1.00 42.75 ? 127 MET A SD  1 
ATOM   1017 C  CE  . MET A 1 127 ? -5.941  6.967   3.784   1.00 25.48 ? 127 MET A CE  1 
ATOM   1018 N  N   . ILE A 1 128 ? -0.592  4.294   4.298   1.00 29.70 ? 128 ILE A N   1 
ATOM   1019 C  CA  . ILE A 1 128 ? 0.548   3.395   4.159   1.00 28.35 ? 128 ILE A CA  1 
ATOM   1020 C  C   . ILE A 1 128 ? 1.146   3.554   2.768   1.00 28.39 ? 128 ILE A C   1 
ATOM   1021 O  O   . ILE A 1 128 ? 0.417   3.646   1.776   1.00 28.02 ? 128 ILE A O   1 
ATOM   1022 C  CB  . ILE A 1 128 ? 0.145   1.923   4.408   1.00 28.65 ? 128 ILE A CB  1 
ATOM   1023 C  CG1 . ILE A 1 128 ? -0.432  1.754   5.813   1.00 30.62 ? 128 ILE A CG1 1 
ATOM   1024 C  CG2 . ILE A 1 128 ? 1.334   0.991   4.214   1.00 31.06 ? 128 ILE A CG2 1 
ATOM   1025 C  CD1 . ILE A 1 128 ? 0.552   2.060   6.926   1.00 30.91 ? 128 ILE A CD1 1 
ATOM   1026 N  N   . MET A 1 129 ? 2.475   3.594   2.701   1.00 22.93 ? 129 MET A N   1 
ATOM   1027 C  CA  . MET A 1 129 ? 3.211   3.513   1.448   1.00 25.13 ? 129 MET A CA  1 
ATOM   1028 C  C   . MET A 1 129 ? 4.080   2.264   1.464   1.00 28.33 ? 129 MET A C   1 
ATOM   1029 O  O   . MET A 1 129 ? 4.611   1.881   2.511   1.00 25.89 ? 129 MET A O   1 
ATOM   1030 C  CB  . MET A 1 129 ? 4.082   4.750   1.222   1.00 30.79 ? 129 MET A CB  1 
ATOM   1031 C  CG  . MET A 1 129 ? 3.295   5.999   0.887   1.00 34.68 ? 129 MET A CG  1 
ATOM   1032 S  SD  . MET A 1 129 ? 2.799   6.892   2.363   1.00 52.64 ? 129 MET A SD  1 
ATOM   1033 C  CE  . MET A 1 129 ? 4.227   7.938   2.594   1.00 38.74 ? 129 MET A CE  1 
ATOM   1034 N  N   . LEU A 1 130 ? 4.232   1.637   0.300   1.00 25.61 ? 130 LEU A N   1 
ATOM   1035 C  CA  . LEU A 1 130 ? 4.917   0.358   0.202   1.00 25.63 ? 130 LEU A CA  1 
ATOM   1036 C  C   . LEU A 1 130 ? 5.794   0.330   -1.040  1.00 32.04 ? 130 LEU A C   1 
ATOM   1037 O  O   . LEU A 1 130 ? 5.399   0.826   -2.098  1.00 31.56 ? 130 LEU A O   1 
ATOM   1038 C  CB  . LEU A 1 130 ? 3.906   -0.795  0.158   1.00 29.31 ? 130 LEU A CB  1 
ATOM   1039 C  CG  . LEU A 1 130 ? 4.391   -2.191  0.537   1.00 27.18 ? 130 LEU A CG  1 
ATOM   1040 C  CD1 . LEU A 1 130 ? 3.331   -2.914  1.351   1.00 29.10 ? 130 LEU A CD1 1 
ATOM   1041 C  CD2 . LEU A 1 130 ? 4.730   -2.973  -0.712  1.00 25.24 ? 130 LEU A CD2 1 
ATOM   1042 N  N   . ILE A 1 131 ? 6.984   -0.254  -0.909  1.00 28.96 ? 131 ILE A N   1 
ATOM   1043 C  CA  . ILE A 1 131 ? 7.903   -0.429  -2.029  1.00 30.33 ? 131 ILE A CA  1 
ATOM   1044 C  C   . ILE A 1 131 ? 8.295   -1.898  -2.094  1.00 31.28 ? 131 ILE A C   1 
ATOM   1045 O  O   . ILE A 1 131 ? 8.835   -2.440  -1.122  1.00 24.92 ? 131 ILE A O   1 
ATOM   1046 C  CB  . ILE A 1 131 ? 9.153   0.456   -1.903  1.00 31.07 ? 131 ILE A CB  1 
ATOM   1047 C  CG1 . ILE A 1 131 ? 8.758   1.931   -1.845  1.00 38.62 ? 131 ILE A CG1 1 
ATOM   1048 C  CG2 . ILE A 1 131 ? 10.090  0.210   -3.075  1.00 31.72 ? 131 ILE A CG2 1 
ATOM   1049 C  CD1 . ILE A 1 131 ? 9.937   2.864   -1.711  1.00 31.55 ? 131 ILE A CD1 1 
ATOM   1050 N  N   . VAL A 1 132 ? 8.030   -2.537  -3.230  1.00 23.94 ? 132 VAL A N   1 
ATOM   1051 C  CA  . VAL A 1 132 ? 8.330   -3.953  -3.417  1.00 28.71 ? 132 VAL A CA  1 
ATOM   1052 C  C   . VAL A 1 132 ? 9.721   -4.072  -4.030  1.00 27.88 ? 132 VAL A C   1 
ATOM   1053 O  O   . VAL A 1 132 ? 9.907   -3.824  -5.224  1.00 30.22 ? 132 VAL A O   1 
ATOM   1054 C  CB  . VAL A 1 132 ? 7.283   -4.648  -4.298  1.00 33.87 ? 132 VAL A CB  1 
ATOM   1055 C  CG1 . VAL A 1 132 ? 7.653   -6.111  -4.492  1.00 28.53 ? 132 VAL A CG1 1 
ATOM   1056 C  CG2 . VAL A 1 132 ? 5.900   -4.521  -3.693  1.00 30.74 ? 132 VAL A CG2 1 
ATOM   1057 N  N   . GLY A 1 133 ? 10.700  -4.469  -3.214  1.00 34.27 ? 133 GLY A N   1 
ATOM   1058 C  CA  . GLY A 1 133 ? 12.031  -4.747  -3.707  1.00 26.54 ? 133 GLY A CA  1 
ATOM   1059 C  C   . GLY A 1 133 ? 12.165  -6.179  -4.189  1.00 39.43 ? 133 GLY A C   1 
ATOM   1060 O  O   . GLY A 1 133 ? 11.253  -6.997  -4.073  1.00 35.08 ? 133 GLY A O   1 
ATOM   1061 N  N   . ARG A 1 134 ? 13.343  -6.480  -4.741  1.00 32.80 ? 134 ARG A N   1 
ATOM   1062 C  CA  . ARG A 1 134 ? 13.586  -7.825  -5.250  1.00 32.72 ? 134 ARG A CA  1 
ATOM   1063 C  C   . ARG A 1 134 ? 13.720  -8.841  -4.124  1.00 37.46 ? 134 ARG A C   1 
ATOM   1064 O  O   . ARG A 1 134 ? 13.390  -10.016 -4.312  1.00 40.44 ? 134 ARG A O   1 
ATOM   1065 C  CB  . ARG A 1 134 ? 14.837  -7.837  -6.127  1.00 36.26 ? 134 ARG A CB  1 
ATOM   1066 C  CG  . ARG A 1 134 ? 14.707  -7.005  -7.392  1.00 40.07 ? 134 ARG A CG  1 
ATOM   1067 C  CD  . ARG A 1 134 ? 15.986  -7.026  -8.217  1.00 43.82 ? 134 ARG A CD  1 
ATOM   1068 N  NE  . ARG A 1 134 ? 17.110  -6.417  -7.514  1.00 42.68 ? 134 ARG A NE  1 
ATOM   1069 C  CZ  . ARG A 1 134 ? 18.144  -5.847  -8.122  1.00 46.91 ? 134 ARG A CZ  1 
ATOM   1070 N  NH1 . ARG A 1 134 ? 18.190  -5.802  -9.447  1.00 45.50 ? 134 ARG A NH1 1 
ATOM   1071 N  NH2 . ARG A 1 134 ? 19.128  -5.317  -7.409  1.00 47.52 ? 134 ARG A NH2 1 
ATOM   1072 N  N   . LYS A 1 135 ? 14.189  -8.412  -2.948  1.00 36.71 ? 135 LYS A N   1 
ATOM   1073 C  CA  . LYS A 1 135 ? 14.412  -9.317  -1.830  1.00 36.34 ? 135 LYS A CA  1 
ATOM   1074 C  C   . LYS A 1 135 ? 13.592  -9.000  -0.587  1.00 38.70 ? 135 LYS A C   1 
ATOM   1075 O  O   . LYS A 1 135 ? 13.385  -9.903  0.232   1.00 40.70 ? 135 LYS A O   1 
ATOM   1076 C  CB  . LYS A 1 135 ? 15.899  -9.334  -1.439  1.00 38.08 ? 135 LYS A CB  1 
ATOM   1077 C  CG  . LYS A 1 135 ? 16.821  -9.908  -2.505  1.00 41.61 ? 135 LYS A CG  1 
ATOM   1078 C  CD  . LYS A 1 135 ? 16.259  -11.188 -3.108  1.00 43.33 ? 135 LYS A CD  1 
ATOM   1079 C  CE  . LYS A 1 135 ? 17.374  -12.137 -3.525  1.00 45.40 ? 135 LYS A CE  1 
ATOM   1080 N  NZ  . LYS A 1 135 ? 18.553  -11.405 -4.062  1.00 49.94 ? 135 LYS A NZ  1 
ATOM   1081 N  N   . ASP A 1 136 ? 13.127  -7.765  -0.415  1.00 35.79 ? 136 ASP A N   1 
ATOM   1082 C  CA  . ASP A 1 136 ? 12.374  -7.398  0.778   1.00 32.55 ? 136 ASP A CA  1 
ATOM   1083 C  C   . ASP A 1 136 ? 11.474  -6.214  0.446   1.00 28.61 ? 136 ASP A C   1 
ATOM   1084 O  O   . ASP A 1 136 ? 11.400  -5.768  -0.702  1.00 30.18 ? 136 ASP A O   1 
ATOM   1085 C  CB  . ASP A 1 136 ? 13.320  -7.098  1.949   1.00 38.44 ? 136 ASP A CB  1 
ATOM   1086 C  CG  . ASP A 1 136 ? 12.756  -7.548  3.287   1.00 44.62 ? 136 ASP A CG  1 
ATOM   1087 O  OD1 . ASP A 1 136 ? 11.517  -7.668  3.405   1.00 38.87 ? 136 ASP A OD1 1 
ATOM   1088 O  OD2 . ASP A 1 136 ? 13.552  -7.782  4.219   1.00 58.15 ? 136 ASP A OD2 1 
ATOM   1089 N  N   . ILE A 1 137 ? 10.797  -5.695  1.469   1.00 33.06 ? 137 ILE A N   1 
ATOM   1090 C  CA  . ILE A 1 137 ? 9.775   -4.668  1.313   1.00 31.47 ? 137 ILE A CA  1 
ATOM   1091 C  C   . ILE A 1 137 ? 10.116  -3.486  2.209   1.00 36.58 ? 137 ILE A C   1 
ATOM   1092 O  O   . ILE A 1 137 ? 10.530  -3.664  3.361   1.00 37.55 ? 137 ILE A O   1 
ATOM   1093 C  CB  . ILE A 1 137 ? 8.375   -5.215  1.663   1.00 32.45 ? 137 ILE A CB  1 
ATOM   1094 C  CG1 . ILE A 1 137 ? 7.995   -6.388  0.755   1.00 39.02 ? 137 ILE A CG1 1 
ATOM   1095 C  CG2 . ILE A 1 137 ? 7.330   -4.120  1.569   1.00 37.29 ? 137 ILE A CG2 1 
ATOM   1096 C  CD1 . ILE A 1 137 ? 7.535   -5.984  -0.622  1.00 41.21 ? 137 ILE A CD1 1 
ATOM   1097 N  N   . TRP A 1 138 ? 9.943   -2.278  1.679   1.00 32.78 ? 138 TRP A N   1 
ATOM   1098 C  CA  . TRP A 1 138 ? 9.928   -1.059  2.475   1.00 29.59 ? 138 TRP A CA  1 
ATOM   1099 C  C   . TRP A 1 138 ? 8.482   -0.617  2.653   1.00 32.43 ? 138 TRP A C   1 
ATOM   1100 O  O   . TRP A 1 138 ? 7.726   -0.553  1.678   1.00 32.13 ? 138 TRP A O   1 
ATOM   1101 C  CB  . TRP A 1 138 ? 10.740  0.051   1.803   1.00 29.04 ? 138 TRP A CB  1 
ATOM   1102 C  CG  . TRP A 1 138 ? 10.931  1.269   2.667   1.00 30.28 ? 138 TRP A CG  1 
ATOM   1103 C  CD1 . TRP A 1 138 ? 12.033  1.579   3.407   1.00 35.76 ? 138 TRP A CD1 1 
ATOM   1104 C  CD2 . TRP A 1 138 ? 9.994   2.334   2.881   1.00 28.46 ? 138 TRP A CD2 1 
ATOM   1105 N  NE1 . TRP A 1 138 ? 11.844  2.770   4.065   1.00 33.52 ? 138 TRP A NE1 1 
ATOM   1106 C  CE2 . TRP A 1 138 ? 10.598  3.252   3.762   1.00 32.22 ? 138 TRP A CE2 1 
ATOM   1107 C  CE3 . TRP A 1 138 ? 8.704   2.601   2.412   1.00 28.73 ? 138 TRP A CE3 1 
ATOM   1108 C  CZ2 . TRP A 1 138 ? 9.958   4.416   4.182   1.00 32.08 ? 138 TRP A CZ2 1 
ATOM   1109 C  CZ3 . TRP A 1 138 ? 8.070   3.755   2.833   1.00 25.94 ? 138 TRP A CZ3 1 
ATOM   1110 C  CH2 . TRP A 1 138 ? 8.697   4.649   3.708   1.00 28.02 ? 138 TRP A CH2 1 
ATOM   1111 N  N   . ILE A 1 139 ? 8.097   -0.309  3.889   1.00 29.72 ? 139 ILE A N   1 
ATOM   1112 C  CA  . ILE A 1 139 ? 6.728   0.095   4.193   1.00 30.84 ? 139 ILE A CA  1 
ATOM   1113 C  C   . ILE A 1 139 ? 6.763   1.266   5.167   1.00 34.08 ? 139 ILE A C   1 
ATOM   1114 O  O   . ILE A 1 139 ? 7.498   1.236   6.161   1.00 31.83 ? 139 ILE A O   1 
ATOM   1115 C  CB  . ILE A 1 139 ? 5.900   -1.077  4.759   1.00 30.20 ? 139 ILE A CB  1 
ATOM   1116 C  CG1 . ILE A 1 139 ? 4.502   -0.608  5.165   1.00 30.39 ? 139 ILE A CG1 1 
ATOM   1117 C  CG2 . ILE A 1 139 ? 6.621   -1.739  5.925   1.00 27.84 ? 139 ILE A CG2 1 
ATOM   1118 C  CD1 . ILE A 1 139 ? 3.512   -1.738  5.349   1.00 34.79 ? 139 ILE A CD1 1 
ATOM   1119 N  N   . GLY A 1 140 ? 5.976   2.303   4.874   1.00 39.74 ? 140 GLY A N   1 
ATOM   1120 C  CA  . GLY A 1 140 ? 5.946   3.490   5.696   1.00 34.78 ? 140 GLY A CA  1 
ATOM   1121 C  C   . GLY A 1 140 ? 4.523   3.947   5.951   1.00 42.21 ? 140 GLY A C   1 
ATOM   1122 O  O   . GLY A 1 140 ? 3.586   3.580   5.241   1.00 32.34 ? 140 GLY A O   1 
ATOM   1123 N  N   . LYS A 1 141 ? 4.378   4.759   6.997   1.00 37.97 ? 141 LYS A N   1 
ATOM   1124 C  CA  . LYS A 1 141 ? 3.090   5.290   7.419   1.00 37.49 ? 141 LYS A CA  1 
ATOM   1125 C  C   . LYS A 1 141 ? 3.082   6.803   7.254   1.00 35.59 ? 141 LYS A C   1 
ATOM   1126 O  O   . LYS A 1 141 ? 4.081   7.471   7.534   1.00 34.06 ? 141 LYS A O   1 
ATOM   1127 C  CB  . LYS A 1 141 ? 2.791   4.919   8.877   1.00 32.43 ? 141 LYS A CB  1 
ATOM   1128 C  CG  . LYS A 1 141 ? 1.492   5.494   9.417   1.00 42.27 ? 141 LYS A CG  1 
ATOM   1129 C  CD  . LYS A 1 141 ? 1.315   5.171   10.895  1.00 38.96 ? 141 LYS A CD  1 
ATOM   1130 C  CE  . LYS A 1 141 ? 0.675   3.808   11.089  1.00 44.41 ? 141 LYS A CE  1 
ATOM   1131 N  NZ  . LYS A 1 141 ? 0.514   3.471   12.532  1.00 41.92 ? 141 LYS A NZ  1 
ATOM   1132 N  N   . LYS A 1 142 ? 1.950   7.340   6.801   1.00 36.12 ? 142 LYS A N   1 
ATOM   1133 C  CA  . LYS A 1 142 ? 1.796   8.767   6.550   1.00 40.36 ? 142 LYS A CA  1 
ATOM   1134 C  C   . LYS A 1 142 ? 0.689   9.333   7.428   1.00 39.84 ? 142 LYS A C   1 
ATOM   1135 O  O   . LYS A 1 142 ? -0.410  8.769   7.493   1.00 37.56 ? 142 LYS A O   1 
ATOM   1136 C  CB  . LYS A 1 142 ? 1.489   9.035   5.074   1.00 39.65 ? 142 LYS A CB  1 
ATOM   1137 C  CG  . LYS A 1 142 ? 1.869   10.431  4.604   1.00 31.84 ? 142 LYS A CG  1 
ATOM   1138 C  CD  . LYS A 1 142 ? 1.071   10.835  3.378   1.00 47.42 ? 142 LYS A CD  1 
ATOM   1139 C  CE  . LYS A 1 142 ? 1.584   12.136  2.793   1.00 44.18 ? 142 LYS A CE  1 
ATOM   1140 N  NZ  . LYS A 1 142 ? 0.470   13.073  2.481   1.00 36.77 ? 142 LYS A NZ  1 
ATOM   1141 N  N   . ILE A 1 143 ? 0.987   10.442  8.102   1.00 33.54 ? 143 ILE A N   1 
ATOM   1142 C  CA  . ILE A 1 143 ? 0.017   11.203  8.883   1.00 38.72 ? 143 ILE A CA  1 
ATOM   1143 C  C   . ILE A 1 143 ? 0.146   12.651  8.440   1.00 32.62 ? 143 ILE A C   1 
ATOM   1144 O  O   . ILE A 1 143 ? 1.168   13.294  8.705   1.00 34.53 ? 143 ILE A O   1 
ATOM   1145 C  CB  . ILE A 1 143 ? 0.246   11.078  10.394  1.00 35.90 ? 143 ILE A CB  1 
ATOM   1146 C  CG1 . ILE A 1 143 ? 0.291   9.611   10.812  1.00 43.98 ? 143 ILE A CG1 1 
ATOM   1147 C  CG2 . ILE A 1 143 ? -0.841  11.820  11.156  1.00 37.42 ? 143 ILE A CG2 1 
ATOM   1148 C  CD1 . ILE A 1 143 ? -1.066  8.991   10.946  1.00 41.10 ? 143 ILE A CD1 1 
ATOM   1149 N  N   . LYS A 1 144 ? -0.892  13.169  7.781   1.00 40.23 ? 144 LYS A N   1 
ATOM   1150 C  CA  . LYS A 1 144 ? -0.852  14.480  7.139   1.00 40.29 ? 144 LYS A CA  1 
ATOM   1151 C  C   . LYS A 1 144 ? 0.312   14.544  6.159   1.00 43.50 ? 144 LYS A C   1 
ATOM   1152 O  O   . LYS A 1 144 ? 0.275   13.897  5.108   1.00 45.92 ? 144 LYS A O   1 
ATOM   1153 C  CB  . LYS A 1 144 ? -0.757  15.606  8.174   1.00 41.17 ? 144 LYS A CB  1 
ATOM   1154 C  CG  . LYS A 1 144 ? -1.557  15.362  9.442   1.00 37.18 ? 144 LYS A CG  1 
ATOM   1155 C  CD  . LYS A 1 144 ? -3.043  15.548  9.183   1.00 47.71 ? 144 LYS A CD  1 
ATOM   1156 C  CE  . LYS A 1 144 ? -3.836  15.587  10.483  1.00 59.39 ? 144 LYS A CE  1 
ATOM   1157 N  NZ  . LYS A 1 144 ? -4.781  14.440  10.626  1.00 46.05 ? 144 LYS A NZ  1 
ATOM   1158 N  N   . ASN A 1 145 ? 1.358   15.297  6.497   1.00 39.50 ? 145 ASN A N   1 
ATOM   1159 C  CA  . ASN A 1 145 ? 2.519   15.450  5.630   1.00 38.99 ? 145 ASN A CA  1 
ATOM   1160 C  C   . ASN A 1 145 ? 3.764   14.744  6.155   1.00 41.19 ? 145 ASN A C   1 
ATOM   1161 O  O   . ASN A 1 145 ? 4.809   14.801  5.500   1.00 42.77 ? 145 ASN A O   1 
ATOM   1162 C  CB  . ASN A 1 145 ? 2.826   16.937  5.414   1.00 42.69 ? 145 ASN A CB  1 
ATOM   1163 C  CG  . ASN A 1 145 ? 1.625   17.717  4.907   1.00 44.58 ? 145 ASN A CG  1 
ATOM   1164 O  OD1 . ASN A 1 145 ? 1.382   18.848  5.330   1.00 45.29 ? 145 ASN A OD1 1 
ATOM   1165 N  ND2 . ASN A 1 145 ? 0.866   17.112  4.003   1.00 43.53 ? 145 ASN A ND2 1 
ATOM   1166 N  N   . ASP A 1 146 ? 3.684   14.077  7.302   1.00 42.82 ? 146 ASP A N   1 
ATOM   1167 C  CA  . ASP A 1 146 ? 4.830   13.409  7.900   1.00 42.57 ? 146 ASP A CA  1 
ATOM   1168 C  C   . ASP A 1 146 ? 4.835   11.929  7.541   1.00 51.09 ? 146 ASP A C   1 
ATOM   1169 O  O   . ASP A 1 146 ? 3.782   11.284  7.494   1.00 40.67 ? 146 ASP A O   1 
ATOM   1170 C  CB  . ASP A 1 146 ? 4.821   13.577  9.418   1.00 41.15 ? 146 ASP A CB  1 
ATOM   1171 C  CG  . ASP A 1 146 ? 4.962   15.022  9.840   1.00 43.61 ? 146 ASP A CG  1 
ATOM   1172 O  OD1 . ASP A 1 146 ? 5.740   15.753  9.190   1.00 51.30 ? 146 ASP A OD1 1 
ATOM   1173 O  OD2 . ASP A 1 146 ? 4.296   15.425  10.817  1.00 49.63 ? 146 ASP A OD2 1 
ATOM   1174 N  N   . ILE A 1 147 ? 6.031   11.396  7.294   1.00 42.16 ? 147 ILE A N   1 
ATOM   1175 C  CA  . ILE A 1 147 ? 6.210   10.004  6.902   1.00 39.23 ? 147 ILE A CA  1 
ATOM   1176 C  C   . ILE A 1 147 ? 7.277   9.374   7.781   1.00 44.80 ? 147 ILE A C   1 
ATOM   1177 O  O   . ILE A 1 147 ? 8.311   9.993   8.061   1.00 50.19 ? 147 ILE A O   1 
ATOM   1178 C  CB  . ILE A 1 147 ? 6.598   9.876   5.415   1.00 38.78 ? 147 ILE A CB  1 
ATOM   1179 C  CG1 . ILE A 1 147 ? 5.526   10.503  4.522   1.00 39.19 ? 147 ILE A CG1 1 
ATOM   1180 C  CG2 . ILE A 1 147 ? 6.819   8.416   5.041   1.00 38.61 ? 147 ILE A CG2 1 
ATOM   1181 C  CD1 . ILE A 1 147 ? 6.042   10.929  3.179   1.00 43.91 ? 147 ILE A CD1 1 
ATOM   1182 N  N   . LYS A 1 148 ? 7.041   8.125   8.179   1.00 43.50 ? 148 LYS A N   1 
ATOM   1183 C  CA  . LYS A 1 148 ? 7.957   7.413   9.050   1.00 35.06 ? 148 LYS A CA  1 
ATOM   1184 C  C   . LYS A 1 148 ? 7.976   5.937   8.676   1.00 45.55 ? 148 LYS A C   1 
ATOM   1185 O  O   . LYS A 1 148 ? 6.926   5.333   8.430   1.00 39.15 ? 148 LYS A O   1 
ATOM   1186 C  CB  . LYS A 1 148 ? 7.557   7.582   10.518  1.00 36.40 ? 148 LYS A CB  1 
ATOM   1187 C  CG  . LYS A 1 148 ? 8.456   6.842   11.490  1.00 43.11 ? 148 LYS A CG  1 
ATOM   1188 C  CD  . LYS A 1 148 ? 9.071   7.786   12.508  1.00 46.72 ? 148 LYS A CD  1 
ATOM   1189 C  CE  . LYS A 1 148 ? 10.324  7.190   13.128  1.00 45.52 ? 148 LYS A CE  1 
ATOM   1190 N  NZ  . LYS A 1 148 ? 9.994   6.089   14.076  1.00 48.03 ? 148 LYS A NZ  1 
ATOM   1191 N  N   . LYS A 1 149 ? 9.177   5.363   8.639   1.00 41.83 ? 149 LYS A N   1 
ATOM   1192 C  CA  . LYS A 1 149 ? 9.329   3.951   8.318   1.00 35.66 ? 149 LYS A CA  1 
ATOM   1193 C  C   . LYS A 1 149 ? 8.831   3.085   9.468   1.00 41.51 ? 149 LYS A C   1 
ATOM   1194 O  O   . LYS A 1 149 ? 9.041   3.401   10.642  1.00 38.80 ? 149 LYS A O   1 
ATOM   1195 C  CB  . LYS A 1 149 ? 10.793  3.632   8.013   1.00 33.62 ? 149 LYS A CB  1 
ATOM   1196 C  CG  . LYS A 1 149 ? 11.053  2.166   7.697   1.00 36.80 ? 149 LYS A CG  1 
ATOM   1197 C  CD  . LYS A 1 149 ? 12.456  1.933   7.160   1.00 42.00 ? 149 LYS A CD  1 
ATOM   1198 C  CE  . LYS A 1 149 ? 13.372  1.377   8.233   1.00 41.23 ? 149 LYS A CE  1 
ATOM   1199 N  NZ  . LYS A 1 149 ? 12.782  0.180   8.892   1.00 44.44 ? 149 LYS A NZ  1 
ATOM   1200 N  N   . LEU A 1 150 ? 8.158   1.991   9.123   1.00 39.60 ? 150 LEU A N   1 
ATOM   1201 C  CA  . LEU A 1 150 ? 7.711   1.013   10.102  1.00 41.80 ? 150 LEU A CA  1 
ATOM   1202 C  C   . LEU A 1 150 ? 8.828   0.025   10.413  1.00 34.26 ? 150 LEU A C   1 
ATOM   1203 O  O   . LEU A 1 150 ? 9.806   -0.104  9.675   1.00 44.42 ? 150 LEU A O   1 
ATOM   1204 C  CB  . LEU A 1 150 ? 6.482   0.251   9.600   1.00 41.60 ? 150 LEU A CB  1 
ATOM   1205 C  CG  . LEU A 1 150 ? 5.131   0.968   9.590   1.00 41.37 ? 150 LEU A CG  1 
ATOM   1206 C  CD1 . LEU A 1 150 ? 4.878   1.648   10.915  1.00 34.31 ? 150 LEU A CD1 1 
ATOM   1207 C  CD2 . LEU A 1 150 ? 5.038   1.959   8.460   1.00 45.28 ? 150 LEU A CD2 1 
ATOM   1208 N  N   . LYS A 1 151 ? 8.664   -0.685  11.524  1.00 34.95 ? 151 LYS A N   1 
ATOM   1209 C  CA  . LYS A 1 151 ? 9.597   -1.718  11.940  1.00 35.71 ? 151 LYS A CA  1 
ATOM   1210 C  C   . LYS A 1 151 ? 8.918   -3.077  11.847  1.00 30.46 ? 151 LYS A C   1 
ATOM   1211 O  O   . LYS A 1 151 ? 7.727   -3.207  12.144  1.00 32.43 ? 151 LYS A O   1 
ATOM   1212 C  CB  . LYS A 1 151 ? 10.093  -1.471  13.369  1.00 35.87 ? 151 LYS A CB  1 
ATOM   1213 C  CG  . LYS A 1 151 ? 10.776  -0.125  13.565  1.00 43.35 ? 151 LYS A CG  1 
ATOM   1214 C  CD  . LYS A 1 151 ? 12.259  -0.200  13.221  1.00 57.80 ? 151 LYS A CD  1 
ATOM   1215 C  CE  . LYS A 1 151 ? 12.861  1.187   13.042  1.00 49.17 ? 151 LYS A CE  1 
ATOM   1216 N  NZ  . LYS A 1 151 ? 13.086  1.870   14.344  1.00 47.45 ? 151 LYS A NZ  1 
ATOM   1217 N  N   . LYS A 1 152 ? 9.678   -4.082  11.421  1.00 31.16 ? 152 LYS A N   1 
ATOM   1218 C  CA  . LYS A 1 152 ? 9.158   -5.442  11.362  1.00 32.74 ? 152 LYS A CA  1 
ATOM   1219 C  C   . LYS A 1 152 ? 8.998   -5.998  12.771  1.00 40.08 ? 152 LYS A C   1 
ATOM   1220 O  O   . LYS A 1 152 ? 9.924   -5.935  13.586  1.00 44.40 ? 152 LYS A O   1 
ATOM   1221 C  CB  . LYS A 1 152 ? 10.093  -6.328  10.537  1.00 32.04 ? 152 LYS A CB  1 
ATOM   1222 C  CG  . LYS A 1 152 ? 9.712   -7.807  10.503  1.00 46.15 ? 152 LYS A CG  1 
ATOM   1223 C  CD  . LYS A 1 152 ? 8.296   -8.033  9.984   1.00 46.00 ? 152 LYS A CD  1 
ATOM   1224 C  CE  . LYS A 1 152 ? 7.974   -9.519  9.899   1.00 55.25 ? 152 LYS A CE  1 
ATOM   1225 N  NZ  . LYS A 1 152 ? 6.514   -9.806  10.028  1.00 39.69 ? 152 LYS A NZ  1 
ATOM   1226 N  N   . LYS A 1 153 ? 7.818   -6.543  13.059  1.00 35.23 ? 153 LYS A N   1 
ATOM   1227 C  CA  . LYS A 1 153 ? 7.539   -7.060  14.392  1.00 39.40 ? 153 LYS A CA  1 
ATOM   1228 C  C   . LYS A 1 153 ? 8.384   -8.298  14.673  1.00 47.71 ? 153 LYS A C   1 
ATOM   1229 O  O   . LYS A 1 153 ? 8.460   -9.215  13.849  1.00 45.85 ? 153 LYS A O   1 
ATOM   1230 C  CB  . LYS A 1 153 ? 6.053   -7.388  14.535  1.00 36.72 ? 153 LYS A CB  1 
ATOM   1231 C  CG  . LYS A 1 153 ? 5.643   -7.739  15.954  1.00 34.67 ? 153 LYS A CG  1 
ATOM   1232 C  CD  . LYS A 1 153 ? 4.139   -7.896  16.089  1.00 32.06 ? 153 LYS A CD  1 
ATOM   1233 C  CE  . LYS A 1 153 ? 3.772   -8.392  17.480  1.00 38.21 ? 153 LYS A CE  1 
ATOM   1234 N  NZ  . LYS A 1 153 ? 2.310   -8.617  17.638  1.00 33.00 ? 153 LYS A NZ  1 
ATOM   1235 N  N   . MET A 1 154 ? 9.012   -8.323  15.849  1.00 48.51 ? 154 MET A N   1 
ATOM   1236 C  CA  . MET A 1 154 ? 9.907   -9.415  16.215  1.00 52.91 ? 154 MET A CA  1 
ATOM   1237 C  C   . MET A 1 154 ? 9.149   -10.735 16.283  1.00 60.24 ? 154 MET A C   1 
ATOM   1238 O  O   . MET A 1 154 ? 8.232   -10.887 17.095  1.00 62.86 ? 154 MET A O   1 
ATOM   1239 C  CB  . MET A 1 154 ? 10.576  -9.113  17.555  1.00 60.46 ? 154 MET A CB  1 
ATOM   1240 N  N   . ILE B 2 1   ? -1.571  -14.353 15.615  1.00 54.35 ? 9   ILE B N   1 
ATOM   1241 C  CA  . ILE B 2 1   ? -0.861  -14.126 16.869  1.00 52.38 ? 9   ILE B CA  1 
ATOM   1242 C  C   . ILE B 2 1   ? -0.015  -12.868 16.784  1.00 40.50 ? 9   ILE B C   1 
ATOM   1243 O  O   . ILE B 2 1   ? -0.132  -11.965 17.617  1.00 43.63 ? 9   ILE B O   1 
ATOM   1244 C  CB  . ILE B 2 1   ? 0.003   -15.328 17.220  1.00 30.00 ? 9   ILE B CB  1 
ATOM   1245 N  N   . ALA B 2 2   ? 0.851   -12.808 15.771  1.00 45.56 ? 10  ALA B N   1 
ATOM   1246 C  CA  . ALA B 2 2   ? 1.596   -11.580 15.513  1.00 40.07 ? 10  ALA B CA  1 
ATOM   1247 C  C   . ALA B 2 2   ? 0.671   -10.478 15.025  1.00 35.49 ? 10  ALA B C   1 
ATOM   1248 O  O   . ALA B 2 2   ? 0.841   -9.311  15.395  1.00 40.71 ? 10  ALA B O   1 
ATOM   1249 C  CB  . ALA B 2 2   ? 2.707   -11.847 14.500  1.00 43.04 ? 10  ALA B CB  1 
ATOM   1250 N  N   . ALA B 2 3   ? -0.318  -10.830 14.206  1.00 40.57 ? 11  ALA B N   1 
ATOM   1251 C  CA  . ALA B 2 3   ? -1.324  -9.895  13.723  1.00 36.73 ? 11  ALA B CA  1 
ATOM   1252 C  C   . ALA B 2 3   ? -2.561  -9.855  14.610  1.00 38.65 ? 11  ALA B C   1 
ATOM   1253 O  O   . ALA B 2 3   ? -3.461  -9.049  14.355  1.00 32.11 ? 11  ALA B O   1 
ATOM   1254 C  CB  . ALA B 2 3   ? -1.731  -10.255 12.292  1.00 34.15 ? 11  ALA B CB  1 
ATOM   1255 N  N   . ALA B 2 4   ? -2.618  -10.692 15.645  1.00 33.91 ? 12  ALA B N   1 
ATOM   1256 C  CA  . ALA B 2 4   ? -3.803  -10.749 16.498  1.00 41.66 ? 12  ALA B CA  1 
ATOM   1257 C  C   . ALA B 2 4   ? -4.190  -9.415  17.134  1.00 35.09 ? 12  ALA B C   1 
ATOM   1258 O  O   . ALA B 2 4   ? -5.400  -9.134  17.198  1.00 35.37 ? 12  ALA B O   1 
ATOM   1259 C  CB  . ALA B 2 4   ? -3.608  -11.818 17.580  1.00 42.73 ? 12  ALA B CB  1 
ATOM   1260 N  N   . PRO B 2 5   ? -3.272  -8.574  17.628  1.00 35.35 ? 13  PRO B N   1 
ATOM   1261 C  CA  . PRO B 2 5   ? -3.722  -7.315  18.248  1.00 34.21 ? 13  PRO B CA  1 
ATOM   1262 C  C   . PRO B 2 5   ? -4.532  -6.432  17.315  1.00 41.00 ? 13  PRO B C   1 
ATOM   1263 O  O   . PRO B 2 5   ? -5.424  -5.712  17.782  1.00 41.83 ? 13  PRO B O   1 
ATOM   1264 C  CB  . PRO B 2 5   ? -2.410  -6.636  18.666  1.00 33.70 ? 13  PRO B CB  1 
ATOM   1265 C  CG  . PRO B 2 5   ? -1.434  -7.730  18.790  1.00 36.10 ? 13  PRO B CG  1 
ATOM   1266 C  CD  . PRO B 2 5   ? -1.813  -8.750  17.766  1.00 34.07 ? 13  PRO B CD  1 
ATOM   1267 N  N   . ALA B 2 6   ? -4.255  -6.471  16.010  1.00 36.24 ? 14  ALA B N   1 
ATOM   1268 C  CA  . ALA B 2 6   ? -5.027  -5.666  15.071  1.00 32.92 ? 14  ALA B CA  1 
ATOM   1269 C  C   . ALA B 2 6   ? -6.450  -6.190  14.929  1.00 31.35 ? 14  ALA B C   1 
ATOM   1270 O  O   . ALA B 2 6   ? -7.392  -5.406  14.758  1.00 33.71 ? 14  ALA B O   1 
ATOM   1271 C  CB  . ALA B 2 6   ? -4.328  -5.630  13.713  1.00 31.59 ? 14  ALA B CB  1 
ATOM   1272 N  N   . PHE B 2 7   ? -6.631  -7.508  15.000  1.00 35.93 ? 15  PHE B N   1 
ATOM   1273 C  CA  . PHE B 2 7   ? -7.951  -8.104  14.839  1.00 33.04 ? 15  PHE B CA  1 
ATOM   1274 C  C   . PHE B 2 7   ? -8.756  -8.123  16.129  1.00 40.46 ? 15  PHE B C   1 
ATOM   1275 O  O   . PHE B 2 7   ? -9.920  -8.538  16.107  1.00 46.00 ? 15  PHE B O   1 
ATOM   1276 C  CB  . PHE B 2 7   ? -7.818  -9.520  14.276  1.00 29.67 ? 15  PHE B CB  1 
ATOM   1277 C  CG  . PHE B 2 7   ? -7.346  -9.548  12.856  1.00 29.33 ? 15  PHE B CG  1 
ATOM   1278 C  CD1 . PHE B 2 7   ? -5.995  -9.534  12.564  1.00 30.19 ? 15  PHE B CD1 1 
ATOM   1279 C  CD2 . PHE B 2 7   ? -8.254  -9.559  11.812  1.00 31.90 ? 15  PHE B CD2 1 
ATOM   1280 C  CE1 . PHE B 2 7   ? -5.556  -9.542  11.257  1.00 33.71 ? 15  PHE B CE1 1 
ATOM   1281 C  CE2 . PHE B 2 7   ? -7.822  -9.568  10.499  1.00 30.71 ? 15  PHE B CE2 1 
ATOM   1282 C  CZ  . PHE B 2 7   ? -6.471  -9.550  10.221  1.00 32.12 ? 15  PHE B CZ  1 
ATOM   1283 N  N   . HIS B 2 8   ? -8.173  -7.684  17.241  1.00 36.44 ? 16  HIS B N   1 
ATOM   1284 C  CA  . HIS B 2 8   ? -8.877  -7.594  18.511  1.00 45.92 ? 16  HIS B CA  1 
ATOM   1285 C  C   . HIS B 2 8   ? -9.579  -6.257  18.701  1.00 51.83 ? 16  HIS B C   1 
ATOM   1286 O  O   . HIS B 2 8   ? -10.206 -6.043  19.744  1.00 50.67 ? 16  HIS B O   1 
ATOM   1287 C  CB  . HIS B 2 8   ? -7.904  -7.836  19.671  1.00 45.92 ? 16  HIS B CB  1 
ATOM   1288 C  CG  . HIS B 2 8   ? -7.619  -9.284  19.930  1.00 52.73 ? 16  HIS B CG  1 
ATOM   1289 N  ND1 . HIS B 2 8   ? -8.595  -10.179 20.314  1.00 52.22 ? 16  HIS B ND1 1 
ATOM   1290 C  CD2 . HIS B 2 8   ? -6.464  -9.987  19.874  1.00 46.58 ? 16  HIS B CD2 1 
ATOM   1291 C  CE1 . HIS B 2 8   ? -8.054  -11.373 20.475  1.00 52.38 ? 16  HIS B CE1 1 
ATOM   1292 N  NE2 . HIS B 2 8   ? -6.763  -11.284 20.214  1.00 57.24 ? 16  HIS B NE2 1 
ATOM   1293 N  N   . VAL B 2 9   ? -9.481  -5.355  17.729  1.00 41.76 ? 17  VAL B N   1 
ATOM   1294 C  CA  . VAL B 2 9   ? -10.195 -4.084  17.741  1.00 41.82 ? 17  VAL B CA  1 
ATOM   1295 C  C   . VAL B 2 9   ? -11.196 -4.105  16.595  1.00 36.34 ? 17  VAL B C   1 
ATOM   1296 O  O   . VAL B 2 9   ? -10.849 -4.479  15.468  1.00 35.90 ? 17  VAL B O   1 
ATOM   1297 C  CB  . VAL B 2 9   ? -9.233  -2.890  17.616  1.00 47.07 ? 17  VAL B CB  1 
ATOM   1298 C  CG1 . VAL B 2 9   ? -9.996  -1.576  17.716  1.00 42.64 ? 17  VAL B CG1 1 
ATOM   1299 C  CG2 . VAL B 2 9   ? -8.150  -2.965  18.684  1.00 50.03 ? 17  VAL B CG2 1 
ATOM   1300 N  N   . SER B 2 10  ? -12.435 -3.722  16.885  1.00 43.69 ? 18  SER B N   1 
ATOM   1301 C  CA  . SER B 2 10  ? -13.481 -3.781  15.876  1.00 43.44 ? 18  SER B CA  1 
ATOM   1302 C  C   . SER B 2 10  ? -13.181 -2.790  14.754  1.00 35.69 ? 18  SER B C   1 
ATOM   1303 O  O   . SER B 2 10  ? -12.651 -1.701  15.011  1.00 38.81 ? 18  SER B O   1 
ATOM   1304 C  CB  . SER B 2 10  ? -14.841 -3.482  16.508  1.00 49.87 ? 18  SER B CB  1 
ATOM   1305 O  OG  . SER B 2 10  ? -15.886 -4.146  15.822  1.00 55.47 ? 18  SER B OG  1 
ATOM   1306 N  N   . PRO B 2 11  ? -13.495 -3.129  13.504  1.00 33.41 ? 19  PRO B N   1 
ATOM   1307 C  CA  . PRO B 2 11  ? -13.139 -2.249  12.385  1.00 40.72 ? 19  PRO B CA  1 
ATOM   1308 C  C   . PRO B 2 11  ? -13.978 -0.978  12.364  1.00 37.43 ? 19  PRO B C   1 
ATOM   1309 O  O   . PRO B 2 11  ? -15.006 -0.859  13.033  1.00 42.08 ? 19  PRO B O   1 
ATOM   1310 C  CB  . PRO B 2 11  ? -13.411 -3.113  11.149  1.00 37.33 ? 19  PRO B CB  1 
ATOM   1311 C  CG  . PRO B 2 11  ? -14.445 -4.086  11.601  1.00 43.57 ? 19  PRO B CG  1 
ATOM   1312 C  CD  . PRO B 2 11  ? -14.142 -4.372  13.045  1.00 36.18 ? 19  PRO B CD  1 
ATOM   1313 N  N   . SER B 2 12  ? -13.505 -0.012  11.580  1.00 36.41 ? 20  SER B N   1 
ATOM   1314 C  CA  . SER B 2 12  ? -14.178 1.265   11.394  1.00 33.56 ? 20  SER B CA  1 
ATOM   1315 C  C   . SER B 2 12  ? -14.817 1.314   10.013  1.00 37.42 ? 20  SER B C   1 
ATOM   1316 O  O   . SER B 2 12  ? -14.275 0.766   9.048   1.00 40.07 ? 20  SER B O   1 
ATOM   1317 C  CB  . SER B 2 12  ? -13.200 2.431   11.554  1.00 44.25 ? 20  SER B CB  1 
ATOM   1318 O  OG  . SER B 2 12  ? -12.924 2.685   12.919  1.00 55.55 ? 20  SER B OG  1 
ATOM   1319 N  N   . ARG B 2 13  ? -15.972 1.968   9.924   1.00 36.99 ? 21  ARG B N   1 
ATOM   1320 C  CA  . ARG B 2 13  ? -16.686 2.146   8.670   1.00 33.82 ? 21  ARG B CA  1 
ATOM   1321 C  C   . ARG B 2 13  ? -16.511 3.578   8.173   1.00 38.25 ? 21  ARG B C   1 
ATOM   1322 O  O   . ARG B 2 13  ? -16.408 4.517   8.964   1.00 40.17 ? 21  ARG B O   1 
ATOM   1323 C  CB  . ARG B 2 13  ? -18.171 1.828   8.838   1.00 34.76 ? 21  ARG B CB  1 
ATOM   1324 C  CG  . ARG B 2 13  ? -18.882 1.425   7.550   1.00 39.14 ? 21  ARG B CG  1 
ATOM   1325 C  CD  . ARG B 2 13  ? -20.387 1.394   7.755   1.00 42.65 ? 21  ARG B CD  1 
ATOM   1326 N  NE  . ARG B 2 13  ? -20.970 0.074   7.522   1.00 52.42 ? 21  ARG B NE  1 
ATOM   1327 C  CZ  . ARG B 2 13  ? -21.651 -0.619  8.430   1.00 54.89 ? 21  ARG B CZ  1 
ATOM   1328 N  NH1 . ARG B 2 13  ? -21.837 -0.130  9.651   1.00 51.63 ? 21  ARG B NH1 1 
ATOM   1329 N  NH2 . ARG B 2 13  ? -22.150 -1.807  8.117   1.00 62.42 ? 21  ARG B NH2 1 
ATOM   1330 N  N   . GLU B 2 14  ? -16.446 3.735   6.854   1.00 38.59 ? 22  GLU B N   1 
ATOM   1331 C  CA  . GLU B 2 14  ? -16.295 5.046   6.245   1.00 43.75 ? 22  GLU B CA  1 
ATOM   1332 C  C   . GLU B 2 14  ? -17.501 5.350   5.364   1.00 40.32 ? 22  GLU B C   1 
ATOM   1333 O  O   . GLU B 2 14  ? -18.123 4.433   4.815   1.00 34.16 ? 22  GLU B O   1 
ATOM   1334 C  CB  . GLU B 2 14  ? -15.002 5.135   5.423   1.00 35.45 ? 22  GLU B CB  1 
ATOM   1335 C  CG  . GLU B 2 14  ? -13.745 5.045   6.280   1.00 36.76 ? 22  GLU B CG  1 
ATOM   1336 C  CD  . GLU B 2 14  ? -12.495 5.493   5.558   1.00 38.65 ? 22  GLU B CD  1 
ATOM   1337 O  OE1 . GLU B 2 14  ? -12.516 5.525   4.311   1.00 38.62 ? 22  GLU B OE1 1 
ATOM   1338 O  OE2 . GLU B 2 14  ? -11.493 5.808   6.236   1.00 31.86 ? 22  GLU B OE2 1 
ATOM   1339 N  N   . PRO B 2 15  ? -17.870 6.629   5.233   1.00 40.21 ? 23  PRO B N   1 
ATOM   1340 C  CA  . PRO B 2 15  ? -19.141 6.973   4.574   1.00 41.34 ? 23  PRO B CA  1 
ATOM   1341 C  C   . PRO B 2 15  ? -19.196 6.666   3.084   1.00 39.91 ? 23  PRO B C   1 
ATOM   1342 O  O   . PRO B 2 15  ? -20.183 6.097   2.606   1.00 48.60 ? 23  PRO B O   1 
ATOM   1343 C  CB  . PRO B 2 15  ? -19.262 8.482   4.823   1.00 54.46 ? 23  PRO B CB  1 
ATOM   1344 C  CG  . PRO B 2 15  ? -17.850 8.939   5.039   1.00 52.77 ? 23  PRO B CG  1 
ATOM   1345 C  CD  . PRO B 2 15  ? -17.179 7.820   5.762   1.00 49.32 ? 23  PRO B CD  1 
ATOM   1346 N  N   . GLU B 2 16  ? -18.165 7.036   2.336   1.00 36.36 ? 24  GLU B N   1 
ATOM   1347 C  CA  . GLU B 2 16  ? -18.167 6.874   0.892   1.00 39.25 ? 24  GLU B CA  1 
ATOM   1348 C  C   . GLU B 2 16  ? -16.785 6.441   0.430   1.00 41.01 ? 24  GLU B C   1 
ATOM   1349 O  O   . GLU B 2 16  ? -15.794 6.635   1.145   1.00 32.02 ? 24  GLU B O   1 
ATOM   1350 C  CB  . GLU B 2 16  ? -18.593 8.170   0.182   1.00 47.89 ? 24  GLU B CB  1 
ATOM   1351 C  CG  . GLU B 2 16  ? -20.085 8.474   0.309   1.00 54.19 ? 24  GLU B CG  1 
ATOM   1352 C  CD  . GLU B 2 16  ? -20.960 7.440   -0.392  1.00 57.33 ? 24  GLU B CD  1 
ATOM   1353 O  OE1 . GLU B 2 16  ? -21.751 6.764   0.304   1.00 66.25 ? 24  GLU B OE1 1 
ATOM   1354 O  OE2 . GLU B 2 16  ? -20.867 7.312   -1.633  1.00 50.04 ? 24  GLU B OE2 1 
ATOM   1355 N  N   . PRO B 2 17  ? -16.686 5.841   -0.761  1.00 33.49 ? 25  PRO B N   1 
ATOM   1356 C  CA  . PRO B 2 17  ? -15.375 5.419   -1.265  1.00 31.40 ? 25  PRO B CA  1 
ATOM   1357 C  C   . PRO B 2 17  ? -14.429 6.598   -1.421  1.00 36.59 ? 25  PRO B C   1 
ATOM   1358 O  O   . PRO B 2 17  ? -14.840 7.722   -1.713  1.00 34.47 ? 25  PRO B O   1 
ATOM   1359 C  CB  . PRO B 2 17  ? -15.699 4.778   -2.624  1.00 33.97 ? 25  PRO B CB  1 
ATOM   1360 C  CG  . PRO B 2 17  ? -17.077 5.261   -2.969  1.00 34.05 ? 25  PRO B CG  1 
ATOM   1361 C  CD  . PRO B 2 17  ? -17.774 5.422   -1.661  1.00 34.78 ? 25  PRO B CD  1 
ATOM   1362 N  N   . ARG B 2 18  ? -13.144 6.325   -1.220  1.00 38.60 ? 26  ARG B N   1 
ATOM   1363 C  CA  . ARG B 2 18  ? -12.128 7.363   -1.279  1.00 30.15 ? 26  ARG B CA  1 
ATOM   1364 C  C   . ARG B 2 18  ? -11.770 7.691   -2.722  1.00 30.70 ? 26  ARG B C   1 
ATOM   1365 O  O   . ARG B 2 18  ? -11.741 6.813   -3.589  1.00 37.13 ? 26  ARG B O   1 
ATOM   1366 C  CB  . ARG B 2 18  ? -10.880 6.926   -0.516  1.00 35.03 ? 26  ARG B CB  1 
ATOM   1367 C  CG  . ARG B 2 18  ? -11.012 7.069   0.984   1.00 33.47 ? 26  ARG B CG  1 
ATOM   1368 C  CD  . ARG B 2 18  ? -10.973 8.532   1.390   1.00 39.91 ? 26  ARG B CD  1 
ATOM   1369 N  NE  . ARG B 2 18  ? -9.683  9.135   1.080   1.00 34.40 ? 26  ARG B NE  1 
ATOM   1370 C  CZ  . ARG B 2 18  ? -8.607  9.006   1.848   1.00 34.40 ? 26  ARG B CZ  1 
ATOM   1371 N  NH1 . ARG B 2 18  ? -8.675  8.291   2.960   1.00 28.52 ? 26  ARG B NH1 1 
ATOM   1372 N  NH2 . ARG B 2 18  ? -7.463  9.581   1.504   1.00 34.23 ? 26  ARG B NH2 1 
ATOM   1373 N  N   . LYS B 2 19  ? -11.496 8.968   -2.971  1.00 44.21 ? 27  LYS B N   1 
ATOM   1374 C  CA  . LYS B 2 19  ? -11.108 9.449   -4.294  1.00 34.05 ? 27  LYS B CA  1 
ATOM   1375 C  C   . LYS B 2 19  ? -9.587  9.414   -4.376  1.00 37.27 ? 27  LYS B C   1 
ATOM   1376 O  O   . LYS B 2 19  ? -8.904  10.272  -3.813  1.00 34.56 ? 27  LYS B O   1 
ATOM   1377 C  CB  . LYS B 2 19  ? -11.651 10.853  -4.534  1.00 39.53 ? 27  LYS B CB  1 
ATOM   1378 C  CG  . LYS B 2 19  ? -11.803 11.233  -5.996  1.00 46.84 ? 27  LYS B CG  1 
ATOM   1379 C  CD  . LYS B 2 19  ? -12.063 12.724  -6.140  1.00 57.50 ? 27  LYS B CD  1 
ATOM   1380 C  CE  . LYS B 2 19  ? -12.230 13.126  -7.599  1.00 55.81 ? 27  LYS B CE  1 
ATOM   1381 N  NZ  . LYS B 2 19  ? -11.718 14.504  -7.852  1.00 59.04 ? 27  LYS B NZ  1 
ATOM   1382 N  N   . ILE B 2 20  ? -9.050  8.412   -5.074  1.00 30.09 ? 28  ILE B N   1 
ATOM   1383 C  CA  . ILE B 2 20  ? -7.603  8.296   -5.197  1.00 32.29 ? 28  ILE B CA  1 
ATOM   1384 C  C   . ILE B 2 20  ? -7.081  9.381   -6.132  1.00 41.41 ? 28  ILE B C   1 
ATOM   1385 O  O   . ILE B 2 20  ? -7.764  9.815   -7.071  1.00 34.95 ? 28  ILE B O   1 
ATOM   1386 C  CB  . ILE B 2 20  ? -7.198  6.891   -5.685  1.00 36.03 ? 28  ILE B CB  1 
ATOM   1387 C  CG1 . ILE B 2 20  ? -7.450  6.736   -7.186  1.00 28.85 ? 28  ILE B CG1 1 
ATOM   1388 C  CG2 . ILE B 2 20  ? -7.941  5.816   -4.902  1.00 40.22 ? 28  ILE B CG2 1 
ATOM   1389 C  CD1 . ILE B 2 20  ? -7.237  5.331   -7.704  1.00 32.76 ? 28  ILE B CD1 1 
ATOM   1390 N  N   . ASN B 2 21  ? -5.865  9.845   -5.855  1.00 42.85 ? 29  ASN B N   1 
ATOM   1391 C  CA  . ASN B 2 21  ? -5.259  10.879  -6.679  1.00 46.95 ? 29  ASN B CA  1 
ATOM   1392 C  C   . ASN B 2 21  ? -4.981  10.343  -8.077  1.00 50.51 ? 29  ASN B C   1 
ATOM   1393 O  O   . ASN B 2 21  ? -4.479  9.229   -8.245  1.00 57.94 ? 29  ASN B O   1 
ATOM   1394 C  CB  . ASN B 2 21  ? -3.967  11.382  -6.041  1.00 47.30 ? 29  ASN B CB  1 
ATOM   1395 C  CG  . ASN B 2 21  ? -3.783  12.876  -6.199  1.00 59.58 ? 29  ASN B CG  1 
ATOM   1396 O  OD1 . ASN B 2 21  ? -3.316  13.349  -7.235  1.00 69.60 ? 29  ASN B OD1 1 
ATOM   1397 N  ND2 . ASN B 2 21  ? -4.149  13.631  -5.168  1.00 61.85 ? 29  ASN B ND2 1 
ATOM   1398 N  N   . LYS B 2 22  ? -5.323  11.139  -9.084  1.00 58.22 ? 30  LYS B N   1 
ATOM   1399 C  CA  . LYS B 2 22  ? -5.056  10.761  -10.463 1.00 54.60 ? 30  LYS B CA  1 
ATOM   1400 C  C   . LYS B 2 22  ? -3.580  10.955  -10.780 1.00 61.90 ? 30  LYS B C   1 
ATOM   1401 O  O   . LYS B 2 22  ? -2.966  11.941  -10.359 1.00 62.87 ? 30  LYS B O   1 
ATOM   1402 C  CB  . LYS B 2 22  ? -5.919  11.581  -11.420 1.00 51.05 ? 30  LYS B CB  1 
ATOM   1403 C  CG  . LYS B 2 22  ? -7.337  11.052  -11.568 1.00 55.49 ? 30  LYS B CG  1 
ATOM   1404 C  CD  . LYS B 2 22  ? -8.360  12.175  -11.523 1.00 54.31 ? 30  LYS B CD  1 
ATOM   1405 C  CE  . LYS B 2 22  ? -9.779  11.631  -11.560 1.00 59.03 ? 30  LYS B CE  1 
ATOM   1406 N  NZ  . LYS B 2 22  ? -10.106 10.841  -10.342 1.00 51.66 ? 30  LYS B NZ  1 
ATOM   1407 N  N   . THR B 2 23  ? -3.015  9.997   -11.516 1.00 60.38 ? 31  THR B N   1 
ATOM   1408 C  CA  . THR B 2 23  ? -1.608  10.010  -11.900 1.00 65.09 ? 31  THR B CA  1 
ATOM   1409 C  C   . THR B 2 23  ? -0.700  10.007  -10.676 1.00 62.02 ? 31  THR B C   1 
ATOM   1410 O  O   . THR B 2 23  ? -0.322  11.069  -10.170 1.00 65.94 ? 31  THR B O   1 
ATOM   1411 C  CB  . THR B 2 23  ? -1.299  11.217  -12.792 1.00 56.97 ? 31  THR B CB  1 
ATOM   1412 N  N   . MET B 2 24  ? -0.443  8.820   -10.138 1.00 57.95 ? 32  MET B N   1 
ATOM   1413 C  CA  . MET B 2 24  ? 0.509   8.712   -9.012  1.00 52.99 ? 32  MET B CA  1 
ATOM   1414 C  C   . MET B 2 24  ? 1.881   8.373   -9.600  1.00 56.51 ? 32  MET B C   1 
ATOM   1415 O  O   . MET B 2 24  ? 2.075   7.212   -10.016 1.00 55.02 ? 32  MET B O   1 
ATOM   1416 C  CB  . MET B 2 24  ? 0.063   7.634   -8.030  1.00 50.16 ? 32  MET B CB  1 
ATOM   1417 C  CG  . MET B 2 24  ? 0.798   7.667   -6.714  1.00 54.73 ? 32  MET B CG  1 
ATOM   1418 S  SD  . MET B 2 24  ? 0.076   8.856   -5.572  1.00 60.21 ? 32  MET B SD  1 
ATOM   1419 C  CE  . MET B 2 24  ? 1.508   9.091   -4.517  1.00 38.38 ? 32  MET B CE  1 
ATOM   1420 N  N   . VAL B 2 25  ? 2.758   9.369   -9.678  1.00 55.59 ? 33  VAL B N   1 
ATOM   1421 C  CA  . VAL B 2 25  ? 4.124   9.161   -10.234 1.00 56.54 ? 33  VAL B CA  1 
ATOM   1422 C  C   . VAL B 2 25  ? 5.073   8.708   -9.119  1.00 58.45 ? 33  VAL B C   1 
ATOM   1423 O  O   . VAL B 2 25  ? 4.862   9.104   -7.971  1.00 61.76 ? 33  VAL B O   1 
ATOM   1424 C  CB  . VAL B 2 25  ? 4.642   10.439  -10.915 1.00 63.89 ? 33  VAL B CB  1 
ATOM   1425 C  CG1 . VAL B 2 25  ? 3.763   10.823  -12.099 1.00 53.60 ? 33  VAL B CG1 1 
ATOM   1426 C  CG2 . VAL B 2 25  ? 4.785   11.604  -9.946  1.00 51.92 ? 33  VAL B CG2 1 
ATOM   1427 N  N   . SER B 2 26  ? 6.040   7.873   -9.449  1.00 60.24 ? 34  SER B N   1 
ATOM   1428 C  CA  . SER B 2 26  ? 7.049   7.380   -8.484  1.00 59.13 ? 34  SER B CA  1 
ATOM   1429 C  C   . SER B 2 26  ? 8.148   6.768   -9.343  1.00 60.76 ? 34  SER B C   1 
ATOM   1430 O  O   . SER B 2 26  ? 8.974   6.038   -8.828  1.00 62.23 ? 34  SER B O   1 
ATOM   1431 C  CB  . SER B 2 26  ? 6.501   6.369   -7.530  1.00 58.33 ? 34  SER B CB  1 
ATOM   1432 O  OG  . SER B 2 26  ? 6.488   5.080   -8.126  1.00 65.22 ? 34  SER B OG  1 
HETATM 1433 ZN ZN  . ZN  C 3 .   ? 10.970  4.941   -7.375  1.00 93.02 ? 201 ZN  A ZN  1 
HETATM 1434 O  O   . HOH D 4 .   ? 0.961   15.596  2.162   1.00 39.30 ? 301 HOH A O   1 
HETATM 1435 O  O   . HOH D 4 .   ? 11.618  6.064   15.685  1.00 50.73 ? 302 HOH A O   1 
HETATM 1436 O  O   . HOH D 4 .   ? -7.847  5.085   -11.264 1.00 26.54 ? 303 HOH A O   1 
HETATM 1437 O  O   . HOH D 4 .   ? -4.420  -13.414 2.529   1.00 39.04 ? 304 HOH A O   1 
HETATM 1438 O  O   . HOH D 4 .   ? -12.774 1.114   -0.886  1.00 27.65 ? 305 HOH A O   1 
HETATM 1439 O  O   . HOH D 4 .   ? -7.839  0.627   -16.519 1.00 35.58 ? 306 HOH A O   1 
HETATM 1440 O  O   . HOH D 4 .   ? 12.535  4.783   -15.778 1.00 38.38 ? 307 HOH A O   1 
HETATM 1441 O  O   . HOH D 4 .   ? 6.397   -3.230  -19.394 1.00 48.94 ? 308 HOH A O   1 
HETATM 1442 O  O   . HOH D 4 .   ? 6.956   -5.439  -12.088 1.00 30.03 ? 309 HOH A O   1 
HETATM 1443 O  O   . HOH D 4 .   ? -4.260  -2.429  20.508  1.00 44.47 ? 310 HOH A O   1 
HETATM 1444 O  O   . HOH D 4 .   ? 11.322  -5.352  -7.434  1.00 31.83 ? 311 HOH A O   1 
HETATM 1445 O  O   . HOH D 4 .   ? -6.359  -4.609  -9.894  1.00 28.76 ? 312 HOH A O   1 
HETATM 1446 O  O   . HOH D 4 .   ? 7.141   -0.054  19.512  1.00 44.24 ? 313 HOH A O   1 
HETATM 1447 O  O   . HOH D 4 .   ? -2.848  -13.769 5.992   1.00 35.23 ? 314 HOH A O   1 
HETATM 1448 O  O   . HOH D 4 .   ? -1.371  1.387   11.990  1.00 39.30 ? 315 HOH A O   1 
HETATM 1449 O  O   . HOH D 4 .   ? 1.343   3.604   -6.378  1.00 32.37 ? 316 HOH A O   1 
HETATM 1450 O  O   . HOH D 4 .   ? 9.044   -6.019  17.494  1.00 45.36 ? 317 HOH A O   1 
HETATM 1451 O  O   . HOH D 4 .   ? -1.008  6.034   18.196  1.00 43.41 ? 318 HOH A O   1 
HETATM 1452 O  O   . HOH D 4 .   ? 16.513  -6.628  -11.973 1.00 34.87 ? 319 HOH A O   1 
HETATM 1453 O  O   . HOH D 4 .   ? 4.648   -14.252 -5.325  1.00 38.78 ? 320 HOH A O   1 
HETATM 1454 O  O   . HOH D 4 .   ? -8.418  5.337   16.517  1.00 45.74 ? 321 HOH A O   1 
HETATM 1455 O  O   . HOH D 4 .   ? 14.637  -2.485  2.643   1.00 33.80 ? 322 HOH A O   1 
HETATM 1456 O  O   . HOH D 4 .   ? 8.109   13.289  6.419   1.00 45.67 ? 323 HOH A O   1 
HETATM 1457 O  O   . HOH D 4 .   ? -8.613  -9.291  -5.208  1.00 38.41 ? 324 HOH A O   1 
HETATM 1458 O  O   . HOH D 4 .   ? 12.010  -14.535 -11.287 1.00 40.77 ? 325 HOH A O   1 
HETATM 1459 O  O   . HOH D 4 .   ? -1.039  -1.800  20.524  1.00 44.40 ? 326 HOH A O   1 
HETATM 1460 O  O   . HOH D 4 .   ? 11.887  3.588   17.681  1.00 43.32 ? 327 HOH A O   1 
HETATM 1461 O  O   . HOH D 4 .   ? -15.725 6.300   -10.102 1.00 37.04 ? 328 HOH A O   1 
HETATM 1462 O  O   . HOH D 4 .   ? 6.043   -15.216 5.593   1.00 50.66 ? 329 HOH A O   1 
HETATM 1463 O  O   . HOH D 4 .   ? 13.783  5.080   4.985   1.00 38.51 ? 330 HOH A O   1 
HETATM 1464 O  O   . HOH D 4 .   ? -8.594  -10.591 -7.250  1.00 50.78 ? 331 HOH A O   1 
HETATM 1465 O  O   . HOH D 4 .   ? 10.869  6.809   -16.294 1.00 41.87 ? 332 HOH A O   1 
HETATM 1466 O  O   . HOH D 4 .   ? -1.750  -19.250 4.405   1.00 45.84 ? 333 HOH A O   1 
HETATM 1467 O  O   . HOH D 4 .   ? -1.987  5.175   20.162  1.00 44.84 ? 334 HOH A O   1 
HETATM 1468 O  O   . HOH D 4 .   ? 16.867  -12.017 -24.404 1.00 48.94 ? 335 HOH A O   1 
HETATM 1469 O  O   . HOH E 4 .   ? -12.371 -0.143  8.152   1.00 33.99 ? 101 HOH B O   1 
HETATM 1470 O  O   . HOH E 4 .   ? -9.909  9.014   -8.770  1.00 45.44 ? 102 HOH B O   1 
HETATM 1471 O  O   . HOH E 4 .   ? 10.683  4.356   -9.346  1.00 53.93 ? 103 HOH B O   1 
HETATM 1472 O  O   . HOH E 4 .   ? -13.667 4.980   2.201   1.00 30.19 ? 104 HOH B O   1 
HETATM 1473 O  O   . HOH E 4 .   ? -24.144 6.602   -0.480  1.00 50.76 ? 105 HOH B O   1 
HETATM 1474 O  O   . HOH E 4 .   ? -4.276  9.202   -3.799  1.00 31.00 ? 106 HOH B O   1 
HETATM 1475 O  O   . HOH E 4 .   ? 2.844   5.231   -8.292  1.00 52.27 ? 107 HOH B O   1 
HETATM 1476 O  O   . HOH E 4 .   ? -9.799  5.831   3.634   1.00 30.72 ? 108 HOH B O   1 
HETATM 1477 O  O   . HOH E 4 .   ? -5.125  -4.670  20.474  1.00 52.40 ? 109 HOH B O   1 
HETATM 1478 O  O   . HOH E 4 .   ? -12.321 3.893   0.282   1.00 33.56 ? 110 HOH B O   1 
HETATM 1479 O  O   . HOH E 4 .   ? -11.939 6.560   9.139   1.00 35.75 ? 111 HOH B O   1 
HETATM 1480 O  O   . HOH E 4 .   ? -11.791 11.044  -0.725  1.00 43.37 ? 112 HOH B O   1 
HETATM 1481 O  O   . HOH E 4 .   ? -8.346  7.458   -11.785 1.00 46.72 ? 113 HOH B O   1 
# 
